data_8T6N
#
_entry.id   8T6N
#
_cell.length_a   176.515
_cell.length_b   176.515
_cell.length_c   176.515
_cell.angle_alpha   90.000
_cell.angle_beta   90.000
_cell.angle_gamma   90.000
#
_symmetry.space_group_name_H-M   'P 21 3'
#
loop_
_entity.id
_entity.type
_entity.pdbx_description
1 polymer 'T33-27.1 : B'
2 polymer 'T33-27.1 : A'
#
loop_
_entity_poly.entity_id
_entity_poly.type
_entity_poly.pdbx_seq_one_letter_code
_entity_poly.pdbx_strand_id
1 'polypeptide(L)'
;MSQAIGILELSSIAKGMELGDAMLKAANVDLLVSKTISPGKFLLMLGGDLDDIILAVAVGMERAGDSLLDSEVIPDIHPS
VLPAISGLNSVDKRQAVGIVETWSVAACIKAADRAVKGSNVTLVRVHMAFGIGGKCYMVVAGDVSDVNNAVTVASESAGE
KGLLVYRSVIPRPHEAMWRQMVEG
;
A,B,C,D
2 'polypeptide(L)'
;MTMADETIILNVLGQYTRAHDRRDPDAMAALFAPDASIVVLDAVGGASKPISVLHGRDAIRVAVRQMMAPHGYRAWSQNV
VNAPVIHIHGDTARLDAQFMVFSILAAEVPDGGWPTGTFGAQGRIVPIEAGTYTLFLRTVPDGWVIAHMVIKHRLPMAFG
;
E,F,G,H,I
#
# COMPACT_ATOMS: atom_id res chain seq x y z
N GLN A 3 28.88 22.86 8.58
CA GLN A 3 27.43 23.00 8.68
C GLN A 3 26.76 21.65 8.90
N ALA A 4 25.57 21.66 9.49
CA ALA A 4 24.83 20.44 9.76
C ALA A 4 23.34 20.70 9.53
N ILE A 5 22.60 19.63 9.32
CA ILE A 5 21.18 19.69 9.00
C ILE A 5 20.42 18.93 10.08
N GLY A 6 19.77 19.68 10.97
CA GLY A 6 18.95 19.06 12.00
C GLY A 6 17.55 18.75 11.49
N ILE A 7 17.05 17.56 11.85
CA ILE A 7 15.76 17.08 11.37
C ILE A 7 14.93 16.65 12.57
N LEU A 8 13.69 17.13 12.62
CA LEU A 8 12.71 16.70 13.61
C LEU A 8 11.42 16.29 12.90
N GLU A 9 10.71 15.33 13.49
CA GLU A 9 9.40 14.93 13.00
C GLU A 9 8.44 14.88 14.20
N LEU A 10 7.35 15.65 14.10
CA LEU A 10 6.36 15.72 15.15
C LEU A 10 5.08 15.03 14.72
N SER A 11 4.28 14.64 15.71
CA SER A 11 2.98 14.02 15.49
C SER A 11 1.82 14.99 15.71
N SER A 12 2.04 16.28 15.45
CA SER A 12 1.01 17.29 15.62
C SER A 12 1.42 18.54 14.86
N ILE A 13 0.51 19.06 14.04
CA ILE A 13 0.80 20.27 13.28
C ILE A 13 0.91 21.48 14.20
N ALA A 14 0.01 21.57 15.18
CA ALA A 14 0.08 22.67 16.14
C ALA A 14 1.36 22.61 16.96
N LYS A 15 1.85 21.41 17.25
CA LYS A 15 3.12 21.28 17.96
C LYS A 15 4.31 21.55 17.05
N GLY A 16 4.18 21.29 15.75
CA GLY A 16 5.28 21.54 14.84
C GLY A 16 5.54 23.03 14.64
N MET A 17 4.47 23.80 14.39
CA MET A 17 4.63 25.24 14.25
C MET A 17 4.98 25.91 15.57
N GLU A 18 4.68 25.25 16.70
CA GLU A 18 5.14 25.76 17.99
C GLU A 18 6.66 25.66 18.10
N LEU A 19 7.21 24.50 17.74
CA LEU A 19 8.66 24.35 17.75
C LEU A 19 9.31 25.15 16.63
N GLY A 20 8.61 25.34 15.51
CA GLY A 20 9.15 26.13 14.41
C GLY A 20 9.44 27.57 14.79
N ASP A 21 8.84 28.06 15.88
CA ASP A 21 9.10 29.40 16.39
C ASP A 21 10.02 29.40 17.59
N ALA A 22 9.88 28.42 18.50
CA ALA A 22 10.72 28.37 19.68
C ALA A 22 12.16 28.00 19.33
N MET A 23 12.34 27.09 18.37
CA MET A 23 13.70 26.71 17.97
C MET A 23 14.41 27.85 17.26
N LEU A 24 13.71 28.53 16.34
CA LEU A 24 14.30 29.69 15.69
C LEU A 24 14.55 30.82 16.67
N LYS A 25 13.74 30.91 17.73
CA LYS A 25 13.97 31.89 18.79
C LYS A 25 14.85 31.28 19.88
N ALA A 26 16.03 30.82 19.47
CA ALA A 26 16.95 30.17 20.38
C ALA A 26 18.38 30.22 19.87
N ALA A 27 18.59 29.92 18.59
CA ALA A 27 19.93 29.82 18.03
C ALA A 27 19.95 30.42 16.63
N ASN A 28 21.17 30.70 16.16
CA ASN A 28 21.40 31.27 14.83
C ASN A 28 21.39 30.13 13.81
N VAL A 29 20.18 29.66 13.50
CA VAL A 29 19.99 28.51 12.61
C VAL A 29 18.83 28.82 11.67
N ASP A 30 18.98 28.44 10.40
CA ASP A 30 17.99 28.77 9.38
C ASP A 30 17.03 27.61 9.17
N LEU A 31 15.79 27.97 8.82
CA LEU A 31 14.74 27.01 8.51
C LEU A 31 14.68 26.77 7.01
N LEU A 32 14.47 25.52 6.62
CA LEU A 32 14.45 25.14 5.21
C LEU A 32 13.18 24.42 4.80
N VAL A 33 12.64 23.56 5.66
CA VAL A 33 11.49 22.74 5.33
C VAL A 33 10.48 22.82 6.48
N SER A 34 9.21 23.10 6.14
CA SER A 34 8.12 23.13 7.11
C SER A 34 6.86 22.66 6.37
N LYS A 35 6.70 21.34 6.29
CA LYS A 35 5.60 20.72 5.57
C LYS A 35 4.88 19.74 6.48
N THR A 36 3.74 19.25 5.99
CA THR A 36 2.93 18.28 6.71
C THR A 36 2.96 16.94 5.99
N ILE A 37 2.80 15.87 6.77
CA ILE A 37 2.82 14.51 6.26
C ILE A 37 1.55 13.81 6.71
N SER A 38 1.03 12.93 5.87
CA SER A 38 -0.19 12.21 6.19
C SER A 38 0.04 11.27 7.39
N PRO A 39 -0.92 11.19 8.32
CA PRO A 39 -2.17 11.96 8.31
C PRO A 39 -2.00 13.34 8.93
N GLY A 40 -1.09 13.46 9.89
CA GLY A 40 -0.88 14.73 10.57
C GLY A 40 0.55 14.93 11.06
N LYS A 41 1.47 14.12 10.56
CA LYS A 41 2.87 14.26 10.93
C LYS A 41 3.46 15.53 10.33
N PHE A 42 4.32 16.20 11.08
CA PHE A 42 4.94 17.44 10.65
C PHE A 42 6.45 17.26 10.63
N LEU A 43 7.07 17.52 9.48
CA LEU A 43 8.52 17.44 9.33
C LEU A 43 9.10 18.84 9.43
N LEU A 44 10.16 18.98 10.23
CA LEU A 44 10.83 20.26 10.44
C LEU A 44 12.32 20.06 10.29
N MET A 45 12.93 20.86 9.41
CA MET A 45 14.36 20.74 9.12
C MET A 45 15.04 22.08 9.32
N LEU A 46 16.20 22.05 9.95
CA LEU A 46 17.01 23.23 10.21
C LEU A 46 18.42 23.02 9.66
N GLY A 47 19.13 24.13 9.49
CA GLY A 47 20.48 24.06 8.95
C GLY A 47 21.30 25.25 9.39
N GLY A 48 22.59 25.03 9.57
CA GLY A 48 23.50 26.08 9.98
C GLY A 48 24.67 25.49 10.76
N ASP A 49 25.17 26.30 11.70
CA ASP A 49 26.29 25.87 12.54
C ASP A 49 25.88 24.67 13.39
N LEU A 50 26.84 23.75 13.58
CA LEU A 50 26.55 22.53 14.31
C LEU A 50 26.18 22.82 15.77
N ASP A 51 26.82 23.83 16.37
CA ASP A 51 26.48 24.21 17.74
C ASP A 51 25.05 24.74 17.83
N ASP A 52 24.63 25.51 16.85
CA ASP A 52 23.26 26.02 16.86
C ASP A 52 22.24 24.94 16.49
N ILE A 53 22.66 23.96 15.70
CA ILE A 53 21.76 22.86 15.33
C ILE A 53 21.46 22.00 16.53
N ILE A 54 22.50 21.50 17.21
CA ILE A 54 22.32 20.65 18.37
C ILE A 54 21.58 21.39 19.48
N LEU A 55 21.80 22.70 19.59
CA LEU A 55 21.04 23.49 20.55
C LEU A 55 19.58 23.62 20.13
N ALA A 56 19.33 23.90 18.85
CA ALA A 56 17.95 24.01 18.38
C ALA A 56 17.22 22.69 18.46
N VAL A 57 17.89 21.60 18.10
CA VAL A 57 17.26 20.28 18.21
C VAL A 57 16.93 19.97 19.66
N ALA A 58 17.84 20.31 20.58
CA ALA A 58 17.62 20.01 22.00
C ALA A 58 16.46 20.80 22.57
N VAL A 59 16.29 22.06 22.13
CA VAL A 59 15.17 22.86 22.60
C VAL A 59 13.85 22.27 22.14
N GLY A 60 13.75 21.97 20.83
CA GLY A 60 12.58 21.29 20.33
C GLY A 60 12.46 19.84 20.77
N MET A 61 13.56 19.26 21.25
CA MET A 61 13.51 17.89 21.77
C MET A 61 12.60 17.78 22.98
N GLU A 62 12.81 18.66 23.97
CA GLU A 62 12.01 18.60 25.19
C GLU A 62 10.67 19.30 25.00
N ARG A 63 10.65 20.43 24.29
CA ARG A 63 9.42 21.15 24.06
C ARG A 63 8.41 20.37 23.21
N ALA A 64 8.80 19.24 22.64
CA ALA A 64 7.87 18.45 21.84
C ALA A 64 6.95 17.61 22.70
N GLY A 65 7.42 17.14 23.85
CA GLY A 65 6.60 16.27 24.68
C GLY A 65 6.40 14.92 24.02
N ASP A 66 5.18 14.41 24.10
CA ASP A 66 4.86 13.13 23.48
C ASP A 66 4.72 13.22 21.97
N SER A 67 4.90 14.40 21.38
CA SER A 67 4.67 14.57 19.95
C SER A 67 5.88 14.20 19.10
N LEU A 68 7.07 14.12 19.69
CA LEU A 68 8.27 13.84 18.90
C LEU A 68 8.29 12.38 18.45
N LEU A 69 8.55 12.18 17.17
CA LEU A 69 8.61 10.85 16.57
C LEU A 69 10.02 10.40 16.21
N ASP A 70 10.82 11.28 15.61
CA ASP A 70 12.18 10.93 15.21
C ASP A 70 13.01 12.19 15.12
N SER A 71 14.32 12.02 15.23
CA SER A 71 15.25 13.14 15.19
C SER A 71 16.64 12.63 14.83
N GLU A 72 17.29 13.32 13.90
CA GLU A 72 18.65 12.98 13.49
C GLU A 72 19.47 14.26 13.37
N VAL A 73 20.73 14.20 13.80
CA VAL A 73 21.58 15.38 13.84
C VAL A 73 22.19 15.66 12.46
N ILE A 74 22.70 14.61 11.81
CA ILE A 74 23.36 14.70 10.51
C ILE A 74 24.46 15.75 10.57
N PRO A 75 25.64 15.43 11.11
CA PRO A 75 26.71 16.40 11.23
C PRO A 75 27.65 16.42 10.03
N ASP A 76 28.33 17.56 9.88
CA ASP A 76 29.36 17.76 8.88
C ASP A 76 28.86 17.46 7.46
N ILE A 77 28.11 18.39 6.88
CA ILE A 77 27.57 18.25 5.54
C ILE A 77 28.11 19.39 4.68
N HIS A 78 28.35 19.07 3.41
CA HIS A 78 28.88 20.07 2.49
C HIS A 78 27.92 21.25 2.37
N PRO A 79 28.42 22.48 2.34
CA PRO A 79 27.53 23.65 2.26
C PRO A 79 26.70 23.72 0.99
N SER A 80 27.00 22.90 -0.03
CA SER A 80 26.22 22.90 -1.25
C SER A 80 24.96 22.04 -1.15
N VAL A 81 24.89 21.15 -0.15
CA VAL A 81 23.68 20.38 0.06
C VAL A 81 22.57 21.21 0.71
N LEU A 82 22.94 22.28 1.40
CA LEU A 82 21.95 23.12 2.07
C LEU A 82 20.95 23.74 1.11
N PRO A 83 21.33 24.41 0.01
CA PRO A 83 20.33 25.03 -0.86
C PRO A 83 19.54 24.03 -1.68
N ALA A 84 20.02 22.80 -1.85
CA ALA A 84 19.30 21.82 -2.66
C ALA A 84 17.97 21.44 -2.02
N ILE A 85 17.94 21.38 -0.69
CA ILE A 85 16.70 21.01 0.01
C ILE A 85 15.74 22.18 0.03
N SER A 86 16.19 23.33 0.54
CA SER A 86 15.37 24.52 0.67
C SER A 86 14.80 24.94 -0.69
N GLY A 87 15.66 25.48 -1.55
CA GLY A 87 15.25 25.85 -2.89
C GLY A 87 15.69 24.84 -3.93
N LEU A 88 16.28 25.33 -5.02
CA LEU A 88 16.81 24.48 -6.06
C LEU A 88 18.17 24.99 -6.49
N ASN A 89 18.91 24.15 -7.20
CA ASN A 89 20.22 24.48 -7.71
C ASN A 89 20.21 24.47 -9.24
N SER A 90 21.13 25.23 -9.81
CA SER A 90 21.29 25.33 -11.25
C SER A 90 22.57 24.60 -11.66
N VAL A 91 22.44 23.63 -12.56
CA VAL A 91 23.61 22.92 -13.04
C VAL A 91 24.43 23.83 -13.94
N ASP A 92 25.73 23.53 -14.05
CA ASP A 92 26.59 24.27 -14.97
C ASP A 92 26.10 24.14 -16.41
N LYS A 93 25.63 22.94 -16.76
CA LYS A 93 25.02 22.70 -18.06
C LYS A 93 24.18 21.43 -17.95
N ARG A 94 23.43 21.14 -19.01
CA ARG A 94 22.60 19.94 -19.03
C ARG A 94 23.45 18.69 -18.85
N GLN A 95 24.32 18.41 -19.82
CA GLN A 95 25.26 17.29 -19.77
C GLN A 95 24.54 15.97 -19.51
N ALA A 96 24.79 15.38 -18.34
CA ALA A 96 24.16 14.13 -17.94
C ALA A 96 23.52 14.29 -16.57
N VAL A 97 22.63 13.38 -16.24
CA VAL A 97 21.87 13.42 -15.00
C VAL A 97 21.74 12.01 -14.43
N GLY A 98 21.97 11.88 -13.13
CA GLY A 98 21.79 10.62 -12.45
C GLY A 98 20.94 10.78 -11.21
N ILE A 99 20.20 9.72 -10.89
CA ILE A 99 19.27 9.74 -9.77
C ILE A 99 19.62 8.62 -8.81
N VAL A 100 19.41 8.88 -7.51
CA VAL A 100 19.61 7.90 -6.46
C VAL A 100 18.40 7.96 -5.53
N GLU A 101 17.67 6.87 -5.42
CA GLU A 101 16.45 6.80 -4.61
C GLU A 101 16.69 5.95 -3.38
N THR A 102 16.35 6.50 -2.22
CA THR A 102 16.54 5.83 -0.93
C THR A 102 15.18 5.63 -0.25
N TRP A 103 15.21 5.02 0.93
CA TRP A 103 14.02 4.77 1.72
C TRP A 103 13.94 5.64 2.97
N SER A 104 14.77 6.67 3.07
CA SER A 104 14.76 7.56 4.23
C SER A 104 15.47 8.85 3.87
N VAL A 105 14.95 9.97 4.37
CA VAL A 105 15.56 11.26 4.09
C VAL A 105 16.89 11.41 4.81
N ALA A 106 17.10 10.69 5.91
CA ALA A 106 18.38 10.73 6.59
C ALA A 106 19.47 10.09 5.74
N ALA A 107 19.21 8.89 5.22
CA ALA A 107 20.16 8.24 4.33
C ALA A 107 20.24 8.93 2.97
N CYS A 108 19.25 9.75 2.62
CA CYS A 108 19.31 10.48 1.36
C CYS A 108 20.23 11.68 1.46
N ILE A 109 20.19 12.40 2.59
CA ILE A 109 21.12 13.50 2.80
C ILE A 109 22.54 12.96 3.02
N LYS A 110 22.66 11.84 3.72
CA LYS A 110 23.98 11.23 3.92
C LYS A 110 24.54 10.67 2.63
N ALA A 111 23.67 10.29 1.68
CA ALA A 111 24.14 9.86 0.37
C ALA A 111 24.49 11.04 -0.52
N ALA A 112 23.74 12.13 -0.42
CA ALA A 112 24.03 13.32 -1.23
C ALA A 112 25.33 13.99 -0.81
N ASP A 113 25.75 13.82 0.44
CA ASP A 113 26.99 14.46 0.90
C ASP A 113 28.22 13.70 0.42
N ARG A 114 28.13 12.37 0.40
CA ARG A 114 29.26 11.57 -0.09
C ARG A 114 29.45 11.71 -1.59
N ALA A 115 28.36 11.98 -2.33
CA ALA A 115 28.46 12.12 -3.78
C ALA A 115 29.02 13.48 -4.17
N VAL A 116 28.67 14.53 -3.42
CA VAL A 116 29.18 15.86 -3.74
C VAL A 116 30.64 15.99 -3.32
N LYS A 117 30.99 15.47 -2.14
CA LYS A 117 32.37 15.54 -1.68
C LYS A 117 33.28 14.63 -2.50
N GLY A 118 32.75 13.56 -3.06
CA GLY A 118 33.54 12.58 -3.78
C GLY A 118 33.45 12.66 -5.30
N SER A 119 32.85 13.72 -5.85
CA SER A 119 32.74 13.84 -7.30
C SER A 119 32.51 15.31 -7.64
N ASN A 120 32.81 15.65 -8.90
CA ASN A 120 32.62 17.01 -9.41
C ASN A 120 31.23 17.21 -10.01
N VAL A 121 30.20 16.57 -9.45
CA VAL A 121 28.83 16.72 -9.94
C VAL A 121 28.18 17.90 -9.24
N THR A 122 27.04 18.33 -9.75
CA THR A 122 26.27 19.44 -9.20
C THR A 122 24.97 18.89 -8.64
N LEU A 123 24.83 18.92 -7.31
CA LEU A 123 23.61 18.45 -6.67
C LEU A 123 22.46 19.37 -7.03
N VAL A 124 21.57 18.90 -7.90
CA VAL A 124 20.46 19.73 -8.37
C VAL A 124 19.48 19.98 -7.23
N ARG A 125 18.90 18.91 -6.68
CA ARG A 125 17.96 19.05 -5.59
C ARG A 125 17.81 17.71 -4.88
N VAL A 126 17.23 17.77 -3.67
CA VAL A 126 16.86 16.59 -2.89
C VAL A 126 15.37 16.70 -2.62
N HIS A 127 14.64 15.60 -2.85
CA HIS A 127 13.19 15.61 -2.77
C HIS A 127 12.70 14.62 -1.72
N MET A 128 11.47 14.82 -1.27
CA MET A 128 10.84 13.98 -0.27
C MET A 128 9.41 13.69 -0.71
N ALA A 129 9.06 12.41 -0.80
CA ALA A 129 7.76 12.03 -1.33
C ALA A 129 6.73 11.80 -0.23
N PHE A 130 6.99 10.83 0.66
CA PHE A 130 6.02 10.43 1.67
C PHE A 130 6.53 10.67 3.09
N GLY A 131 7.52 11.55 3.27
CA GLY A 131 7.98 11.93 4.59
C GLY A 131 9.45 11.61 4.79
N ILE A 132 9.82 11.43 6.06
CA ILE A 132 11.21 11.18 6.40
C ILE A 132 11.59 9.72 6.24
N GLY A 133 10.61 8.81 6.18
CA GLY A 133 10.88 7.40 6.01
C GLY A 133 10.32 6.87 4.72
N GLY A 134 9.80 7.75 3.88
CA GLY A 134 9.25 7.38 2.60
C GLY A 134 10.28 7.48 1.49
N LYS A 135 9.77 7.67 0.27
CA LYS A 135 10.65 7.78 -0.89
C LYS A 135 11.33 9.14 -0.92
N CYS A 136 12.64 9.14 -1.09
CA CYS A 136 13.43 10.37 -1.20
C CYS A 136 14.52 10.14 -2.22
N TYR A 137 14.55 10.96 -3.26
CA TYR A 137 15.53 10.83 -4.33
C TYR A 137 16.38 12.10 -4.42
N MET A 138 17.57 11.94 -4.98
CA MET A 138 18.49 13.03 -5.23
C MET A 138 18.85 13.05 -6.71
N VAL A 139 19.06 14.25 -7.23
CA VAL A 139 19.37 14.46 -8.64
C VAL A 139 20.71 15.18 -8.75
N VAL A 140 21.63 14.61 -9.52
CA VAL A 140 22.93 15.20 -9.77
C VAL A 140 23.07 15.47 -11.26
N ALA A 141 23.99 16.37 -11.59
CA ALA A 141 24.26 16.73 -12.97
C ALA A 141 25.76 16.87 -13.17
N GLY A 142 26.17 16.79 -14.42
CA GLY A 142 27.57 16.86 -14.80
C GLY A 142 27.86 15.88 -15.91
N ASP A 143 29.15 15.70 -16.18
CA ASP A 143 29.57 14.80 -17.24
C ASP A 143 29.27 13.35 -16.88
N VAL A 144 29.28 12.49 -17.90
CA VAL A 144 29.23 11.06 -17.64
C VAL A 144 30.48 10.62 -16.90
N SER A 145 30.40 9.46 -16.24
CA SER A 145 31.44 8.94 -15.35
C SER A 145 31.56 9.80 -14.09
N ASP A 146 31.57 11.13 -14.26
CA ASP A 146 31.41 12.01 -13.12
C ASP A 146 30.10 11.71 -12.38
N VAL A 147 29.00 11.62 -13.11
CA VAL A 147 27.72 11.26 -12.51
C VAL A 147 27.71 9.80 -12.12
N ASN A 148 28.28 8.93 -12.97
CA ASN A 148 28.25 7.50 -12.69
C ASN A 148 29.05 7.13 -11.45
N ASN A 149 30.09 7.90 -11.13
CA ASN A 149 30.85 7.65 -9.90
C ASN A 149 30.10 8.15 -8.67
N ALA A 150 29.44 9.31 -8.79
CA ALA A 150 28.68 9.84 -7.67
C ALA A 150 27.46 8.99 -7.36
N VAL A 151 26.95 8.26 -8.35
CA VAL A 151 25.76 7.43 -8.14
C VAL A 151 26.10 6.24 -7.27
N THR A 152 27.14 5.49 -7.64
CA THR A 152 27.42 4.23 -6.94
C THR A 152 27.88 4.49 -5.52
N VAL A 153 28.61 5.58 -5.28
CA VAL A 153 29.08 5.88 -3.92
C VAL A 153 27.90 6.26 -3.04
N ALA A 154 27.03 7.14 -3.53
CA ALA A 154 25.85 7.53 -2.77
C ALA A 154 24.94 6.34 -2.50
N SER A 155 24.77 5.47 -3.49
CA SER A 155 23.94 4.28 -3.30
C SER A 155 24.53 3.37 -2.23
N GLU A 156 25.85 3.15 -2.30
CA GLU A 156 26.53 2.36 -1.28
C GLU A 156 26.40 3.02 0.10
N SER A 157 26.40 4.36 0.13
CA SER A 157 26.21 5.08 1.38
C SER A 157 24.87 4.73 2.02
N ALA A 158 23.84 4.51 1.21
CA ALA A 158 22.56 4.00 1.68
C ALA A 158 22.52 2.48 1.72
N GLY A 159 23.54 1.80 1.18
CA GLY A 159 23.66 0.37 1.29
C GLY A 159 24.17 -0.13 2.62
N GLU A 160 24.53 0.78 3.53
CA GLU A 160 25.00 0.38 4.84
C GLU A 160 23.89 -0.30 5.64
N LYS A 161 22.78 0.41 5.83
CA LYS A 161 21.62 -0.13 6.54
C LYS A 161 20.71 -0.95 5.63
N GLY A 162 21.11 -1.19 4.38
CA GLY A 162 20.29 -1.91 3.42
C GLY A 162 18.99 -1.21 3.08
N LEU A 163 19.10 -0.03 2.45
CA LEU A 163 17.92 0.79 2.15
C LEU A 163 18.28 1.66 0.94
N LEU A 164 18.23 1.04 -0.24
CA LEU A 164 18.47 1.72 -1.52
C LEU A 164 17.44 1.21 -2.50
N VAL A 165 16.51 2.08 -2.89
CA VAL A 165 15.45 1.68 -3.83
C VAL A 165 16.03 1.40 -5.20
N TYR A 166 16.59 2.43 -5.84
CA TYR A 166 17.15 2.27 -7.18
C TYR A 166 18.18 3.35 -7.44
N ARG A 167 19.09 3.07 -8.36
CA ARG A 167 20.14 4.00 -8.75
C ARG A 167 20.36 3.87 -10.26
N SER A 168 20.02 4.92 -11.00
CA SER A 168 20.12 4.90 -12.46
C SER A 168 20.75 6.18 -12.96
N VAL A 169 21.47 6.07 -14.07
CA VAL A 169 22.14 7.18 -14.73
C VAL A 169 21.49 7.37 -16.10
N ILE A 170 21.10 8.61 -16.39
CA ILE A 170 20.42 8.96 -17.64
C ILE A 170 21.34 9.91 -18.41
N PRO A 171 21.98 9.45 -19.49
CA PRO A 171 22.85 10.33 -20.28
C PRO A 171 22.04 11.18 -21.25
N ARG A 172 22.36 12.48 -21.28
CA ARG A 172 21.69 13.48 -22.13
C ARG A 172 20.17 13.38 -21.98
N PRO A 173 19.61 13.96 -20.92
CA PRO A 173 18.18 13.74 -20.64
C PRO A 173 17.29 14.36 -21.71
N HIS A 174 16.15 13.72 -21.94
CA HIS A 174 15.14 14.27 -22.82
C HIS A 174 14.58 15.55 -22.23
N GLU A 175 14.10 16.44 -23.10
CA GLU A 175 13.56 17.72 -22.63
C GLU A 175 12.36 17.53 -21.72
N ALA A 176 11.58 16.48 -21.95
CA ALA A 176 10.39 16.25 -21.13
C ALA A 176 10.75 15.74 -19.75
N MET A 177 11.85 15.01 -19.61
CA MET A 177 12.24 14.46 -18.32
C MET A 177 13.12 15.42 -17.52
N TRP A 178 14.10 16.06 -18.17
CA TRP A 178 14.92 17.05 -17.48
C TRP A 178 14.07 18.20 -16.96
N ARG A 179 13.00 18.55 -17.67
CA ARG A 179 12.08 19.57 -17.19
C ARG A 179 11.34 19.10 -15.94
N GLN A 180 11.15 17.79 -15.80
CA GLN A 180 10.44 17.23 -14.65
C GLN A 180 11.38 16.88 -13.49
N MET A 181 12.64 16.53 -13.80
CA MET A 181 13.59 16.19 -12.73
C MET A 181 13.96 17.40 -11.89
N VAL A 182 13.98 18.59 -12.51
CA VAL A 182 14.38 19.80 -11.78
C VAL A 182 13.25 20.40 -10.95
N GLU A 183 12.01 19.96 -11.16
CA GLU A 183 10.88 20.46 -10.39
C GLU A 183 9.83 19.37 -10.21
N GLN B 3 -27.20 30.80 11.70
CA GLN B 3 -26.25 30.23 10.75
C GLN B 3 -25.79 28.84 11.22
N ALA B 4 -25.78 27.88 10.28
CA ALA B 4 -25.41 26.51 10.59
C ALA B 4 -24.52 25.98 9.48
N ILE B 5 -23.92 24.82 9.74
CA ILE B 5 -23.02 24.16 8.80
C ILE B 5 -23.53 22.75 8.54
N GLY B 6 -23.58 22.37 7.26
CA GLY B 6 -23.97 21.02 6.88
C GLY B 6 -22.87 20.30 6.12
N ILE B 7 -22.46 19.14 6.62
CA ILE B 7 -21.37 18.37 6.05
C ILE B 7 -21.92 17.09 5.44
N LEU B 8 -21.43 16.74 4.25
CA LEU B 8 -21.88 15.55 3.55
C LEU B 8 -20.66 14.86 2.95
N GLU B 9 -20.58 13.55 3.12
CA GLU B 9 -19.46 12.74 2.62
C GLU B 9 -20.02 11.67 1.70
N LEU B 10 -19.54 11.66 0.46
CA LEU B 10 -19.96 10.68 -0.54
C LEU B 10 -18.81 9.76 -0.90
N SER B 11 -19.14 8.54 -1.30
CA SER B 11 -18.15 7.53 -1.65
C SER B 11 -17.86 7.47 -3.14
N SER B 12 -18.29 8.48 -3.90
CA SER B 12 -18.02 8.55 -5.33
C SER B 12 -18.04 10.00 -5.77
N ILE B 13 -17.11 10.34 -6.67
CA ILE B 13 -16.94 11.73 -7.06
C ILE B 13 -18.10 12.20 -7.94
N ALA B 14 -18.54 11.35 -8.87
CA ALA B 14 -19.64 11.72 -9.77
C ALA B 14 -20.91 11.99 -8.99
N LYS B 15 -21.20 11.16 -7.98
CA LYS B 15 -22.37 11.38 -7.15
C LYS B 15 -22.24 12.66 -6.32
N GLY B 16 -21.02 12.97 -5.88
CA GLY B 16 -20.83 14.17 -5.06
C GLY B 16 -21.10 15.45 -5.82
N MET B 17 -20.61 15.54 -7.05
CA MET B 17 -20.86 16.73 -7.86
C MET B 17 -22.30 16.81 -8.35
N GLU B 18 -22.99 15.67 -8.42
CA GLU B 18 -24.42 15.69 -8.73
C GLU B 18 -25.23 16.21 -7.56
N LEU B 19 -24.85 15.83 -6.34
CA LEU B 19 -25.54 16.35 -5.16
C LEU B 19 -25.19 17.80 -4.91
N GLY B 20 -23.94 18.19 -5.16
CA GLY B 20 -23.54 19.58 -5.03
C GLY B 20 -24.37 20.51 -5.88
N ASP B 21 -24.89 20.01 -7.01
CA ASP B 21 -25.79 20.82 -7.82
C ASP B 21 -27.23 20.68 -7.33
N ALA B 22 -27.62 19.48 -6.89
CA ALA B 22 -28.99 19.26 -6.44
C ALA B 22 -29.25 19.96 -5.12
N MET B 23 -28.23 20.12 -4.28
CA MET B 23 -28.41 20.82 -3.00
C MET B 23 -28.40 22.33 -3.19
N LEU B 24 -27.62 22.85 -4.13
CA LEU B 24 -27.63 24.28 -4.41
C LEU B 24 -28.92 24.72 -5.08
N LYS B 25 -29.67 23.79 -5.67
CA LYS B 25 -30.97 24.09 -6.27
C LYS B 25 -32.13 23.72 -5.35
N ALA B 26 -31.84 23.33 -4.11
CA ALA B 26 -32.89 22.95 -3.16
C ALA B 26 -33.15 24.00 -2.11
N ALA B 27 -32.20 24.91 -1.86
CA ALA B 27 -32.38 25.95 -0.86
C ALA B 27 -31.34 27.03 -1.10
N ASN B 28 -31.50 28.16 -0.39
CA ASN B 28 -30.56 29.28 -0.48
C ASN B 28 -29.41 29.00 0.47
N VAL B 29 -28.42 28.26 0.00
CA VAL B 29 -27.25 27.90 0.79
C VAL B 29 -25.99 28.28 0.02
N ASP B 30 -24.91 28.46 0.76
CA ASP B 30 -23.61 28.77 0.19
C ASP B 30 -22.73 27.52 0.24
N LEU B 31 -22.08 27.21 -0.87
CA LEU B 31 -21.20 26.05 -0.94
C LEU B 31 -19.82 26.42 -0.39
N LEU B 32 -19.37 25.65 0.60
CA LEU B 32 -18.09 25.94 1.25
C LEU B 32 -16.96 25.10 0.63
N VAL B 33 -16.92 23.82 0.97
CA VAL B 33 -15.84 22.93 0.53
C VAL B 33 -16.44 21.80 -0.29
N SER B 34 -15.80 21.50 -1.42
CA SER B 34 -16.19 20.38 -2.29
C SER B 34 -14.93 19.74 -2.85
N LYS B 35 -14.08 19.22 -1.96
CA LYS B 35 -12.81 18.62 -2.35
C LYS B 35 -12.89 17.10 -2.36
N THR B 36 -11.90 16.49 -3.00
CA THR B 36 -11.80 15.04 -3.10
C THR B 36 -10.83 14.53 -2.04
N ILE B 37 -11.17 13.39 -1.45
CA ILE B 37 -10.36 12.75 -0.42
C ILE B 37 -10.12 11.31 -0.83
N SER B 38 -8.87 10.86 -0.73
CA SER B 38 -8.55 9.46 -1.00
C SER B 38 -9.19 8.59 0.08
N PRO B 39 -9.64 7.37 -0.27
CA PRO B 39 -9.48 6.65 -1.53
C PRO B 39 -10.63 6.84 -2.54
N GLY B 40 -10.93 8.08 -2.89
CA GLY B 40 -11.97 8.36 -3.86
C GLY B 40 -13.27 8.89 -3.29
N LYS B 41 -13.28 9.34 -2.03
CA LYS B 41 -14.47 9.94 -1.43
C LYS B 41 -14.46 11.45 -1.64
N PHE B 42 -15.61 12.05 -1.36
CA PHE B 42 -15.86 13.48 -1.59
C PHE B 42 -16.37 14.12 -0.31
N LEU B 43 -16.19 15.43 -0.20
CA LEU B 43 -16.59 16.19 0.99
C LEU B 43 -17.41 17.40 0.56
N LEU B 44 -18.70 17.40 0.91
CA LEU B 44 -19.61 18.49 0.63
C LEU B 44 -19.92 19.18 1.95
N MET B 45 -19.49 20.44 2.10
CA MET B 45 -19.84 21.27 3.24
C MET B 45 -20.62 22.48 2.77
N LEU B 46 -21.76 22.74 3.41
CA LEU B 46 -22.60 23.89 3.12
C LEU B 46 -22.76 24.73 4.38
N GLY B 47 -23.20 25.96 4.17
CA GLY B 47 -23.42 26.88 5.29
C GLY B 47 -24.52 27.85 4.97
N GLY B 48 -25.24 28.27 6.00
CA GLY B 48 -26.34 29.21 5.84
C GLY B 48 -27.34 29.03 6.96
N ASP B 49 -28.58 29.39 6.66
CA ASP B 49 -29.66 29.27 7.63
C ASP B 49 -29.88 27.80 7.99
N LEU B 50 -30.29 27.57 9.24
CA LEU B 50 -30.43 26.21 9.73
C LEU B 50 -31.50 25.43 8.97
N ASP B 51 -32.60 26.11 8.62
CA ASP B 51 -33.68 25.42 7.90
C ASP B 51 -33.24 25.08 6.48
N ASP B 52 -32.49 25.97 5.83
CA ASP B 52 -32.02 25.68 4.48
C ASP B 52 -30.92 24.63 4.47
N ILE B 53 -30.15 24.53 5.55
CA ILE B 53 -29.07 23.54 5.61
C ILE B 53 -29.64 22.16 5.81
N ILE B 54 -30.58 22.00 6.76
CA ILE B 54 -31.17 20.70 7.01
C ILE B 54 -31.92 20.20 5.78
N LEU B 55 -32.63 21.11 5.10
CA LEU B 55 -33.31 20.72 3.86
C LEU B 55 -32.30 20.30 2.80
N ALA B 56 -31.18 21.03 2.70
CA ALA B 56 -30.14 20.64 1.75
C ALA B 56 -29.57 19.27 2.08
N VAL B 57 -29.24 19.06 3.36
CA VAL B 57 -28.77 17.75 3.79
C VAL B 57 -29.84 16.70 3.57
N ALA B 58 -31.11 17.07 3.79
CA ALA B 58 -32.21 16.13 3.55
C ALA B 58 -32.27 15.71 2.09
N VAL B 59 -32.23 16.68 1.17
CA VAL B 59 -32.20 16.36 -0.25
C VAL B 59 -30.94 15.59 -0.60
N GLY B 60 -29.80 16.02 -0.04
CA GLY B 60 -28.55 15.32 -0.28
C GLY B 60 -28.49 13.93 0.34
N MET B 61 -29.30 13.68 1.37
CA MET B 61 -29.28 12.37 2.02
C MET B 61 -30.05 11.33 1.20
N GLU B 62 -31.28 11.67 0.80
CA GLU B 62 -32.08 10.73 0.01
C GLU B 62 -31.49 10.54 -1.38
N ARG B 63 -31.01 11.62 -2.00
CA ARG B 63 -30.44 11.56 -3.34
C ARG B 63 -29.05 10.96 -3.37
N ALA B 64 -28.53 10.49 -2.23
CA ALA B 64 -27.19 9.92 -2.18
C ALA B 64 -27.16 8.43 -2.45
N GLY B 65 -28.24 7.72 -2.13
CA GLY B 65 -28.23 6.28 -2.28
C GLY B 65 -27.21 5.63 -1.37
N ASP B 66 -26.62 4.54 -1.85
CA ASP B 66 -25.58 3.86 -1.08
C ASP B 66 -24.27 4.63 -1.06
N SER B 67 -24.18 5.75 -1.77
CA SER B 67 -22.93 6.50 -1.80
C SER B 67 -22.70 7.31 -0.53
N LEU B 68 -23.72 7.47 0.30
CA LEU B 68 -23.58 8.28 1.51
C LEU B 68 -22.71 7.57 2.53
N LEU B 69 -21.81 8.33 3.14
CA LEU B 69 -20.92 7.82 4.17
C LEU B 69 -21.10 8.51 5.51
N ASP B 70 -21.34 9.82 5.52
CA ASP B 70 -21.50 10.55 6.77
C ASP B 70 -22.19 11.88 6.49
N SER B 71 -23.19 12.22 7.31
CA SER B 71 -23.90 13.48 7.19
C SER B 71 -24.11 14.05 8.59
N GLU B 72 -23.83 15.34 8.75
CA GLU B 72 -23.94 15.98 10.05
C GLU B 72 -24.26 17.45 9.87
N VAL B 73 -25.13 17.97 10.73
CA VAL B 73 -25.54 19.37 10.71
C VAL B 73 -25.06 20.02 12.00
N ILE B 74 -24.27 21.07 11.88
CA ILE B 74 -23.73 21.79 13.03
C ILE B 74 -24.50 23.10 13.20
N PRO B 75 -25.42 23.18 14.16
CA PRO B 75 -26.28 24.35 14.28
C PRO B 75 -25.69 25.44 15.17
N ASP B 76 -26.23 26.64 15.00
CA ASP B 76 -25.89 27.82 15.81
C ASP B 76 -24.39 28.07 15.83
N ILE B 77 -23.89 28.51 14.68
CA ILE B 77 -22.48 28.82 14.47
C ILE B 77 -22.36 30.31 14.15
N HIS B 78 -21.37 30.96 14.73
CA HIS B 78 -21.16 32.38 14.50
C HIS B 78 -20.88 32.62 13.02
N PRO B 79 -21.49 33.66 12.42
CA PRO B 79 -21.28 33.90 10.99
C PRO B 79 -19.83 34.16 10.60
N SER B 80 -18.97 34.53 11.55
CA SER B 80 -17.56 34.75 11.26
C SER B 80 -16.80 33.45 11.01
N VAL B 81 -17.39 32.30 11.30
CA VAL B 81 -16.70 31.04 11.08
C VAL B 81 -16.77 30.63 9.60
N LEU B 82 -17.84 31.02 8.91
CA LEU B 82 -17.99 30.63 7.51
C LEU B 82 -16.87 31.15 6.60
N PRO B 83 -16.45 32.42 6.66
CA PRO B 83 -15.35 32.85 5.79
C PRO B 83 -14.03 32.18 6.11
N ALA B 84 -13.83 31.69 7.33
CA ALA B 84 -12.60 30.97 7.64
C ALA B 84 -12.50 29.69 6.83
N ILE B 85 -13.62 29.04 6.56
CA ILE B 85 -13.65 27.87 5.71
C ILE B 85 -13.73 28.33 4.26
N SER B 86 -12.90 27.73 3.40
CA SER B 86 -12.79 28.11 1.98
C SER B 86 -12.49 29.60 1.84
N GLY B 87 -11.54 30.07 2.65
CA GLY B 87 -11.17 31.47 2.63
C GLY B 87 -10.19 31.77 3.75
N LEU B 88 -9.92 33.06 3.92
CA LEU B 88 -8.99 33.53 4.94
C LEU B 88 -9.47 34.85 5.51
N ASN B 89 -9.17 35.06 6.79
CA ASN B 89 -9.47 36.31 7.48
C ASN B 89 -8.23 37.18 7.63
N SER B 90 -7.28 37.08 6.69
CA SER B 90 -6.03 37.82 6.76
C SER B 90 -6.18 39.30 6.43
N VAL B 91 -7.39 39.76 6.13
CA VAL B 91 -7.60 41.17 5.82
C VAL B 91 -7.45 42.04 7.06
N ASP B 92 -7.62 41.46 8.25
CA ASP B 92 -7.54 42.21 9.50
C ASP B 92 -6.10 42.45 9.92
N LYS B 93 -5.89 42.69 11.22
CA LYS B 93 -4.57 43.02 11.74
C LYS B 93 -3.70 41.76 11.81
N ARG B 94 -2.51 41.90 12.39
CA ARG B 94 -1.52 40.84 12.47
C ARG B 94 -1.42 40.35 13.92
N GLN B 95 -0.23 39.93 14.34
CA GLN B 95 0.02 39.40 15.67
C GLN B 95 -0.84 38.16 15.93
N ALA B 96 -0.70 37.18 15.03
CA ALA B 96 -1.44 35.93 15.15
C ALA B 96 -0.89 35.09 16.30
N VAL B 97 -1.78 34.62 17.17
CA VAL B 97 -1.39 33.92 18.39
C VAL B 97 -2.38 32.78 18.63
N GLY B 98 -1.87 31.55 18.74
CA GLY B 98 -2.68 30.43 19.16
C GLY B 98 -3.08 29.46 18.06
N ILE B 99 -2.88 28.17 18.32
CA ILE B 99 -3.31 27.10 17.42
C ILE B 99 -3.96 26.01 18.26
N VAL B 100 -5.04 25.43 17.73
CA VAL B 100 -5.74 24.31 18.36
C VAL B 100 -5.95 23.24 17.29
N GLU B 101 -5.56 22.01 17.58
CA GLU B 101 -5.64 20.90 16.64
C GLU B 101 -6.51 19.81 17.23
N THR B 102 -7.72 19.67 16.71
CA THR B 102 -8.65 18.64 17.15
C THR B 102 -8.39 17.35 16.37
N TRP B 103 -9.25 16.35 16.56
CA TRP B 103 -9.14 15.07 15.85
C TRP B 103 -10.23 14.87 14.80
N SER B 104 -11.25 15.72 14.79
CA SER B 104 -12.30 15.65 13.78
C SER B 104 -12.74 17.07 13.43
N VAL B 105 -13.33 17.21 12.24
CA VAL B 105 -13.73 18.54 11.78
C VAL B 105 -14.99 19.01 12.48
N ALA B 106 -15.87 18.07 12.87
CA ALA B 106 -17.09 18.46 13.59
C ALA B 106 -16.75 19.10 14.92
N ALA B 107 -15.75 18.55 15.62
CA ALA B 107 -15.30 19.18 16.86
C ALA B 107 -14.53 20.47 16.59
N CYS B 108 -13.80 20.53 15.48
CA CYS B 108 -13.04 21.73 15.16
C CYS B 108 -13.95 22.92 14.87
N ILE B 109 -15.14 22.67 14.32
CA ILE B 109 -16.10 23.74 14.11
C ILE B 109 -16.79 24.12 15.41
N LYS B 110 -17.13 23.12 16.23
CA LYS B 110 -17.73 23.40 17.52
C LYS B 110 -16.75 24.10 18.45
N ALA B 111 -15.47 23.70 18.41
CA ALA B 111 -14.47 24.37 19.23
C ALA B 111 -14.17 25.77 18.72
N ALA B 112 -14.32 26.00 17.40
CA ALA B 112 -14.10 27.33 16.86
C ALA B 112 -15.23 28.28 17.24
N ASP B 113 -16.45 27.77 17.36
CA ASP B 113 -17.58 28.63 17.75
C ASP B 113 -17.48 29.04 19.21
N ARG B 114 -17.02 28.15 20.07
CA ARG B 114 -16.87 28.49 21.48
C ARG B 114 -15.72 29.47 21.70
N ALA B 115 -14.73 29.48 20.80
CA ALA B 115 -13.62 30.42 20.90
C ALA B 115 -14.03 31.83 20.51
N VAL B 116 -14.99 31.97 19.60
CA VAL B 116 -15.47 33.30 19.22
C VAL B 116 -16.28 33.91 20.35
N LYS B 117 -17.07 33.09 21.06
CA LYS B 117 -17.86 33.57 22.19
C LYS B 117 -17.01 33.86 23.42
N GLY B 118 -15.76 33.43 23.46
CA GLY B 118 -14.91 33.67 24.61
C GLY B 118 -14.40 35.09 24.69
N SER B 119 -13.79 35.57 23.61
CA SER B 119 -13.23 36.91 23.57
C SER B 119 -13.33 37.44 22.14
N ASN B 120 -12.61 38.52 21.86
CA ASN B 120 -12.59 39.14 20.54
C ASN B 120 -11.51 38.56 19.63
N VAL B 121 -10.96 37.39 19.99
CA VAL B 121 -9.92 36.80 19.16
C VAL B 121 -10.49 36.40 17.81
N THR B 122 -9.72 36.66 16.75
CA THR B 122 -10.17 36.47 15.39
C THR B 122 -9.64 35.15 14.85
N LEU B 123 -10.53 34.34 14.28
CA LEU B 123 -10.15 33.08 13.66
C LEU B 123 -9.63 33.34 12.25
N VAL B 124 -8.36 33.03 12.01
CA VAL B 124 -7.78 33.26 10.70
C VAL B 124 -8.31 32.24 9.69
N ARG B 125 -8.23 30.96 10.05
CA ARG B 125 -8.68 29.90 9.15
C ARG B 125 -8.94 28.64 9.96
N VAL B 126 -9.63 27.70 9.33
CA VAL B 126 -9.89 26.37 9.89
C VAL B 126 -9.51 25.36 8.81
N HIS B 127 -8.27 24.88 8.86
CA HIS B 127 -7.76 23.99 7.83
C HIS B 127 -8.30 22.58 8.06
N MET B 128 -7.83 21.64 7.24
CA MET B 128 -8.34 20.28 7.25
C MET B 128 -7.33 19.36 6.56
N ALA B 129 -7.66 18.07 6.50
CA ALA B 129 -6.82 17.08 5.85
C ALA B 129 -7.70 15.93 5.35
N PHE B 130 -8.03 14.99 6.22
CA PHE B 130 -8.99 13.94 5.90
C PHE B 130 -10.43 14.38 6.19
N GLY B 131 -10.64 15.68 6.38
CA GLY B 131 -11.99 16.20 6.57
C GLY B 131 -12.63 15.70 7.85
N ILE B 132 -13.71 14.93 7.69
CA ILE B 132 -14.53 14.48 8.82
C ILE B 132 -13.68 13.73 9.83
N GLY B 133 -12.84 12.81 9.34
CA GLY B 133 -11.94 12.08 10.21
C GLY B 133 -10.58 12.72 10.42
N GLY B 134 -10.24 13.75 9.64
CA GLY B 134 -8.93 14.36 9.75
C GLY B 134 -8.77 15.20 11.00
N LYS B 135 -7.50 15.45 11.34
CA LYS B 135 -7.18 16.24 12.53
C LYS B 135 -7.10 17.73 12.18
N CYS B 136 -8.25 18.23 11.70
CA CYS B 136 -8.36 19.62 11.26
C CYS B 136 -8.04 20.55 12.42
N TYR B 137 -7.34 21.65 12.11
CA TYR B 137 -6.88 22.59 13.12
C TYR B 137 -7.45 23.98 12.85
N MET B 138 -7.31 24.83 13.86
CA MET B 138 -7.83 26.19 13.83
C MET B 138 -6.72 27.15 14.25
N VAL B 139 -6.58 28.26 13.51
CA VAL B 139 -5.59 29.28 13.77
C VAL B 139 -6.31 30.51 14.30
N VAL B 140 -5.78 31.08 15.38
CA VAL B 140 -6.37 32.23 16.04
C VAL B 140 -5.38 33.39 15.99
N ALA B 141 -5.92 34.61 16.01
CA ALA B 141 -5.12 35.83 16.05
C ALA B 141 -5.65 36.72 17.16
N GLY B 142 -4.81 36.98 18.15
CA GLY B 142 -5.22 37.83 19.26
C GLY B 142 -4.07 38.05 20.21
N ASP B 143 -4.39 38.58 21.38
CA ASP B 143 -3.41 38.83 22.43
C ASP B 143 -3.39 37.66 23.42
N VAL B 144 -2.29 37.57 24.17
CA VAL B 144 -2.02 36.38 24.97
C VAL B 144 -3.10 36.19 26.04
N SER B 145 -3.62 37.28 26.58
CA SER B 145 -4.61 37.18 27.66
C SER B 145 -5.90 36.53 27.16
N ASP B 146 -6.32 36.85 25.94
CA ASP B 146 -7.56 36.33 25.40
C ASP B 146 -7.39 35.04 24.61
N VAL B 147 -6.16 34.73 24.17
CA VAL B 147 -5.95 33.51 23.40
C VAL B 147 -5.95 32.28 24.29
N ASN B 148 -5.32 32.37 25.46
CA ASN B 148 -5.25 31.22 26.36
C ASN B 148 -6.64 30.73 26.76
N ASN B 149 -7.57 31.66 26.99
CA ASN B 149 -8.94 31.27 27.29
C ASN B 149 -9.63 30.69 26.07
N ALA B 150 -9.34 31.24 24.88
CA ALA B 150 -9.93 30.71 23.66
C ALA B 150 -9.35 29.35 23.31
N VAL B 151 -8.07 29.13 23.62
CA VAL B 151 -7.45 27.83 23.36
C VAL B 151 -7.96 26.79 24.36
N THR B 152 -8.19 27.22 25.61
CA THR B 152 -8.64 26.29 26.63
C THR B 152 -10.06 25.79 26.35
N VAL B 153 -10.97 26.72 26.02
CA VAL B 153 -12.35 26.33 25.76
C VAL B 153 -12.45 25.44 24.52
N ALA B 154 -11.53 25.62 23.56
CA ALA B 154 -11.51 24.73 22.41
C ALA B 154 -10.96 23.36 22.76
N SER B 155 -10.02 23.30 23.71
CA SER B 155 -9.52 22.00 24.17
C SER B 155 -10.56 21.27 25.01
N GLU B 156 -11.28 22.01 25.86
CA GLU B 156 -12.38 21.41 26.62
C GLU B 156 -13.51 20.98 25.69
N SER B 157 -13.74 21.72 24.60
CA SER B 157 -14.76 21.33 23.64
C SER B 157 -14.40 20.03 22.95
N ALA B 158 -13.17 19.92 22.46
CA ALA B 158 -12.71 18.66 21.90
C ALA B 158 -12.61 17.59 22.98
N GLY B 159 -11.99 17.93 24.11
CA GLY B 159 -11.84 17.00 25.22
C GLY B 159 -13.15 16.53 25.82
N GLU B 160 -14.27 17.17 25.48
CA GLU B 160 -15.57 16.69 25.95
C GLU B 160 -15.89 15.31 25.39
N LYS B 161 -15.41 15.00 24.19
CA LYS B 161 -15.56 13.68 23.59
C LYS B 161 -14.24 12.98 23.39
N GLY B 162 -13.26 13.64 22.78
CA GLY B 162 -11.94 13.08 22.59
C GLY B 162 -10.87 14.15 22.64
N LEU B 163 -9.87 13.95 23.51
CA LEU B 163 -8.85 14.97 23.74
C LEU B 163 -8.20 15.40 22.42
N LEU B 164 -8.04 16.70 22.26
CA LEU B 164 -7.43 17.25 21.06
C LEU B 164 -5.98 16.76 20.92
N VAL B 165 -5.48 16.83 19.69
CA VAL B 165 -4.11 16.37 19.42
C VAL B 165 -3.11 17.18 20.24
N TYR B 166 -3.15 18.50 20.10
CA TYR B 166 -2.26 19.37 20.85
C TYR B 166 -2.79 20.81 20.75
N ARG B 167 -2.34 21.63 21.69
CA ARG B 167 -2.65 23.06 21.70
C ARG B 167 -1.34 23.84 21.74
N SER B 168 -1.42 25.14 21.53
CA SER B 168 -0.24 25.98 21.48
C SER B 168 -0.60 27.40 21.87
N VAL B 169 0.42 28.24 22.00
CA VAL B 169 0.24 29.65 22.33
C VAL B 169 0.83 30.51 21.22
N ILE B 170 2.15 30.45 21.06
CA ILE B 170 2.89 31.22 20.06
C ILE B 170 2.58 32.70 20.23
N PRO B 171 3.24 33.39 21.17
CA PRO B 171 2.94 34.82 21.35
C PRO B 171 3.51 35.70 20.25
N ARG B 172 4.75 35.47 19.83
CA ARG B 172 5.37 36.27 18.79
C ARG B 172 5.57 35.43 17.54
N PRO B 173 4.91 35.76 16.43
CA PRO B 173 5.08 34.98 15.21
C PRO B 173 6.27 35.41 14.38
N HIS B 174 7.40 34.71 14.54
CA HIS B 174 8.50 34.86 13.60
C HIS B 174 7.99 34.71 12.18
N GLU B 175 8.33 35.68 11.33
CA GLU B 175 7.74 35.79 9.99
C GLU B 175 7.75 34.47 9.21
N ALA B 176 8.63 33.54 9.57
CA ALA B 176 8.57 32.20 8.99
C ALA B 176 7.24 31.53 9.35
N MET B 177 6.98 31.35 10.64
CA MET B 177 5.80 30.61 11.07
C MET B 177 4.51 31.38 10.80
N TRP B 178 4.56 32.71 10.76
CA TRP B 178 3.35 33.49 10.54
C TRP B 178 2.77 33.22 9.16
N ARG B 179 3.63 33.12 8.14
CA ARG B 179 3.16 32.87 6.78
C ARG B 179 2.44 31.53 6.70
N GLN B 180 3.05 30.48 7.26
CA GLN B 180 2.47 29.14 7.16
C GLN B 180 1.09 29.07 7.81
N MET B 181 0.91 29.78 8.94
CA MET B 181 -0.39 29.77 9.60
C MET B 181 -1.45 30.43 8.73
N VAL B 182 -1.08 31.48 8.00
CA VAL B 182 -2.03 32.22 7.17
C VAL B 182 -1.85 31.82 5.71
N GLU B 183 -1.35 30.61 5.47
CA GLU B 183 -1.13 30.13 4.12
C GLU B 183 -2.16 29.07 3.74
N GLN C 3 48.93 -13.30 7.59
CA GLN C 3 48.36 -14.15 8.65
C GLN C 3 46.86 -13.92 8.79
N ALA C 4 46.08 -14.94 8.45
CA ALA C 4 44.63 -14.87 8.51
C ALA C 4 44.08 -16.12 9.20
N ILE C 5 42.79 -16.10 9.49
CA ILE C 5 42.10 -17.19 10.16
C ILE C 5 40.93 -17.64 9.32
N GLY C 6 40.82 -18.94 9.08
CA GLY C 6 39.71 -19.53 8.36
C GLY C 6 38.84 -20.34 9.31
N ILE C 7 37.53 -20.24 9.13
CA ILE C 7 36.57 -20.92 9.99
C ILE C 7 35.53 -21.61 9.11
N LEU C 8 35.37 -22.92 9.29
CA LEU C 8 34.36 -23.70 8.59
C LEU C 8 33.57 -24.53 9.59
N GLU C 9 32.25 -24.54 9.42
CA GLU C 9 31.35 -25.29 10.29
C GLU C 9 30.57 -26.27 9.42
N LEU C 10 30.83 -27.57 9.60
CA LEU C 10 30.18 -28.62 8.85
C LEU C 10 29.04 -29.22 9.68
N SER C 11 28.00 -29.67 8.97
CA SER C 11 26.87 -30.33 9.61
C SER C 11 27.09 -31.81 9.85
N SER C 12 28.20 -32.36 9.36
CA SER C 12 28.51 -33.78 9.50
C SER C 12 29.95 -33.93 9.98
N ILE C 13 30.15 -34.84 10.94
CA ILE C 13 31.49 -35.09 11.44
C ILE C 13 32.33 -35.82 10.40
N ALA C 14 31.72 -36.77 9.68
CA ALA C 14 32.44 -37.50 8.65
C ALA C 14 32.90 -36.58 7.53
N LYS C 15 32.02 -35.66 7.11
CA LYS C 15 32.41 -34.67 6.11
C LYS C 15 33.49 -33.74 6.66
N GLY C 16 33.37 -33.33 7.92
CA GLY C 16 34.40 -32.49 8.50
C GLY C 16 35.74 -33.19 8.59
N MET C 17 35.72 -34.51 8.79
CA MET C 17 36.96 -35.28 8.77
C MET C 17 37.51 -35.42 7.35
N GLU C 18 36.62 -35.61 6.36
CA GLU C 18 37.08 -35.72 4.98
C GLU C 18 37.63 -34.40 4.48
N LEU C 19 37.06 -33.27 4.92
CA LEU C 19 37.55 -31.97 4.49
C LEU C 19 38.88 -31.62 5.16
N GLY C 20 39.11 -32.16 6.36
CA GLY C 20 40.37 -31.89 7.04
C GLY C 20 41.58 -32.41 6.30
N ASP C 21 41.40 -33.47 5.50
CA ASP C 21 42.46 -34.01 4.66
C ASP C 21 42.57 -33.27 3.33
N ALA C 22 41.44 -32.88 2.74
CA ALA C 22 41.47 -32.20 1.44
C ALA C 22 41.96 -30.76 1.58
N MET C 23 41.62 -30.09 2.69
CA MET C 23 42.03 -28.70 2.86
C MET C 23 43.49 -28.59 3.27
N LEU C 24 43.97 -29.51 4.11
CA LEU C 24 45.38 -29.50 4.49
C LEU C 24 46.28 -29.92 3.33
N LYS C 25 45.75 -30.64 2.35
CA LYS C 25 46.51 -31.01 1.16
C LYS C 25 46.44 -29.96 0.05
N ALA C 26 45.59 -28.94 0.21
CA ALA C 26 45.47 -27.91 -0.81
C ALA C 26 46.56 -26.85 -0.68
N ALA C 27 46.72 -26.29 0.53
CA ALA C 27 47.71 -25.26 0.77
C ALA C 27 48.42 -25.55 2.08
N ASN C 28 49.44 -24.74 2.37
CA ASN C 28 50.23 -24.90 3.59
C ASN C 28 49.53 -24.16 4.72
N VAL C 29 48.73 -24.89 5.49
CA VAL C 29 47.99 -24.33 6.62
C VAL C 29 48.07 -25.31 7.79
N ASP C 30 47.75 -24.81 8.98
CA ASP C 30 47.77 -25.60 10.20
C ASP C 30 46.37 -25.71 10.78
N LEU C 31 46.04 -26.89 11.29
CA LEU C 31 44.72 -27.15 11.86
C LEU C 31 44.70 -26.66 13.30
N LEU C 32 44.20 -25.44 13.51
CA LEU C 32 44.23 -24.83 14.83
C LEU C 32 43.22 -25.49 15.76
N VAL C 33 42.01 -25.76 15.27
CA VAL C 33 40.95 -26.37 16.06
C VAL C 33 40.25 -27.41 15.20
N SER C 34 40.10 -28.63 15.75
CA SER C 34 39.43 -29.72 15.07
C SER C 34 38.66 -30.55 16.11
N LYS C 35 37.56 -29.99 16.60
CA LYS C 35 36.75 -30.62 17.62
C LYS C 35 35.31 -30.72 17.15
N THR C 36 34.58 -31.64 17.76
CA THR C 36 33.17 -31.85 17.45
C THR C 36 32.34 -30.91 18.33
N ILE C 37 31.80 -29.85 17.73
CA ILE C 37 30.94 -28.92 18.44
C ILE C 37 29.53 -29.51 18.51
N SER C 38 29.04 -29.73 19.73
CA SER C 38 27.74 -30.34 19.90
C SER C 38 26.65 -29.40 19.39
N PRO C 39 25.56 -29.94 18.83
CA PRO C 39 25.39 -31.38 18.57
C PRO C 39 25.60 -31.74 17.09
N GLY C 40 26.37 -32.80 16.85
CA GLY C 40 26.56 -33.30 15.50
C GLY C 40 27.12 -32.29 14.53
N LYS C 41 28.02 -31.42 14.99
CA LYS C 41 28.65 -30.42 14.14
C LYS C 41 30.15 -30.46 14.36
N PHE C 42 30.91 -30.27 13.29
CA PHE C 42 32.36 -30.28 13.35
C PHE C 42 32.89 -28.89 12.99
N LEU C 43 33.79 -28.37 13.83
CA LEU C 43 34.34 -27.04 13.67
C LEU C 43 35.77 -27.15 13.16
N LEU C 44 36.02 -26.59 11.97
CA LEU C 44 37.34 -26.58 11.37
C LEU C 44 37.89 -25.16 11.39
N MET C 45 39.08 -24.99 11.96
CA MET C 45 39.74 -23.69 12.06
C MET C 45 41.15 -23.83 11.55
N LEU C 46 41.49 -23.03 10.53
CA LEU C 46 42.83 -23.05 9.94
C LEU C 46 43.50 -21.70 10.10
N GLY C 47 44.83 -21.71 10.09
CA GLY C 47 45.60 -20.49 10.17
C GLY C 47 46.71 -20.49 9.12
N GLY C 48 47.28 -19.31 8.92
CA GLY C 48 48.34 -19.13 7.97
C GLY C 48 48.13 -17.87 7.16
N ASP C 49 48.86 -17.76 6.05
CA ASP C 49 48.79 -16.59 5.20
C ASP C 49 47.41 -16.47 4.56
N LEU C 50 47.02 -15.24 4.25
CA LEU C 50 45.68 -14.98 3.71
C LEU C 50 45.48 -15.70 2.39
N ASP C 51 46.53 -15.77 1.56
CA ASP C 51 46.40 -16.42 0.25
C ASP C 51 46.15 -17.91 0.42
N ASP C 52 46.93 -18.58 1.29
CA ASP C 52 46.74 -20.01 1.51
C ASP C 52 45.45 -20.30 2.28
N ILE C 53 45.00 -19.36 3.10
CA ILE C 53 43.77 -19.56 3.86
C ILE C 53 42.56 -19.57 2.93
N ILE C 54 42.47 -18.57 2.05
CA ILE C 54 41.34 -18.50 1.12
C ILE C 54 41.34 -19.69 0.17
N LEU C 55 42.52 -20.17 -0.22
CA LEU C 55 42.59 -21.34 -1.09
C LEU C 55 42.09 -22.59 -0.37
N ALA C 56 42.47 -22.77 0.89
CA ALA C 56 42.01 -23.94 1.65
C ALA C 56 40.51 -23.85 1.92
N VAL C 57 39.99 -22.65 2.16
CA VAL C 57 38.56 -22.49 2.39
C VAL C 57 37.78 -22.77 1.12
N ALA C 58 38.29 -22.33 -0.04
CA ALA C 58 37.56 -22.50 -1.29
C ALA C 58 37.47 -23.96 -1.69
N VAL C 59 38.53 -24.74 -1.42
CA VAL C 59 38.52 -26.15 -1.79
C VAL C 59 37.49 -26.91 -0.97
N GLY C 60 37.51 -26.73 0.35
CA GLY C 60 36.54 -27.40 1.20
C GLY C 60 35.12 -26.89 1.04
N MET C 61 34.94 -25.72 0.45
CA MET C 61 33.60 -25.17 0.27
C MET C 61 32.85 -25.86 -0.86
N GLU C 62 33.54 -26.17 -1.96
CA GLU C 62 32.91 -26.92 -3.04
C GLU C 62 32.74 -28.39 -2.66
N ARG C 63 33.73 -28.96 -1.97
CA ARG C 63 33.65 -30.34 -1.50
C ARG C 63 32.69 -30.50 -0.32
N ALA C 64 32.11 -29.41 0.18
CA ALA C 64 31.22 -29.51 1.33
C ALA C 64 29.91 -30.17 0.96
N GLY C 65 29.28 -29.72 -0.12
CA GLY C 65 27.99 -30.28 -0.51
C GLY C 65 26.89 -29.72 0.36
N ASP C 66 26.04 -30.62 0.87
CA ASP C 66 24.96 -30.18 1.76
C ASP C 66 25.47 -29.80 3.14
N SER C 67 26.62 -30.31 3.56
CA SER C 67 27.18 -30.03 4.88
C SER C 67 28.01 -28.77 4.79
N LEU C 68 27.37 -27.62 5.02
CA LEU C 68 28.05 -26.34 4.99
C LEU C 68 27.24 -25.31 5.77
N LEU C 69 27.32 -25.36 7.10
CA LEU C 69 26.49 -24.49 7.93
C LEU C 69 26.97 -23.04 7.88
N ASP C 70 28.29 -22.83 7.94
CA ASP C 70 28.82 -21.48 7.94
C ASP C 70 30.29 -21.52 7.54
N SER C 71 30.75 -20.42 6.96
CA SER C 71 32.14 -20.26 6.56
C SER C 71 32.51 -18.78 6.64
N GLU C 72 33.71 -18.49 7.13
CA GLU C 72 34.14 -17.12 7.32
C GLU C 72 35.65 -17.08 7.41
N VAL C 73 36.25 -16.09 6.74
CA VAL C 73 37.69 -15.87 6.74
C VAL C 73 37.97 -14.57 7.48
N ILE C 74 38.92 -14.62 8.41
CA ILE C 74 39.30 -13.44 9.19
C ILE C 74 40.68 -12.98 8.75
N PRO C 75 40.79 -11.99 7.86
CA PRO C 75 42.09 -11.54 7.40
C PRO C 75 42.71 -10.49 8.30
N ASP C 76 44.04 -10.36 8.18
CA ASP C 76 44.83 -9.35 8.88
C ASP C 76 44.62 -9.45 10.40
N ILE C 77 45.12 -10.56 10.95
CA ILE C 77 45.04 -10.83 12.38
C ILE C 77 46.45 -10.86 12.95
N HIS C 78 46.57 -10.54 14.23
CA HIS C 78 47.87 -10.48 14.87
C HIS C 78 48.42 -11.89 15.05
N PRO C 79 49.73 -12.10 14.83
CA PRO C 79 50.31 -13.43 15.01
C PRO C 79 50.31 -13.93 16.44
N SER C 80 49.95 -13.08 17.42
CA SER C 80 49.87 -13.52 18.80
C SER C 80 48.55 -14.22 19.13
N VAL C 81 47.52 -14.00 18.31
CA VAL C 81 46.27 -14.74 18.47
C VAL C 81 46.40 -16.16 17.96
N LEU C 82 47.41 -16.44 17.12
CA LEU C 82 47.61 -17.78 16.61
C LEU C 82 47.91 -18.81 17.71
N PRO C 83 48.88 -18.59 18.60
CA PRO C 83 49.11 -19.60 19.65
C PRO C 83 48.06 -19.59 20.75
N ALA C 84 47.32 -18.49 20.92
CA ALA C 84 46.30 -18.45 21.96
C ALA C 84 45.15 -19.38 21.63
N ILE C 85 44.84 -19.59 20.35
CA ILE C 85 43.79 -20.53 19.98
C ILE C 85 44.30 -21.97 20.09
N SER C 86 45.38 -22.28 19.37
CA SER C 86 45.97 -23.63 19.38
C SER C 86 46.65 -23.85 20.73
N GLY C 87 45.86 -24.25 21.71
CA GLY C 87 46.38 -24.54 23.03
C GLY C 87 46.43 -23.33 23.95
N LEU C 88 47.38 -23.32 24.86
CA LEU C 88 47.54 -22.25 25.84
C LEU C 88 48.83 -21.48 25.60
N ASN C 89 48.84 -20.23 26.06
CA ASN C 89 50.02 -19.39 26.03
C ASN C 89 50.63 -19.31 27.42
N SER C 90 51.95 -19.45 27.48
CA SER C 90 52.65 -19.28 28.75
C SER C 90 52.41 -17.88 29.29
N VAL C 91 51.91 -17.81 30.52
CA VAL C 91 51.51 -16.53 31.09
C VAL C 91 52.71 -15.59 31.18
N ASP C 92 52.62 -14.47 30.47
CA ASP C 92 53.65 -13.44 30.53
C ASP C 92 53.47 -12.50 31.72
N LYS C 93 52.23 -12.31 32.18
CA LYS C 93 51.93 -11.49 33.33
C LYS C 93 50.98 -12.24 34.27
N ARG C 94 51.04 -11.88 35.55
CA ARG C 94 50.13 -12.43 36.55
C ARG C 94 49.57 -11.34 37.44
N GLN C 95 49.45 -10.12 36.90
CA GLN C 95 48.94 -8.98 37.66
C GLN C 95 47.42 -8.98 37.68
N ALA C 96 46.80 -8.40 36.65
CA ALA C 96 45.35 -8.35 36.53
C ALA C 96 44.88 -9.23 35.38
N VAL C 97 43.68 -9.78 35.53
CA VAL C 97 43.09 -10.67 34.54
C VAL C 97 41.73 -10.13 34.12
N GLY C 98 41.46 -10.14 32.83
CA GLY C 98 40.18 -9.71 32.31
C GLY C 98 39.63 -10.72 31.32
N ILE C 99 38.30 -10.86 31.32
CA ILE C 99 37.61 -11.82 30.47
C ILE C 99 36.56 -11.08 29.66
N VAL C 100 36.41 -11.49 28.40
CA VAL C 100 35.38 -10.96 27.51
C VAL C 100 34.62 -12.14 26.93
N GLU C 101 33.31 -12.20 27.20
CA GLU C 101 32.47 -13.31 26.77
C GLU C 101 31.55 -12.84 25.67
N THR C 102 31.63 -13.49 24.51
CA THR C 102 30.82 -13.15 23.35
C THR C 102 29.86 -14.29 23.04
N TRP C 103 29.07 -14.11 21.98
CA TRP C 103 28.08 -15.09 21.54
C TRP C 103 28.46 -15.76 20.23
N SER C 104 29.73 -15.65 19.83
CA SER C 104 30.21 -16.29 18.60
C SER C 104 31.72 -16.33 18.62
N VAL C 105 32.29 -17.32 17.93
CA VAL C 105 33.74 -17.44 17.86
C VAL C 105 34.33 -16.43 16.89
N ALA C 106 33.56 -16.02 15.88
CA ALA C 106 34.06 -15.01 14.95
C ALA C 106 34.22 -13.66 15.64
N ALA C 107 33.18 -13.22 16.35
CA ALA C 107 33.29 -11.97 17.10
C ALA C 107 34.26 -12.09 18.25
N CYS C 108 34.46 -13.30 18.78
CA CYS C 108 35.44 -13.48 19.86
C CYS C 108 36.87 -13.34 19.34
N ILE C 109 37.14 -13.93 18.17
CA ILE C 109 38.47 -13.78 17.57
C ILE C 109 38.70 -12.34 17.12
N LYS C 110 37.68 -11.70 16.56
CA LYS C 110 37.79 -10.29 16.20
C LYS C 110 37.95 -9.42 17.44
N ALA C 111 37.33 -9.81 18.56
CA ALA C 111 37.51 -9.07 19.80
C ALA C 111 38.94 -9.22 20.32
N ALA C 112 39.50 -10.43 20.21
CA ALA C 112 40.87 -10.66 20.67
C ALA C 112 41.87 -9.92 19.80
N ASP C 113 41.57 -9.72 18.51
CA ASP C 113 42.49 -8.99 17.65
C ASP C 113 42.45 -7.49 17.95
N ARG C 114 41.26 -6.95 18.22
CA ARG C 114 41.16 -5.54 18.59
C ARG C 114 41.74 -5.27 19.98
N ALA C 115 41.75 -6.28 20.84
CA ALA C 115 42.30 -6.11 22.19
C ALA C 115 43.82 -6.23 22.20
N VAL C 116 44.40 -7.06 21.32
CA VAL C 116 45.84 -7.21 21.28
C VAL C 116 46.49 -6.04 20.54
N LYS C 117 45.92 -5.65 19.39
CA LYS C 117 46.49 -4.55 18.62
C LYS C 117 46.30 -3.21 19.31
N GLY C 118 45.28 -3.08 20.16
CA GLY C 118 44.98 -1.83 20.82
C GLY C 118 45.40 -1.72 22.27
N SER C 119 46.18 -2.68 22.78
CA SER C 119 46.62 -2.64 24.17
C SER C 119 47.88 -3.49 24.30
N ASN C 120 48.53 -3.35 25.45
CA ASN C 120 49.74 -4.10 25.77
C ASN C 120 49.44 -5.33 26.62
N VAL C 121 48.31 -5.98 26.38
CA VAL C 121 47.92 -7.15 27.14
C VAL C 121 48.49 -8.40 26.50
N THR C 122 48.51 -9.49 27.26
CA THR C 122 48.99 -10.78 26.80
C THR C 122 47.80 -11.71 26.67
N LEU C 123 47.39 -11.99 25.42
CA LEU C 123 46.25 -12.86 25.17
C LEU C 123 46.54 -14.27 25.66
N VAL C 124 45.95 -14.65 26.78
CA VAL C 124 46.22 -15.97 27.37
C VAL C 124 45.63 -17.07 26.48
N ARG C 125 44.30 -17.09 26.33
CA ARG C 125 43.66 -18.12 25.54
C ARG C 125 42.29 -17.66 25.10
N VAL C 126 41.82 -18.25 24.01
CA VAL C 126 40.44 -18.14 23.55
C VAL C 126 39.82 -19.52 23.68
N HIS C 127 38.56 -19.58 24.15
CA HIS C 127 37.93 -20.85 24.51
C HIS C 127 36.60 -20.99 23.74
N MET C 128 36.69 -21.51 22.51
CA MET C 128 35.48 -21.83 21.77
C MET C 128 34.72 -22.94 22.49
N ALA C 129 33.51 -22.63 22.94
CA ALA C 129 32.75 -23.55 23.78
C ALA C 129 31.55 -24.18 23.09
N PHE C 130 30.91 -23.48 22.15
CA PHE C 130 29.68 -23.99 21.55
C PHE C 130 29.65 -23.79 20.03
N GLY C 131 30.77 -23.43 19.42
CA GLY C 131 30.90 -23.45 17.98
C GLY C 131 31.06 -22.06 17.37
N ILE C 132 30.59 -21.94 16.13
CA ILE C 132 30.68 -20.68 15.41
C ILE C 132 29.98 -19.58 16.17
N GLY C 133 28.83 -19.89 16.77
CA GLY C 133 28.11 -18.94 17.60
C GLY C 133 28.16 -19.34 19.05
N GLY C 134 29.34 -19.74 19.52
CA GLY C 134 29.48 -20.30 20.84
C GLY C 134 29.85 -19.27 21.91
N LYS C 135 29.70 -19.70 23.16
CA LYS C 135 30.08 -18.89 24.33
C LYS C 135 31.60 -18.92 24.48
N CYS C 136 32.28 -18.21 23.57
CA CYS C 136 33.72 -18.20 23.51
C CYS C 136 34.26 -17.02 24.31
N TYR C 137 34.97 -17.30 25.39
CA TYR C 137 35.55 -16.27 26.25
C TYR C 137 37.05 -16.18 26.04
N MET C 138 37.55 -14.94 25.97
CA MET C 138 38.97 -14.67 25.81
C MET C 138 39.52 -14.12 27.12
N VAL C 139 40.64 -14.67 27.57
CA VAL C 139 41.26 -14.29 28.83
C VAL C 139 42.53 -13.51 28.51
N VAL C 140 42.63 -12.30 29.05
CA VAL C 140 43.80 -11.45 28.86
C VAL C 140 44.43 -11.20 30.23
N ALA C 141 45.71 -10.82 30.20
CA ALA C 141 46.47 -10.54 31.42
C ALA C 141 47.35 -9.33 31.19
N GLY C 142 47.77 -8.73 32.30
CA GLY C 142 48.62 -7.55 32.25
C GLY C 142 48.27 -6.64 33.41
N ASP C 143 48.62 -5.36 33.23
CA ASP C 143 48.34 -4.36 34.24
C ASP C 143 46.84 -4.06 34.30
N VAL C 144 46.44 -3.37 35.37
CA VAL C 144 45.03 -3.02 35.54
C VAL C 144 44.58 -2.06 34.45
N SER C 145 45.42 -1.07 34.11
CA SER C 145 45.07 -0.13 33.06
C SER C 145 45.11 -0.79 31.69
N ASP C 146 46.03 -1.74 31.47
CA ASP C 146 46.08 -2.43 30.19
C ASP C 146 44.88 -3.34 29.99
N VAL C 147 44.51 -4.10 31.02
CA VAL C 147 43.41 -5.04 30.89
C VAL C 147 42.08 -4.30 30.69
N ASN C 148 41.85 -3.26 31.49
CA ASN C 148 40.57 -2.55 31.42
C ASN C 148 40.38 -1.89 30.06
N ASN C 149 41.47 -1.54 29.39
CA ASN C 149 41.36 -0.96 28.04
C ASN C 149 41.09 -2.04 26.99
N ALA C 150 41.69 -3.22 27.16
CA ALA C 150 41.49 -4.30 26.21
C ALA C 150 40.09 -4.90 26.31
N VAL C 151 39.50 -4.89 27.50
CA VAL C 151 38.16 -5.43 27.67
C VAL C 151 37.13 -4.52 27.01
N THR C 152 37.33 -3.21 27.10
CA THR C 152 36.36 -2.28 26.52
C THR C 152 36.37 -2.34 24.99
N VAL C 153 37.54 -2.39 24.38
CA VAL C 153 37.62 -2.46 22.92
C VAL C 153 37.08 -3.80 22.44
N ALA C 154 37.35 -4.88 23.18
CA ALA C 154 36.83 -6.19 22.79
C ALA C 154 35.32 -6.28 23.00
N SER C 155 34.78 -5.57 23.99
CA SER C 155 33.35 -5.61 24.23
C SER C 155 32.59 -4.81 23.19
N GLU C 156 33.21 -3.77 22.63
CA GLU C 156 32.54 -2.99 21.59
C GLU C 156 32.44 -3.74 20.27
N SER C 157 33.30 -4.73 20.04
CA SER C 157 33.27 -5.48 18.78
C SER C 157 31.98 -6.29 18.67
N ALA C 158 31.67 -7.08 19.70
CA ALA C 158 30.43 -7.86 19.67
C ALA C 158 29.21 -6.97 19.85
N GLY C 159 29.37 -5.81 20.51
CA GLY C 159 28.26 -4.90 20.66
C GLY C 159 27.83 -4.24 19.36
N GLU C 160 28.77 -4.08 18.42
CA GLU C 160 28.42 -3.57 17.10
C GLU C 160 27.51 -4.53 16.36
N LYS C 161 27.74 -5.83 16.53
CA LYS C 161 26.82 -6.83 15.98
C LYS C 161 25.55 -6.97 16.82
N GLY C 162 25.58 -6.51 18.07
CA GLY C 162 24.42 -6.57 18.93
C GLY C 162 24.34 -7.78 19.83
N LEU C 163 25.42 -8.57 19.96
CA LEU C 163 25.42 -9.79 20.75
C LEU C 163 26.72 -9.86 21.57
N LEU C 164 26.81 -9.01 22.58
CA LEU C 164 27.91 -9.04 23.53
C LEU C 164 27.38 -9.64 24.82
N VAL C 165 27.82 -10.86 25.14
CA VAL C 165 27.24 -11.60 26.26
C VAL C 165 27.58 -10.94 27.58
N TYR C 166 28.85 -10.79 27.89
CA TYR C 166 29.26 -10.25 29.17
C TYR C 166 30.69 -9.73 29.09
N ARG C 167 31.11 -9.06 30.17
CA ARG C 167 32.46 -8.57 30.33
C ARG C 167 32.75 -8.49 31.83
N SER C 168 33.95 -8.91 32.21
CA SER C 168 34.32 -8.97 33.63
C SER C 168 35.81 -8.75 33.78
N VAL C 169 36.18 -7.75 34.58
CA VAL C 169 37.57 -7.44 34.87
C VAL C 169 37.83 -7.77 36.33
N ILE C 170 38.71 -8.74 36.56
CA ILE C 170 39.04 -9.19 37.91
C ILE C 170 40.31 -8.47 38.35
N PRO C 171 40.33 -7.88 39.55
CA PRO C 171 41.53 -7.09 39.95
C PRO C 171 42.78 -7.93 40.13
N ARG C 172 42.69 -9.05 40.83
CA ARG C 172 43.86 -9.85 41.19
C ARG C 172 43.55 -11.32 40.98
N PRO C 173 44.58 -12.16 40.80
CA PRO C 173 44.32 -13.59 40.57
C PRO C 173 44.22 -14.39 41.85
N HIS C 174 43.17 -15.20 41.98
CA HIS C 174 43.03 -16.11 43.11
C HIS C 174 43.59 -17.48 42.72
N GLU C 175 43.44 -18.44 43.62
CA GLU C 175 44.03 -19.75 43.39
C GLU C 175 43.35 -20.47 42.24
N ALA C 176 42.01 -20.55 42.27
CA ALA C 176 41.32 -21.30 41.23
C ALA C 176 41.12 -20.46 39.97
N MET C 177 40.89 -19.14 40.11
CA MET C 177 40.62 -18.31 38.94
C MET C 177 41.73 -18.45 37.91
N TRP C 178 42.97 -18.30 38.34
CA TRP C 178 44.11 -18.59 37.47
C TRP C 178 44.05 -20.05 36.99
N ARG C 179 43.95 -20.99 37.93
CA ARG C 179 43.94 -22.42 37.60
C ARG C 179 42.84 -22.78 36.60
N GLN C 180 41.81 -21.94 36.47
CA GLN C 180 40.74 -22.17 35.50
C GLN C 180 40.86 -21.29 34.27
N MET C 181 41.30 -20.04 34.43
CA MET C 181 41.44 -19.16 33.27
C MET C 181 42.58 -19.61 32.37
N VAL C 182 43.71 -20.04 32.95
CA VAL C 182 44.83 -20.53 32.16
C VAL C 182 44.81 -22.05 31.99
N GLU C 183 43.81 -22.73 32.54
CA GLU C 183 43.67 -24.17 32.39
C GLU C 183 42.24 -24.61 32.66
N GLN D 3 -3.00 7.91 -31.50
CA GLN D 3 -4.25 7.16 -31.72
C GLN D 3 -4.31 5.96 -30.78
N ALA D 4 -3.24 5.76 -30.02
CA ALA D 4 -3.16 4.67 -29.06
C ALA D 4 -2.46 5.17 -27.79
N ILE D 5 -2.73 4.49 -26.68
CA ILE D 5 -2.21 4.89 -25.38
C ILE D 5 -1.52 3.69 -24.74
N GLY D 6 -0.30 3.91 -24.26
CA GLY D 6 0.44 2.92 -23.49
C GLY D 6 0.63 3.41 -22.06
N ILE D 7 0.43 2.50 -21.11
CA ILE D 7 0.47 2.84 -19.69
C ILE D 7 1.54 1.99 -19.00
N LEU D 8 2.32 2.62 -18.14
CA LEU D 8 3.34 1.93 -17.36
C LEU D 8 3.28 2.42 -15.91
N GLU D 9 3.16 1.47 -14.99
CA GLU D 9 3.12 1.76 -13.55
C GLU D 9 4.39 1.20 -12.93
N LEU D 10 5.26 2.08 -12.45
CA LEU D 10 6.53 1.69 -11.87
C LEU D 10 6.49 1.83 -10.36
N SER D 11 7.29 1.01 -9.68
CA SER D 11 7.38 1.01 -8.22
C SER D 11 8.56 1.82 -7.72
N SER D 12 9.23 2.58 -8.59
CA SER D 12 10.36 3.41 -8.20
C SER D 12 10.32 4.70 -9.02
N ILE D 13 10.37 5.84 -8.33
CA ILE D 13 10.31 7.12 -9.01
C ILE D 13 11.56 7.34 -9.87
N ALA D 14 12.71 6.91 -9.38
CA ALA D 14 13.95 7.05 -10.16
C ALA D 14 13.91 6.15 -11.39
N LYS D 15 13.35 4.94 -11.26
CA LYS D 15 13.24 4.06 -12.41
C LYS D 15 12.26 4.59 -13.44
N GLY D 16 11.20 5.27 -12.99
CA GLY D 16 10.23 5.82 -13.91
C GLY D 16 10.80 6.94 -14.76
N MET D 17 11.54 7.87 -14.12
CA MET D 17 12.24 8.92 -14.86
C MET D 17 13.29 8.35 -15.80
N GLU D 18 13.83 7.16 -15.50
CA GLU D 18 14.77 6.52 -16.41
C GLU D 18 14.05 5.99 -17.65
N LEU D 19 12.89 5.36 -17.46
CA LEU D 19 12.15 4.82 -18.59
C LEU D 19 11.56 5.94 -19.45
N GLY D 20 11.14 7.04 -18.83
CA GLY D 20 10.60 8.14 -19.60
C GLY D 20 11.60 8.70 -20.59
N ASP D 21 12.88 8.70 -20.23
CA ASP D 21 13.92 9.10 -21.16
C ASP D 21 14.23 7.99 -22.18
N ALA D 22 14.10 6.73 -21.77
CA ALA D 22 14.38 5.62 -22.67
C ALA D 22 13.26 5.39 -23.68
N MET D 23 12.00 5.62 -23.28
CA MET D 23 10.89 5.43 -24.20
C MET D 23 10.76 6.59 -25.17
N LEU D 24 10.99 7.82 -24.70
CA LEU D 24 10.94 8.98 -25.57
C LEU D 24 12.09 9.00 -26.57
N LYS D 25 13.18 8.29 -26.30
CA LYS D 25 14.33 8.23 -27.19
C LYS D 25 14.42 6.88 -27.90
N ALA D 26 13.26 6.24 -28.13
CA ALA D 26 13.21 4.99 -28.88
C ALA D 26 11.98 4.88 -29.77
N ALA D 27 11.05 5.82 -29.73
CA ALA D 27 9.87 5.81 -30.59
C ALA D 27 9.30 7.22 -30.61
N ASN D 28 8.49 7.49 -31.63
CA ASN D 28 7.87 8.81 -31.79
C ASN D 28 6.56 8.84 -31.01
N VAL D 29 6.70 8.89 -29.69
CA VAL D 29 5.57 8.89 -28.77
C VAL D 29 5.54 10.21 -28.02
N ASP D 30 4.36 10.53 -27.50
CA ASP D 30 4.13 11.78 -26.78
C ASP D 30 3.81 11.49 -25.33
N LEU D 31 4.40 12.28 -24.42
CA LEU D 31 4.22 12.10 -22.99
C LEU D 31 2.88 12.71 -22.58
N LEU D 32 1.88 11.87 -22.32
CA LEU D 32 0.57 12.36 -21.91
C LEU D 32 0.58 12.78 -20.45
N VAL D 33 1.01 11.88 -19.56
CA VAL D 33 1.08 12.17 -18.13
C VAL D 33 2.33 11.51 -17.55
N SER D 34 2.83 12.09 -16.46
CA SER D 34 4.01 11.56 -15.78
C SER D 34 3.97 12.11 -14.35
N LYS D 35 3.32 11.36 -13.46
CA LYS D 35 3.08 11.80 -12.09
C LYS D 35 3.41 10.68 -11.13
N THR D 36 3.63 11.06 -9.87
CA THR D 36 3.94 10.11 -8.81
C THR D 36 2.65 9.76 -8.08
N ILE D 37 2.22 8.51 -8.19
CA ILE D 37 1.05 8.02 -7.48
C ILE D 37 1.47 7.55 -6.10
N SER D 38 0.77 8.02 -5.08
CA SER D 38 1.15 7.72 -3.71
C SER D 38 0.86 6.25 -3.38
N PRO D 39 1.71 5.62 -2.56
CA PRO D 39 3.01 6.16 -2.15
C PRO D 39 4.18 5.36 -2.72
N GLY D 40 5.16 6.06 -3.30
CA GLY D 40 6.32 5.39 -3.85
C GLY D 40 6.11 4.73 -5.19
N LYS D 41 5.08 5.16 -5.94
CA LYS D 41 4.78 4.60 -7.24
C LYS D 41 4.81 5.70 -8.29
N PHE D 42 5.05 5.32 -9.54
CA PHE D 42 5.12 6.26 -10.64
C PHE D 42 4.25 5.75 -11.78
N LEU D 43 3.51 6.68 -12.40
CA LEU D 43 2.62 6.36 -13.51
C LEU D 43 3.12 7.05 -14.77
N LEU D 44 3.29 6.29 -15.83
CA LEU D 44 3.80 6.79 -17.10
C LEU D 44 2.84 6.39 -18.21
N MET D 45 2.23 7.39 -18.85
CA MET D 45 1.30 7.17 -19.95
C MET D 45 1.81 7.89 -21.19
N LEU D 46 1.76 7.21 -22.33
CA LEU D 46 2.20 7.77 -23.60
C LEU D 46 1.06 7.70 -24.61
N GLY D 47 1.21 8.46 -25.70
CA GLY D 47 0.21 8.49 -26.74
C GLY D 47 0.86 8.57 -28.10
N GLY D 48 0.08 8.21 -29.12
CA GLY D 48 0.56 8.24 -30.49
C GLY D 48 0.10 7.05 -31.30
N ASP D 49 0.87 6.71 -32.34
CA ASP D 49 0.53 5.56 -33.17
C ASP D 49 0.69 4.26 -32.39
N LEU D 50 -0.07 3.25 -32.79
CA LEU D 50 -0.06 1.98 -32.08
C LEU D 50 1.30 1.30 -32.18
N ASP D 51 1.86 1.23 -33.39
CA ASP D 51 3.17 0.60 -33.56
C ASP D 51 4.25 1.34 -32.79
N ASP D 52 4.12 2.66 -32.65
CA ASP D 52 5.09 3.41 -31.86
C ASP D 52 4.86 3.21 -30.36
N ILE D 53 3.63 2.90 -29.95
CA ILE D 53 3.35 2.65 -28.55
C ILE D 53 3.82 1.27 -28.13
N ILE D 54 3.51 0.25 -28.95
CA ILE D 54 3.94 -1.11 -28.63
C ILE D 54 5.45 -1.19 -28.54
N LEU D 55 6.16 -0.44 -29.40
CA LEU D 55 7.62 -0.38 -29.30
C LEU D 55 8.05 0.34 -28.03
N ALA D 56 7.42 1.47 -27.72
CA ALA D 56 7.78 2.22 -26.52
C ALA D 56 7.54 1.40 -25.26
N VAL D 57 6.39 0.72 -25.19
CA VAL D 57 6.10 -0.12 -24.03
C VAL D 57 7.09 -1.27 -23.95
N ALA D 58 7.46 -1.85 -25.10
CA ALA D 58 8.40 -2.96 -25.10
C ALA D 58 9.76 -2.53 -24.60
N VAL D 59 10.19 -1.31 -24.95
CA VAL D 59 11.49 -0.82 -24.48
C VAL D 59 11.47 -0.64 -22.96
N GLY D 60 10.44 0.03 -22.44
CA GLY D 60 10.36 0.24 -21.01
C GLY D 60 10.05 -1.02 -20.24
N MET D 61 9.40 -1.99 -20.87
CA MET D 61 9.02 -3.23 -20.18
C MET D 61 10.25 -4.03 -19.77
N GLU D 62 11.24 -4.14 -20.65
CA GLU D 62 12.46 -4.87 -20.32
C GLU D 62 13.40 -4.03 -19.47
N ARG D 63 13.47 -2.72 -19.73
CA ARG D 63 14.33 -1.84 -18.96
C ARG D 63 13.77 -1.52 -17.58
N ALA D 64 12.55 -1.95 -17.27
CA ALA D 64 11.98 -1.68 -15.94
C ALA D 64 12.61 -2.56 -14.88
N GLY D 65 13.07 -3.75 -15.25
CA GLY D 65 13.64 -4.65 -14.26
C GLY D 65 12.55 -5.18 -13.35
N ASP D 66 12.75 -5.01 -12.04
CA ASP D 66 11.77 -5.42 -11.05
C ASP D 66 10.81 -4.30 -10.65
N SER D 67 11.01 -3.09 -11.18
CA SER D 67 10.18 -1.95 -10.81
C SER D 67 8.81 -1.95 -11.49
N LEU D 68 8.60 -2.80 -12.50
CA LEU D 68 7.33 -2.80 -13.22
C LEU D 68 6.23 -3.39 -12.35
N LEU D 69 5.10 -2.69 -12.27
CA LEU D 69 3.93 -3.16 -11.53
C LEU D 69 2.79 -3.59 -12.44
N ASP D 70 2.55 -2.87 -13.53
CA ASP D 70 1.53 -3.25 -14.49
C ASP D 70 1.72 -2.44 -15.77
N SER D 71 1.35 -3.04 -16.89
CA SER D 71 1.44 -2.41 -18.20
C SER D 71 0.16 -2.68 -18.97
N GLU D 72 -0.20 -1.75 -19.86
CA GLU D 72 -1.41 -1.90 -20.65
C GLU D 72 -1.36 -0.94 -21.83
N VAL D 73 -1.74 -1.44 -23.00
CA VAL D 73 -1.78 -0.66 -24.23
C VAL D 73 -3.22 -0.59 -24.71
N ILE D 74 -3.73 0.63 -24.86
CA ILE D 74 -5.10 0.87 -25.31
C ILE D 74 -5.03 1.29 -26.78
N PRO D 75 -5.39 0.42 -27.72
CA PRO D 75 -5.27 0.74 -29.14
C PRO D 75 -6.52 1.39 -29.72
N ASP D 76 -6.29 2.18 -30.77
CA ASP D 76 -7.34 2.77 -31.60
C ASP D 76 -8.31 3.60 -30.76
N ILE D 77 -7.84 4.77 -30.37
CA ILE D 77 -8.66 5.76 -29.70
C ILE D 77 -8.69 7.03 -30.55
N HIS D 78 -9.76 7.80 -30.37
CA HIS D 78 -9.88 9.04 -31.12
C HIS D 78 -8.81 10.02 -30.67
N PRO D 79 -8.20 10.77 -31.60
CA PRO D 79 -7.11 11.68 -31.21
C PRO D 79 -7.53 12.77 -30.25
N SER D 80 -8.83 13.09 -30.16
CA SER D 80 -9.27 14.14 -29.25
C SER D 80 -9.24 13.71 -27.79
N VAL D 81 -9.11 12.41 -27.51
CA VAL D 81 -9.02 11.95 -26.12
C VAL D 81 -7.64 12.25 -25.53
N LEU D 82 -6.62 12.43 -26.39
CA LEU D 82 -5.29 12.68 -25.86
C LEU D 82 -5.18 14.03 -25.15
N PRO D 83 -5.62 15.15 -25.71
CA PRO D 83 -5.54 16.41 -24.96
C PRO D 83 -6.44 16.44 -23.74
N ALA D 84 -7.45 15.57 -23.66
CA ALA D 84 -8.31 15.52 -22.49
C ALA D 84 -7.65 14.82 -21.30
N ILE D 85 -6.64 14.00 -21.55
CA ILE D 85 -5.93 13.31 -20.47
C ILE D 85 -4.78 14.16 -19.94
N SER D 86 -3.98 14.75 -20.83
CA SER D 86 -2.86 15.57 -20.41
C SER D 86 -3.30 16.88 -19.78
N GLY D 87 -4.51 17.34 -20.07
CA GLY D 87 -5.00 18.58 -19.50
C GLY D 87 -6.48 18.82 -19.71
N LEU D 88 -6.86 20.07 -19.90
CA LEU D 88 -8.25 20.46 -20.09
C LEU D 88 -8.50 20.89 -21.53
N ASN D 89 -9.70 20.58 -22.02
CA ASN D 89 -10.20 21.12 -23.28
C ASN D 89 -11.14 22.27 -22.96
N SER D 90 -10.78 23.48 -23.38
CA SER D 90 -11.51 24.68 -23.01
C SER D 90 -12.91 24.65 -23.61
N VAL D 91 -13.93 24.79 -22.76
CA VAL D 91 -15.33 24.82 -23.18
C VAL D 91 -15.86 26.21 -22.94
N ASP D 92 -16.30 26.87 -24.02
CA ASP D 92 -16.81 28.24 -23.90
C ASP D 92 -18.27 28.25 -23.49
N LYS D 93 -19.11 27.46 -24.18
CA LYS D 93 -20.54 27.46 -23.91
C LYS D 93 -20.84 26.75 -22.59
N ARG D 94 -21.92 27.19 -21.93
CA ARG D 94 -22.33 26.55 -20.69
C ARG D 94 -22.86 25.15 -20.94
N GLN D 95 -23.96 25.04 -21.69
CA GLN D 95 -24.52 23.76 -22.16
C GLN D 95 -24.84 22.88 -20.95
N ALA D 96 -24.83 21.57 -21.14
CA ALA D 96 -25.03 20.59 -20.08
C ALA D 96 -23.75 19.79 -19.88
N VAL D 97 -23.69 19.11 -18.73
CA VAL D 97 -22.49 18.37 -18.34
C VAL D 97 -22.89 16.96 -17.95
N GLY D 98 -22.11 15.98 -18.41
CA GLY D 98 -22.29 14.60 -18.01
C GLY D 98 -21.02 14.04 -17.40
N ILE D 99 -21.19 13.16 -16.41
CA ILE D 99 -20.08 12.58 -15.68
C ILE D 99 -20.22 11.06 -15.71
N VAL D 100 -19.14 10.37 -16.07
CA VAL D 100 -19.09 8.91 -16.08
C VAL D 100 -17.90 8.49 -15.24
N GLU D 101 -18.16 7.87 -14.10
CA GLU D 101 -17.13 7.43 -13.17
C GLU D 101 -16.95 5.93 -13.33
N THR D 102 -15.72 5.50 -13.61
CA THR D 102 -15.38 4.10 -13.79
C THR D 102 -14.38 3.67 -12.72
N TRP D 103 -13.93 2.41 -12.80
CA TRP D 103 -13.05 1.85 -11.80
C TRP D 103 -11.60 1.73 -12.25
N SER D 104 -11.35 1.54 -13.55
CA SER D 104 -10.00 1.44 -14.08
C SER D 104 -9.78 2.50 -15.14
N VAL D 105 -8.57 3.05 -15.18
CA VAL D 105 -8.26 4.07 -16.17
C VAL D 105 -8.29 3.51 -17.58
N ALA D 106 -8.13 2.18 -17.73
CA ALA D 106 -8.28 1.56 -19.04
C ALA D 106 -9.73 1.64 -19.50
N ALA D 107 -10.68 1.28 -18.63
CA ALA D 107 -12.09 1.38 -18.96
C ALA D 107 -12.57 2.82 -19.06
N CYS D 108 -11.88 3.76 -18.40
CA CYS D 108 -12.29 5.17 -18.48
C CYS D 108 -11.95 5.75 -19.84
N ILE D 109 -10.77 5.45 -20.37
CA ILE D 109 -10.39 5.93 -21.70
C ILE D 109 -11.25 5.25 -22.77
N LYS D 110 -11.47 3.94 -22.63
CA LYS D 110 -12.34 3.23 -23.56
C LYS D 110 -13.76 3.78 -23.53
N ALA D 111 -14.22 4.24 -22.36
CA ALA D 111 -15.52 4.90 -22.30
C ALA D 111 -15.49 6.27 -22.94
N ALA D 112 -14.43 7.05 -22.66
CA ALA D 112 -14.28 8.35 -23.28
C ALA D 112 -14.10 8.27 -24.79
N ASP D 113 -13.61 7.14 -25.29
CA ASP D 113 -13.45 6.98 -26.73
C ASP D 113 -14.81 6.77 -27.41
N ARG D 114 -15.60 5.83 -26.91
CA ARG D 114 -16.91 5.57 -27.50
C ARG D 114 -17.88 6.72 -27.30
N ALA D 115 -17.65 7.57 -26.30
CA ALA D 115 -18.49 8.76 -26.13
C ALA D 115 -18.14 9.83 -27.17
N VAL D 116 -16.86 10.00 -27.47
CA VAL D 116 -16.44 10.99 -28.45
C VAL D 116 -16.80 10.51 -29.86
N LYS D 117 -16.49 9.25 -30.17
CA LYS D 117 -16.74 8.72 -31.51
C LYS D 117 -18.22 8.60 -31.83
N GLY D 118 -19.11 8.71 -30.84
CA GLY D 118 -20.52 8.50 -31.08
C GLY D 118 -21.38 9.74 -30.94
N SER D 119 -20.82 10.80 -30.36
CA SER D 119 -21.58 12.02 -30.11
C SER D 119 -20.72 13.24 -30.39
N ASN D 120 -21.39 14.38 -30.51
CA ASN D 120 -20.72 15.67 -30.77
C ASN D 120 -20.45 16.44 -29.48
N VAL D 121 -20.09 15.75 -28.41
CA VAL D 121 -19.79 16.41 -27.14
C VAL D 121 -18.35 16.89 -27.15
N THR D 122 -17.97 17.66 -26.13
CA THR D 122 -16.60 18.15 -25.96
C THR D 122 -16.03 17.47 -24.72
N LEU D 123 -15.18 16.46 -24.94
CA LEU D 123 -14.54 15.76 -23.85
C LEU D 123 -13.65 16.71 -23.05
N VAL D 124 -14.10 17.11 -21.87
CA VAL D 124 -13.40 18.11 -21.07
C VAL D 124 -12.11 17.53 -20.52
N ARG D 125 -12.21 16.58 -19.59
CA ARG D 125 -11.03 16.01 -18.98
C ARG D 125 -11.31 14.58 -18.56
N VAL D 126 -10.24 13.80 -18.41
CA VAL D 126 -10.28 12.44 -17.91
C VAL D 126 -9.37 12.40 -16.69
N HIS D 127 -9.95 12.35 -15.51
CA HIS D 127 -9.21 12.46 -14.26
C HIS D 127 -9.00 11.08 -13.63
N MET D 128 -7.93 10.97 -12.84
CA MET D 128 -7.59 9.73 -12.16
C MET D 128 -6.85 10.08 -10.88
N ALA D 129 -7.51 9.89 -9.73
CA ALA D 129 -6.89 10.23 -8.46
C ALA D 129 -5.76 9.27 -8.12
N PHE D 130 -6.05 7.97 -8.12
CA PHE D 130 -5.04 6.97 -7.78
C PHE D 130 -4.26 6.56 -9.02
N GLY D 131 -4.10 5.26 -9.24
CA GLY D 131 -3.32 4.77 -10.36
C GLY D 131 -4.16 4.22 -11.50
N ILE D 132 -3.64 3.20 -12.19
CA ILE D 132 -4.36 2.64 -13.32
C ILE D 132 -5.60 1.88 -12.90
N GLY D 133 -5.68 1.46 -11.64
CA GLY D 133 -6.82 0.72 -11.16
C GLY D 133 -7.66 1.52 -10.18
N GLY D 134 -7.29 2.79 -9.96
CA GLY D 134 -8.04 3.64 -9.07
C GLY D 134 -9.25 4.27 -9.73
N LYS D 135 -10.09 4.89 -8.90
CA LYS D 135 -11.30 5.54 -9.40
C LYS D 135 -10.95 6.61 -10.43
N CYS D 136 -11.66 6.59 -11.54
CA CYS D 136 -11.49 7.58 -12.60
C CYS D 136 -12.86 8.10 -13.02
N TYR D 137 -12.86 9.31 -13.58
CA TYR D 137 -14.09 9.90 -14.07
C TYR D 137 -13.79 10.82 -15.25
N MET D 138 -14.64 10.75 -16.27
CA MET D 138 -14.56 11.60 -17.44
C MET D 138 -15.68 12.64 -17.38
N VAL D 139 -15.41 13.82 -17.93
CA VAL D 139 -16.36 14.92 -17.95
C VAL D 139 -16.57 15.36 -19.39
N VAL D 140 -17.82 15.50 -19.80
CA VAL D 140 -18.18 15.93 -21.14
C VAL D 140 -19.13 17.11 -21.03
N ALA D 141 -19.10 17.97 -22.04
CA ALA D 141 -19.95 19.16 -22.07
C ALA D 141 -20.54 19.32 -23.46
N GLY D 142 -21.80 19.73 -23.51
CA GLY D 142 -22.48 19.91 -24.78
C GLY D 142 -23.98 19.98 -24.59
N ASP D 143 -24.69 19.90 -25.70
CA ASP D 143 -26.15 19.91 -25.66
C ASP D 143 -26.67 18.74 -24.85
N VAL D 144 -27.85 18.93 -24.25
CA VAL D 144 -28.42 17.91 -23.38
C VAL D 144 -28.66 16.62 -24.16
N SER D 145 -28.96 16.72 -25.46
CA SER D 145 -29.14 15.52 -26.27
C SER D 145 -27.79 14.86 -26.56
N ASP D 146 -26.78 15.66 -26.88
CA ASP D 146 -25.44 15.10 -27.10
C ASP D 146 -24.88 14.48 -25.83
N VAL D 147 -25.06 15.16 -24.69
CA VAL D 147 -24.50 14.67 -23.44
C VAL D 147 -25.22 13.40 -22.98
N ASN D 148 -26.54 13.37 -23.09
CA ASN D 148 -27.30 12.20 -22.63
C ASN D 148 -26.97 10.97 -23.45
N ASN D 149 -26.61 11.15 -24.73
CA ASN D 149 -26.18 10.02 -25.55
C ASN D 149 -24.74 9.65 -25.29
N ALA D 150 -23.89 10.65 -25.02
CA ALA D 150 -22.49 10.37 -24.73
C ALA D 150 -22.33 9.63 -23.41
N VAL D 151 -23.18 9.93 -22.43
CA VAL D 151 -23.14 9.22 -21.15
C VAL D 151 -23.73 7.83 -21.31
N THR D 152 -24.72 7.67 -22.19
CA THR D 152 -25.32 6.36 -22.41
C THR D 152 -24.32 5.38 -23.01
N VAL D 153 -23.57 5.82 -24.03
CA VAL D 153 -22.61 4.94 -24.67
C VAL D 153 -21.41 4.70 -23.75
N ALA D 154 -20.98 5.73 -23.02
CA ALA D 154 -19.86 5.57 -22.10
C ALA D 154 -20.21 4.66 -20.94
N SER D 155 -21.50 4.59 -20.57
CA SER D 155 -21.92 3.67 -19.52
C SER D 155 -21.88 2.22 -20.00
N GLU D 156 -22.09 1.99 -21.29
CA GLU D 156 -22.03 0.64 -21.82
C GLU D 156 -20.61 0.10 -21.79
N SER D 157 -19.65 0.87 -22.30
CA SER D 157 -18.25 0.46 -22.35
C SER D 157 -17.64 0.28 -20.96
N ALA D 158 -18.29 0.78 -19.91
CA ALA D 158 -17.83 0.58 -18.55
C ALA D 158 -18.53 -0.60 -17.87
N GLY D 159 -19.85 -0.68 -17.99
CA GLY D 159 -20.58 -1.80 -17.42
C GLY D 159 -20.38 -3.11 -18.16
N GLU D 160 -19.96 -3.04 -19.43
CA GLU D 160 -19.65 -4.26 -20.17
C GLU D 160 -18.52 -5.03 -19.50
N LYS D 161 -17.46 -4.32 -19.12
CA LYS D 161 -16.42 -4.91 -18.29
C LYS D 161 -16.89 -5.15 -16.87
N GLY D 162 -17.94 -4.45 -16.44
CA GLY D 162 -18.37 -4.48 -15.05
C GLY D 162 -17.66 -3.48 -14.17
N LEU D 163 -17.11 -2.41 -14.73
CA LEU D 163 -16.29 -1.46 -14.01
C LEU D 163 -16.92 -0.07 -13.99
N LEU D 164 -18.25 0.01 -13.99
CA LEU D 164 -18.95 1.28 -13.92
C LEU D 164 -19.29 1.61 -12.48
N VAL D 165 -18.90 2.80 -12.03
CA VAL D 165 -19.19 3.23 -10.67
C VAL D 165 -20.53 3.97 -10.65
N TYR D 166 -20.64 5.05 -11.42
CA TYR D 166 -21.86 5.84 -11.43
C TYR D 166 -21.90 6.68 -12.68
N ARG D 167 -23.12 6.99 -13.13
CA ARG D 167 -23.36 7.82 -14.30
C ARG D 167 -24.27 8.98 -13.92
N SER D 168 -24.00 10.16 -14.47
CA SER D 168 -24.76 11.34 -14.11
C SER D 168 -24.80 12.31 -15.29
N VAL D 169 -25.95 12.94 -15.48
CA VAL D 169 -26.16 13.98 -16.48
C VAL D 169 -26.79 15.18 -15.78
N ILE D 170 -26.13 16.33 -15.88
CA ILE D 170 -26.57 17.52 -15.14
C ILE D 170 -26.86 18.65 -16.11
N PRO D 171 -28.11 18.77 -16.59
CA PRO D 171 -28.46 19.91 -17.43
C PRO D 171 -28.53 21.20 -16.62
N ARG D 172 -27.98 22.26 -17.20
CA ARG D 172 -27.85 23.57 -16.55
C ARG D 172 -27.16 23.42 -15.19
N PRO D 173 -25.85 23.18 -15.15
CA PRO D 173 -25.17 23.07 -13.86
C PRO D 173 -25.11 24.41 -13.14
N HIS D 174 -25.20 24.35 -11.82
CA HIS D 174 -25.06 25.55 -11.02
C HIS D 174 -23.67 26.17 -11.23
N GLU D 175 -23.59 27.48 -11.02
CA GLU D 175 -22.33 28.19 -11.28
C GLU D 175 -21.19 27.64 -10.44
N ALA D 176 -21.48 27.17 -9.23
CA ALA D 176 -20.42 26.62 -8.39
C ALA D 176 -19.95 25.26 -8.87
N MET D 177 -20.78 24.52 -9.61
CA MET D 177 -20.41 23.18 -10.05
C MET D 177 -19.75 23.18 -11.42
N TRP D 178 -20.25 23.99 -12.36
CA TRP D 178 -19.59 24.10 -13.65
C TRP D 178 -18.20 24.72 -13.51
N ARG D 179 -17.99 25.51 -12.46
CA ARG D 179 -16.69 26.08 -12.14
C ARG D 179 -15.71 25.04 -11.62
N GLN D 180 -16.15 23.80 -11.43
CA GLN D 180 -15.33 22.74 -10.84
C GLN D 180 -15.18 21.53 -11.74
N MET D 181 -16.24 21.12 -12.44
CA MET D 181 -16.14 19.97 -13.34
C MET D 181 -15.29 20.30 -14.55
N VAL D 182 -15.62 21.39 -15.25
CA VAL D 182 -14.86 21.79 -16.42
C VAL D 182 -13.53 22.42 -16.03
N GLU D 183 -13.50 23.15 -14.91
CA GLU D 183 -12.30 23.85 -14.47
C GLU D 183 -11.65 23.15 -13.28
N MET E 3 -52.15 34.02 56.54
CA MET E 3 -51.06 34.27 55.60
C MET E 3 -50.12 35.33 56.17
N ALA E 4 -48.94 35.48 55.56
CA ALA E 4 -47.96 36.44 56.05
C ALA E 4 -48.48 37.87 55.90
N ASP E 5 -48.14 38.71 56.89
CA ASP E 5 -48.63 40.09 56.88
C ASP E 5 -48.02 40.90 55.74
N GLU E 6 -46.71 40.75 55.51
CA GLU E 6 -46.07 41.49 54.43
C GLU E 6 -46.67 41.14 53.07
N THR E 7 -47.09 39.89 52.89
CA THR E 7 -47.71 39.49 51.64
C THR E 7 -49.09 40.11 51.48
N ILE E 8 -49.87 40.15 52.56
CA ILE E 8 -51.21 40.73 52.50
C ILE E 8 -51.12 42.21 52.16
N ILE E 9 -50.17 42.93 52.75
CA ILE E 9 -49.98 44.34 52.44
C ILE E 9 -49.55 44.52 50.99
N LEU E 10 -48.68 43.62 50.51
CA LEU E 10 -48.25 43.69 49.12
C LEU E 10 -49.39 43.35 48.15
N ASN E 11 -50.31 42.48 48.57
CA ASN E 11 -51.47 42.20 47.74
C ASN E 11 -52.40 43.41 47.63
N VAL E 12 -52.49 44.21 48.70
CA VAL E 12 -53.28 45.43 48.65
C VAL E 12 -52.74 46.37 47.58
N LEU E 13 -51.41 46.52 47.53
CA LEU E 13 -50.79 47.31 46.46
C LEU E 13 -50.98 46.67 45.10
N GLY E 14 -51.02 45.33 45.05
CA GLY E 14 -51.27 44.66 43.79
C GLY E 14 -52.66 44.92 43.25
N GLN E 15 -53.67 44.79 44.12
CA GLN E 15 -55.05 45.04 43.69
C GLN E 15 -55.26 46.50 43.31
N TYR E 16 -54.45 47.41 43.87
CA TYR E 16 -54.54 48.81 43.48
C TYR E 16 -54.16 49.00 42.02
N THR E 17 -53.00 48.48 41.62
CA THR E 17 -52.56 48.61 40.24
C THR E 17 -53.51 47.91 39.27
N ARG E 18 -54.14 46.82 39.72
CA ARG E 18 -55.20 46.21 38.91
C ARG E 18 -56.35 47.18 38.68
N ALA E 19 -56.82 47.81 39.76
CA ALA E 19 -57.93 48.75 39.65
C ALA E 19 -57.51 50.05 38.98
N HIS E 20 -56.24 50.43 39.11
CA HIS E 20 -55.77 51.66 38.46
C HIS E 20 -55.74 51.51 36.94
N ASP E 21 -55.41 50.30 36.45
CA ASP E 21 -55.40 50.07 35.01
C ASP E 21 -56.79 49.69 34.49
N ARG E 22 -57.57 48.97 35.30
CA ARG E 22 -58.92 48.59 34.91
C ARG E 22 -59.91 49.74 34.98
N ARG E 23 -59.51 50.87 35.60
CA ARG E 23 -60.40 52.01 35.79
C ARG E 23 -61.66 51.62 36.56
N ASP E 24 -61.48 50.80 37.59
CA ASP E 24 -62.58 50.27 38.39
C ASP E 24 -62.69 51.05 39.69
N PRO E 25 -63.60 52.02 39.79
CA PRO E 25 -63.68 52.80 41.04
C PRO E 25 -64.24 52.01 42.21
N ASP E 26 -65.07 50.99 41.95
CA ASP E 26 -65.59 50.17 43.04
C ASP E 26 -64.49 49.36 43.70
N ALA E 27 -63.71 48.62 42.90
CA ALA E 27 -62.59 47.86 43.45
C ALA E 27 -61.48 48.77 43.95
N MET E 28 -61.38 49.99 43.43
CA MET E 28 -60.36 50.93 43.90
C MET E 28 -60.64 51.34 45.34
N ALA E 29 -61.85 51.85 45.60
CA ALA E 29 -62.19 52.33 46.94
C ALA E 29 -62.37 51.20 47.94
N ALA E 30 -62.55 49.97 47.47
CA ALA E 30 -62.73 48.85 48.39
C ALA E 30 -61.48 48.59 49.23
N LEU E 31 -60.29 48.88 48.68
CA LEU E 31 -59.05 48.69 49.41
C LEU E 31 -58.88 49.72 50.53
N PHE E 32 -59.64 50.80 50.51
CA PHE E 32 -59.48 51.89 51.45
C PHE E 32 -60.51 51.81 52.57
N ALA E 33 -60.12 52.31 53.74
CA ALA E 33 -61.06 52.52 54.82
C ALA E 33 -62.02 53.64 54.44
N PRO E 34 -63.21 53.69 55.06
CA PRO E 34 -64.17 54.75 54.72
C PRO E 34 -63.61 56.16 54.91
N ASP E 35 -62.67 56.35 55.82
CA ASP E 35 -62.10 57.66 56.10
C ASP E 35 -60.77 57.89 55.40
N ALA E 36 -60.35 56.98 54.52
CA ALA E 36 -59.03 57.08 53.91
C ALA E 36 -58.92 58.32 53.04
N SER E 37 -57.73 58.92 53.03
CA SER E 37 -57.46 60.14 52.28
C SER E 37 -56.28 59.91 51.34
N ILE E 38 -56.45 60.29 50.08
CA ILE E 38 -55.40 60.23 49.08
C ILE E 38 -54.92 61.65 48.83
N VAL E 39 -53.63 61.89 49.07
CA VAL E 39 -53.04 63.22 48.92
C VAL E 39 -52.09 63.16 47.74
N VAL E 40 -52.43 63.86 46.66
CA VAL E 40 -51.61 63.91 45.46
C VAL E 40 -50.71 65.12 45.53
N LEU E 41 -49.41 64.92 45.33
CA LEU E 41 -48.42 65.99 45.42
C LEU E 41 -47.56 66.01 44.17
N ASP E 42 -47.11 67.20 43.79
CA ASP E 42 -46.21 67.40 42.66
C ASP E 42 -44.80 67.51 43.22
N ALA E 43 -44.02 66.44 43.09
CA ALA E 43 -42.67 66.37 43.62
C ALA E 43 -41.61 66.69 42.58
N VAL E 44 -41.97 67.46 41.54
CA VAL E 44 -41.00 67.86 40.53
C VAL E 44 -39.95 68.76 41.18
N GLY E 45 -38.69 68.31 41.18
CA GLY E 45 -37.64 69.04 41.82
C GLY E 45 -37.49 68.76 43.30
N GLY E 46 -38.14 67.72 43.82
CA GLY E 46 -38.06 67.38 45.22
C GLY E 46 -39.02 68.12 46.13
N ALA E 47 -39.94 68.90 45.58
CA ALA E 47 -40.87 69.66 46.39
C ALA E 47 -42.04 68.79 46.85
N SER E 48 -43.10 69.41 47.35
CA SER E 48 -44.29 68.70 47.76
C SER E 48 -45.52 69.58 47.63
N LYS E 49 -45.67 70.24 46.48
CA LYS E 49 -46.82 71.11 46.26
C LYS E 49 -48.10 70.28 46.14
N PRO E 50 -49.19 70.66 46.78
CA PRO E 50 -50.41 69.83 46.73
C PRO E 50 -51.11 69.95 45.38
N ILE E 51 -51.41 68.80 44.79
CA ILE E 51 -52.20 68.75 43.56
C ILE E 51 -53.68 68.58 43.87
N SER E 52 -54.00 67.57 44.68
CA SER E 52 -55.38 67.28 45.05
C SER E 52 -55.37 66.45 46.32
N VAL E 53 -56.46 66.55 47.08
CA VAL E 53 -56.64 65.79 48.33
C VAL E 53 -58.04 65.20 48.29
N LEU E 54 -58.12 63.88 48.12
CA LEU E 54 -59.39 63.17 48.09
C LEU E 54 -59.66 62.59 49.47
N HIS E 55 -60.88 62.82 49.98
CA HIS E 55 -61.25 62.40 51.33
C HIS E 55 -62.48 61.50 51.25
N GLY E 56 -62.32 60.25 51.63
CA GLY E 56 -63.42 59.31 51.68
C GLY E 56 -63.49 58.42 50.44
N ARG E 57 -64.24 57.33 50.56
CA ARG E 57 -64.45 56.43 49.43
C ARG E 57 -65.21 57.12 48.31
N ASP E 58 -66.11 58.05 48.64
CA ASP E 58 -66.86 58.76 47.62
C ASP E 58 -65.94 59.55 46.70
N ALA E 59 -65.05 60.36 47.28
CA ALA E 59 -64.12 61.14 46.48
C ALA E 59 -63.14 60.25 45.72
N ILE E 60 -62.83 59.08 46.25
CA ILE E 60 -61.93 58.16 45.56
C ILE E 60 -62.61 57.55 44.34
N ARG E 61 -63.89 57.16 44.49
CA ARG E 61 -64.62 56.62 43.35
C ARG E 61 -64.78 57.67 42.26
N VAL E 62 -65.14 58.89 42.64
CA VAL E 62 -65.34 59.96 41.66
C VAL E 62 -64.02 60.27 40.94
N ALA E 63 -62.91 60.26 41.67
CA ALA E 63 -61.62 60.61 41.07
C ALA E 63 -61.24 59.64 39.95
N VAL E 64 -61.56 58.35 40.12
CA VAL E 64 -61.22 57.37 39.10
C VAL E 64 -61.97 57.65 37.81
N ARG E 65 -63.22 58.09 37.93
CA ARG E 65 -64.01 58.37 36.73
C ARG E 65 -63.58 59.66 36.05
N GLN E 66 -63.04 60.62 36.80
CA GLN E 66 -62.72 61.94 36.29
C GLN E 66 -61.23 62.16 36.11
N MET E 67 -60.44 62.06 37.19
CA MET E 67 -59.03 62.46 37.17
C MET E 67 -58.16 61.55 36.32
N MET E 68 -58.71 60.53 35.67
CA MET E 68 -57.96 59.71 34.72
C MET E 68 -58.89 59.31 33.58
N ALA E 69 -58.41 59.45 32.36
CA ALA E 69 -59.24 59.21 31.19
C ALA E 69 -59.36 57.71 30.90
N PRO E 70 -60.56 57.24 30.57
CA PRO E 70 -60.71 55.82 30.23
C PRO E 70 -60.02 55.49 28.92
N HIS E 71 -59.77 54.20 28.73
CA HIS E 71 -59.00 53.73 27.58
C HIS E 71 -59.83 53.79 26.30
N GLY E 72 -59.17 54.10 25.19
CA GLY E 72 -59.80 54.10 23.90
C GLY E 72 -59.93 52.70 23.33
N TYR E 73 -60.24 52.64 22.04
CA TYR E 73 -60.40 51.36 21.37
C TYR E 73 -59.05 50.66 21.25
N ARG E 74 -58.99 49.43 21.76
CA ARG E 74 -57.76 48.63 21.75
C ARG E 74 -56.63 49.32 22.50
N ALA E 75 -56.97 49.94 23.64
CA ALA E 75 -56.00 50.63 24.47
C ALA E 75 -56.06 50.10 25.89
N TRP E 76 -54.95 50.23 26.60
CA TRP E 76 -54.84 49.74 27.97
C TRP E 76 -53.64 50.42 28.62
N SER E 77 -53.40 50.09 29.89
CA SER E 77 -52.28 50.66 30.62
C SER E 77 -51.80 49.66 31.66
N GLN E 78 -50.57 49.86 32.12
CA GLN E 78 -50.00 49.04 33.19
C GLN E 78 -49.29 49.94 34.18
N ASN E 79 -49.73 49.90 35.44
CA ASN E 79 -49.13 50.71 36.50
C ASN E 79 -48.04 49.88 37.18
N VAL E 80 -46.85 49.91 36.58
CA VAL E 80 -45.72 49.12 37.04
C VAL E 80 -45.20 49.67 38.36
N VAL E 81 -45.62 49.07 39.47
CA VAL E 81 -45.13 49.41 40.79
C VAL E 81 -43.95 48.51 41.12
N ASN E 82 -42.92 49.07 41.73
CA ASN E 82 -41.68 48.33 41.94
C ASN E 82 -40.95 48.87 43.17
N ALA E 83 -40.01 48.05 43.66
CA ALA E 83 -39.13 48.37 44.78
C ALA E 83 -39.91 48.80 46.01
N PRO E 84 -40.61 47.88 46.68
CA PRO E 84 -41.38 48.27 47.86
C PRO E 84 -40.57 48.14 49.15
N VAL E 85 -40.78 49.09 50.04
CA VAL E 85 -40.18 49.09 51.38
C VAL E 85 -41.30 49.02 52.40
N ILE E 86 -41.29 47.98 53.23
CA ILE E 86 -42.37 47.70 54.17
C ILE E 86 -41.83 47.83 55.59
N HIS E 87 -42.58 48.52 56.45
CA HIS E 87 -42.29 48.61 57.87
C HIS E 87 -43.59 48.36 58.63
N ILE E 88 -43.64 47.26 59.37
CA ILE E 88 -44.82 46.90 60.16
C ILE E 88 -44.50 47.14 61.62
N HIS E 89 -45.32 47.96 62.28
CA HIS E 89 -45.19 48.25 63.70
C HIS E 89 -46.52 47.91 64.37
N GLY E 90 -46.66 46.66 64.80
CA GLY E 90 -47.87 46.21 65.46
C GLY E 90 -49.06 46.09 64.52
N ASP E 91 -50.07 46.93 64.75
CA ASP E 91 -51.29 46.91 63.95
C ASP E 91 -51.30 47.97 62.86
N THR E 92 -50.19 48.67 62.65
CA THR E 92 -50.06 49.64 61.59
C THR E 92 -48.99 49.19 60.61
N ALA E 93 -48.86 49.92 59.50
CA ALA E 93 -47.88 49.57 58.48
C ALA E 93 -47.60 50.79 57.62
N ARG E 94 -46.48 50.73 56.89
CA ARG E 94 -46.10 51.76 55.94
C ARG E 94 -45.42 51.10 54.76
N LEU E 95 -45.97 51.29 53.56
CA LEU E 95 -45.46 50.65 52.35
C LEU E 95 -45.10 51.72 51.34
N ASP E 96 -43.80 52.02 51.23
CA ASP E 96 -43.29 52.92 50.21
C ASP E 96 -42.93 52.10 48.98
N ALA E 97 -43.40 52.55 47.80
CA ALA E 97 -43.18 51.81 46.57
C ALA E 97 -43.21 52.77 45.39
N GLN E 98 -42.19 52.68 44.55
CA GLN E 98 -42.14 53.49 43.34
C GLN E 98 -43.12 52.96 42.30
N PHE E 99 -43.61 53.85 41.44
CA PHE E 99 -44.56 53.45 40.40
C PHE E 99 -44.19 54.13 39.08
N MET E 100 -44.62 53.50 37.99
CA MET E 100 -44.43 54.06 36.65
C MET E 100 -45.46 53.43 35.74
N VAL E 101 -46.40 54.23 35.25
CA VAL E 101 -47.47 53.74 34.40
C VAL E 101 -46.98 53.72 32.95
N PHE E 102 -47.56 52.84 32.15
CA PHE E 102 -47.22 52.70 30.74
C PHE E 102 -48.50 52.70 29.92
N SER E 103 -48.51 53.48 28.83
CA SER E 103 -49.64 53.46 27.91
C SER E 103 -49.47 52.32 26.91
N ILE E 104 -50.59 51.64 26.62
CA ILE E 104 -50.59 50.51 25.69
C ILE E 104 -51.63 50.79 24.62
N LEU E 105 -51.21 50.72 23.35
CA LEU E 105 -52.10 50.84 22.21
C LEU E 105 -51.88 49.64 21.31
N ALA E 106 -52.93 48.87 21.06
CA ALA E 106 -52.85 47.65 20.26
C ALA E 106 -53.22 47.97 18.81
N ALA E 107 -52.37 47.56 17.89
CA ALA E 107 -52.65 47.75 16.48
C ALA E 107 -53.77 46.82 16.02
N GLU E 108 -54.61 47.32 15.12
CA GLU E 108 -55.73 46.54 14.62
C GLU E 108 -55.25 45.53 13.58
N VAL E 109 -55.94 44.39 13.54
CA VAL E 109 -55.64 43.33 12.57
C VAL E 109 -56.05 43.82 11.19
N PRO E 110 -55.12 43.95 10.24
CA PRO E 110 -55.44 44.59 8.95
C PRO E 110 -55.95 43.62 7.90
N ASP E 111 -57.14 43.92 7.35
CA ASP E 111 -57.67 43.23 6.18
C ASP E 111 -57.75 41.73 6.38
N GLY E 112 -58.03 41.29 7.60
CA GLY E 112 -58.13 39.89 7.91
C GLY E 112 -56.83 39.13 7.74
N GLY E 113 -55.91 39.30 8.69
CA GLY E 113 -54.64 38.58 8.62
C GLY E 113 -53.46 39.54 8.55
N TRP E 114 -52.48 39.29 9.43
CA TRP E 114 -51.28 40.10 9.44
C TRP E 114 -50.46 39.84 8.17
N PRO E 115 -49.69 40.83 7.71
CA PRO E 115 -48.83 40.60 6.55
C PRO E 115 -47.77 39.55 6.84
N THR E 116 -47.51 38.71 5.85
CA THR E 116 -46.50 37.67 6.00
C THR E 116 -45.13 38.30 6.23
N GLY E 117 -44.37 37.71 7.16
CA GLY E 117 -43.14 38.30 7.61
C GLY E 117 -43.25 39.09 8.90
N THR E 118 -44.45 39.22 9.45
CA THR E 118 -44.68 39.92 10.71
C THR E 118 -44.79 38.86 11.81
N PHE E 119 -43.83 38.88 12.74
CA PHE E 119 -43.78 37.88 13.80
C PHE E 119 -43.66 38.47 15.20
N GLY E 120 -43.58 39.79 15.34
CA GLY E 120 -43.48 40.42 16.64
C GLY E 120 -44.82 41.00 17.10
N ALA E 121 -44.85 41.36 18.38
CA ALA E 121 -46.04 41.99 18.96
C ALA E 121 -46.24 43.36 18.32
N GLN E 122 -47.41 43.57 17.73
CA GLN E 122 -47.71 44.78 16.98
C GLN E 122 -48.48 45.75 17.88
N GLY E 123 -47.80 46.80 18.32
CA GLY E 123 -48.44 47.79 19.16
C GLY E 123 -47.48 48.91 19.49
N ARG E 124 -47.81 49.65 20.55
CA ARG E 124 -46.99 50.77 20.99
C ARG E 124 -47.13 50.92 22.49
N ILE E 125 -46.01 50.88 23.21
CA ILE E 125 -45.97 50.99 24.66
C ILE E 125 -45.04 52.14 25.02
N VAL E 126 -45.54 53.10 25.79
CA VAL E 126 -44.78 54.28 26.18
C VAL E 126 -45.06 54.64 27.63
N PRO E 127 -44.04 54.96 28.42
CA PRO E 127 -44.28 55.40 29.80
C PRO E 127 -44.81 56.83 29.84
N ILE E 128 -45.74 57.07 30.76
CA ILE E 128 -46.36 58.38 30.84
C ILE E 128 -45.99 59.04 32.15
N GLU E 129 -46.44 58.44 33.26
CA GLU E 129 -46.26 59.00 34.59
C GLU E 129 -45.23 58.19 35.36
N ALA E 130 -44.69 58.81 36.41
CA ALA E 130 -43.72 58.17 37.28
C ALA E 130 -43.68 58.92 38.61
N GLY E 131 -43.28 58.19 39.65
CA GLY E 131 -43.19 58.78 40.99
C GLY E 131 -43.12 57.68 42.05
N THR E 132 -43.61 58.02 43.24
CA THR E 132 -43.58 57.12 44.37
C THR E 132 -44.95 57.07 45.05
N TYR E 133 -45.27 55.89 45.59
CA TYR E 133 -46.45 55.69 46.41
C TYR E 133 -46.05 55.55 47.87
N THR E 134 -46.94 55.99 48.77
CA THR E 134 -46.73 55.87 50.20
C THR E 134 -48.05 55.50 50.84
N LEU E 135 -48.14 54.29 51.39
CA LEU E 135 -49.38 53.73 51.90
C LEU E 135 -49.26 53.51 53.41
N PHE E 136 -50.26 54.00 54.15
CA PHE E 136 -50.40 53.72 55.57
C PHE E 136 -51.60 52.81 55.78
N LEU E 137 -51.38 51.68 56.44
CA LEU E 137 -52.40 50.64 56.55
C LEU E 137 -52.65 50.29 58.00
N ARG E 138 -53.89 49.87 58.28
CA ARG E 138 -54.31 49.38 59.58
C ARG E 138 -54.76 47.93 59.44
N THR E 139 -55.00 47.29 60.58
CA THR E 139 -55.40 45.88 60.61
C THR E 139 -56.91 45.75 60.77
N VAL E 140 -57.52 44.99 59.88
CA VAL E 140 -58.92 44.59 60.00
C VAL E 140 -58.92 43.10 60.32
N PRO E 141 -60.03 42.52 60.81
CA PRO E 141 -59.99 41.11 61.21
C PRO E 141 -59.55 40.14 60.13
N ASP E 142 -59.67 40.49 58.85
CA ASP E 142 -59.31 39.56 57.77
C ASP E 142 -58.21 40.10 56.87
N GLY E 143 -57.47 41.12 57.31
CA GLY E 143 -56.37 41.62 56.52
C GLY E 143 -55.96 43.04 56.83
N TRP E 144 -55.74 43.85 55.78
CA TRP E 144 -55.31 45.22 55.93
C TRP E 144 -56.12 46.12 55.01
N VAL E 145 -56.37 47.34 55.47
CA VAL E 145 -57.03 48.37 54.67
C VAL E 145 -56.14 49.60 54.65
N ILE E 146 -56.28 50.40 53.60
CA ILE E 146 -55.49 51.61 53.45
C ILE E 146 -56.17 52.74 54.22
N ALA E 147 -55.41 53.40 55.08
CA ALA E 147 -55.92 54.53 55.85
C ALA E 147 -55.45 55.88 55.34
N HIS E 148 -54.38 55.91 54.54
CA HIS E 148 -53.84 57.14 53.99
C HIS E 148 -52.88 56.79 52.88
N MET E 149 -52.87 57.61 51.82
CA MET E 149 -51.98 57.40 50.69
C MET E 149 -51.45 58.73 50.19
N VAL E 150 -50.16 58.78 49.88
CA VAL E 150 -49.50 59.96 49.34
C VAL E 150 -48.91 59.58 47.98
N ILE E 151 -49.33 60.30 46.95
CA ILE E 151 -48.86 60.07 45.58
C ILE E 151 -48.05 61.28 45.17
N LYS E 152 -46.75 61.08 44.97
CA LYS E 152 -45.82 62.16 44.61
C LYS E 152 -45.38 61.95 43.17
N HIS E 153 -45.88 62.79 42.27
CA HIS E 153 -45.53 62.71 40.86
C HIS E 153 -44.24 63.46 40.57
N ARG E 154 -43.42 62.89 39.69
CA ARG E 154 -42.19 63.51 39.23
C ARG E 154 -42.36 64.21 37.89
N LEU E 155 -43.60 64.39 37.42
CA LEU E 155 -43.90 65.09 36.19
C LEU E 155 -45.11 65.98 36.45
N PRO E 156 -45.15 67.16 35.84
CA PRO E 156 -46.29 68.05 36.06
C PRO E 156 -47.57 67.46 35.49
N MET E 157 -48.63 67.49 36.30
CA MET E 157 -49.93 66.95 35.92
C MET E 157 -50.87 68.09 35.58
N ALA E 158 -51.51 68.01 34.42
CA ALA E 158 -52.44 69.03 33.97
C ALA E 158 -53.86 68.46 34.02
N PHE E 159 -54.76 69.19 34.67
CA PHE E 159 -56.15 68.76 34.79
C PHE E 159 -57.10 69.80 34.20
N MET F 3 -27.43 -21.22 7.06
CA MET F 3 -28.06 -19.93 6.82
C MET F 3 -28.27 -19.20 8.15
N ALA F 4 -28.53 -17.90 8.06
CA ALA F 4 -28.68 -17.08 9.26
C ALA F 4 -29.93 -17.46 10.04
N ASP F 5 -29.88 -17.24 11.35
CA ASP F 5 -31.02 -17.58 12.21
C ASP F 5 -32.22 -16.71 11.91
N GLU F 6 -32.00 -15.38 11.81
CA GLU F 6 -33.11 -14.48 11.52
C GLU F 6 -33.76 -14.78 10.18
N THR F 7 -32.96 -15.23 9.20
CA THR F 7 -33.52 -15.58 7.90
C THR F 7 -34.40 -16.82 8.00
N ILE F 8 -33.97 -17.83 8.75
CA ILE F 8 -34.77 -19.04 8.91
C ILE F 8 -36.08 -18.74 9.62
N ILE F 9 -36.04 -17.88 10.64
CA ILE F 9 -37.25 -17.55 11.39
C ILE F 9 -38.22 -16.78 10.50
N LEU F 10 -37.73 -15.83 9.71
CA LEU F 10 -38.59 -15.10 8.79
C LEU F 10 -39.14 -16.02 7.70
N ASN F 11 -38.40 -17.07 7.33
CA ASN F 11 -38.91 -18.03 6.37
C ASN F 11 -40.06 -18.84 6.94
N VAL F 12 -40.07 -19.06 8.25
CA VAL F 12 -41.22 -19.71 8.89
C VAL F 12 -42.46 -18.84 8.76
N LEU F 13 -42.29 -17.53 8.91
CA LEU F 13 -43.42 -16.61 8.78
C LEU F 13 -43.87 -16.49 7.34
N GLY F 14 -42.93 -16.48 6.40
CA GLY F 14 -43.30 -16.43 4.99
C GLY F 14 -44.03 -17.67 4.54
N GLN F 15 -43.57 -18.84 4.99
CA GLN F 15 -44.25 -20.09 4.65
C GLN F 15 -45.58 -20.24 5.35
N TYR F 16 -45.77 -19.57 6.49
CA TYR F 16 -47.09 -19.53 7.11
C TYR F 16 -48.08 -18.74 6.26
N THR F 17 -47.61 -17.70 5.57
CA THR F 17 -48.47 -16.93 4.68
C THR F 17 -48.88 -17.76 3.46
N ARG F 18 -47.93 -18.48 2.87
CA ARG F 18 -48.25 -19.32 1.72
C ARG F 18 -49.25 -20.40 2.10
N ALA F 19 -49.13 -20.96 3.30
CA ALA F 19 -50.10 -21.95 3.75
C ALA F 19 -51.44 -21.33 4.10
N HIS F 20 -51.43 -20.08 4.61
CA HIS F 20 -52.69 -19.42 4.96
C HIS F 20 -53.50 -19.07 3.73
N ASP F 21 -52.83 -18.72 2.63
CA ASP F 21 -53.55 -18.34 1.42
C ASP F 21 -53.95 -19.56 0.60
N ARG F 22 -53.12 -20.60 0.58
CA ARG F 22 -53.46 -21.83 -0.13
C ARG F 22 -54.46 -22.70 0.62
N ARG F 23 -54.75 -22.39 1.88
CA ARG F 23 -55.62 -23.20 2.72
C ARG F 23 -55.09 -24.63 2.81
N ASP F 24 -53.79 -24.76 3.10
CA ASP F 24 -53.14 -26.06 3.17
C ASP F 24 -52.93 -26.43 4.63
N PRO F 25 -53.80 -27.25 5.22
CA PRO F 25 -53.63 -27.57 6.65
C PRO F 25 -52.43 -28.44 6.95
N ASP F 26 -52.05 -29.33 6.03
CA ASP F 26 -50.85 -30.15 6.24
C ASP F 26 -49.60 -29.29 6.28
N ALA F 27 -49.52 -28.28 5.41
CA ALA F 27 -48.32 -27.45 5.34
C ALA F 27 -48.22 -26.50 6.53
N MET F 28 -49.35 -26.02 7.04
CA MET F 28 -49.30 -25.07 8.15
C MET F 28 -49.00 -25.77 9.48
N ALA F 29 -49.62 -26.93 9.71
CA ALA F 29 -49.39 -27.65 10.97
C ALA F 29 -47.96 -28.13 11.09
N ALA F 30 -47.27 -28.35 9.97
CA ALA F 30 -45.87 -28.76 10.01
C ALA F 30 -44.96 -27.67 10.56
N LEU F 31 -45.41 -26.41 10.53
CA LEU F 31 -44.60 -25.31 11.02
C LEU F 31 -44.61 -25.20 12.54
N PHE F 32 -45.57 -25.84 13.21
CA PHE F 32 -45.74 -25.74 14.65
C PHE F 32 -45.16 -26.96 15.35
N ALA F 33 -44.78 -26.75 16.61
CA ALA F 33 -44.40 -27.87 17.46
C ALA F 33 -45.62 -28.75 17.73
N PRO F 34 -45.41 -30.02 18.05
CA PRO F 34 -46.56 -30.91 18.30
C PRO F 34 -47.49 -30.44 19.41
N ASP F 35 -47.00 -29.60 20.32
CA ASP F 35 -47.81 -29.09 21.43
C ASP F 35 -47.96 -27.58 21.37
N ALA F 36 -47.94 -27.01 20.17
CA ALA F 36 -48.07 -25.57 20.02
C ALA F 36 -49.48 -25.12 20.36
N SER F 37 -49.62 -23.81 20.61
CA SER F 37 -50.89 -23.24 21.03
C SER F 37 -51.10 -21.90 20.32
N ILE F 38 -52.14 -21.82 19.50
CA ILE F 38 -52.56 -20.58 18.86
C ILE F 38 -53.70 -19.98 19.69
N VAL F 39 -53.55 -18.72 20.07
CA VAL F 39 -54.52 -18.04 20.92
C VAL F 39 -54.99 -16.80 20.15
N VAL F 40 -56.05 -16.96 19.35
CA VAL F 40 -56.62 -15.83 18.64
C VAL F 40 -57.35 -14.94 19.63
N LEU F 41 -56.94 -13.67 19.70
CA LEU F 41 -57.50 -12.71 20.64
C LEU F 41 -58.07 -11.52 19.89
N ASP F 42 -59.24 -11.06 20.32
CA ASP F 42 -59.80 -9.81 19.83
C ASP F 42 -59.12 -8.65 20.53
N ALA F 43 -58.88 -7.57 19.77
CA ALA F 43 -58.10 -6.46 20.31
C ALA F 43 -58.56 -5.11 19.80
N VAL F 44 -59.85 -4.97 19.50
CA VAL F 44 -60.39 -3.67 19.12
C VAL F 44 -60.55 -2.82 20.38
N GLY F 45 -59.69 -1.82 20.53
CA GLY F 45 -59.72 -0.98 21.71
C GLY F 45 -58.74 -1.43 22.78
N GLY F 46 -57.57 -1.92 22.36
CA GLY F 46 -56.54 -2.31 23.31
C GLY F 46 -56.98 -3.40 24.27
N ALA F 47 -57.83 -4.32 23.80
CA ALA F 47 -58.38 -5.36 24.64
C ALA F 47 -57.63 -6.67 24.44
N SER F 48 -58.11 -7.71 25.12
CA SER F 48 -57.54 -9.06 24.99
C SER F 48 -58.61 -10.11 25.20
N LYS F 49 -59.81 -9.83 24.71
CA LYS F 49 -60.91 -10.78 24.85
C LYS F 49 -60.65 -12.01 23.99
N PRO F 50 -60.77 -13.22 24.54
CA PRO F 50 -60.43 -14.42 23.76
C PRO F 50 -61.45 -14.68 22.65
N ILE F 51 -60.96 -15.30 21.58
CA ILE F 51 -61.80 -15.66 20.44
C ILE F 51 -61.77 -17.17 20.26
N SER F 52 -60.58 -17.72 20.01
CA SER F 52 -60.43 -19.16 19.81
C SER F 52 -59.02 -19.56 20.20
N VAL F 53 -58.91 -20.61 21.02
CA VAL F 53 -57.63 -21.11 21.49
C VAL F 53 -57.47 -22.55 21.01
N LEU F 54 -56.43 -22.80 20.22
CA LEU F 54 -56.12 -24.12 19.69
C LEU F 54 -54.90 -24.68 20.39
N HIS F 55 -54.90 -26.01 20.58
CA HIS F 55 -53.80 -26.68 21.26
C HIS F 55 -53.41 -27.92 20.47
N GLY F 56 -52.18 -27.94 19.97
CA GLY F 56 -51.67 -29.08 19.24
C GLY F 56 -51.83 -28.93 17.73
N ARG F 57 -51.12 -29.80 17.01
CA ARG F 57 -51.21 -29.80 15.55
C ARG F 57 -52.59 -30.23 15.07
N ASP F 58 -53.19 -31.21 15.75
CA ASP F 58 -54.49 -31.71 15.33
C ASP F 58 -55.55 -30.62 15.39
N ALA F 59 -55.56 -29.83 16.47
CA ALA F 59 -56.50 -28.72 16.57
C ALA F 59 -56.19 -27.63 15.55
N ILE F 60 -54.94 -27.54 15.11
CA ILE F 60 -54.58 -26.54 14.10
C ILE F 60 -55.03 -26.98 12.72
N ARG F 61 -54.85 -28.25 12.38
CA ARG F 61 -55.27 -28.76 11.07
C ARG F 61 -56.76 -28.57 10.86
N VAL F 62 -57.56 -28.96 11.86
CA VAL F 62 -59.01 -28.85 11.71
C VAL F 62 -59.45 -27.38 11.68
N ALA F 63 -58.69 -26.50 12.33
CA ALA F 63 -58.99 -25.08 12.33
C ALA F 63 -58.57 -24.39 11.04
N VAL F 64 -58.14 -25.14 10.04
CA VAL F 64 -57.89 -24.62 8.70
C VAL F 64 -59.01 -25.03 7.75
N ARG F 65 -59.50 -26.27 7.86
CA ARG F 65 -60.68 -26.67 7.12
C ARG F 65 -61.90 -25.86 7.54
N GLN F 66 -62.04 -25.61 8.84
CA GLN F 66 -63.03 -24.69 9.37
C GLN F 66 -62.33 -23.42 9.84
N MET F 67 -63.12 -22.46 10.33
CA MET F 67 -62.63 -21.15 10.77
C MET F 67 -61.97 -20.37 9.64
N MET F 68 -61.88 -20.96 8.45
CA MET F 68 -61.21 -20.34 7.31
C MET F 68 -62.01 -20.69 6.07
N ALA F 69 -62.61 -19.69 5.44
CA ALA F 69 -63.49 -19.91 4.31
C ALA F 69 -62.75 -20.58 3.16
N PRO F 70 -63.21 -21.73 2.68
CA PRO F 70 -62.53 -22.38 1.54
C PRO F 70 -62.57 -21.50 0.30
N HIS F 71 -61.40 -21.29 -0.30
CA HIS F 71 -61.32 -20.50 -1.53
C HIS F 71 -62.11 -21.17 -2.64
N GLY F 72 -62.99 -20.39 -3.28
CA GLY F 72 -63.84 -20.92 -4.32
C GLY F 72 -63.71 -20.11 -5.60
N TYR F 73 -64.16 -20.73 -6.69
CA TYR F 73 -64.15 -20.12 -8.01
C TYR F 73 -62.76 -19.61 -8.38
N ARG F 74 -62.67 -18.33 -8.72
CA ARG F 74 -61.40 -17.71 -9.09
C ARG F 74 -60.99 -16.66 -8.07
N ALA F 75 -60.83 -17.08 -6.82
CA ALA F 75 -60.52 -16.16 -5.72
C ALA F 75 -59.27 -16.63 -5.00
N TRP F 76 -58.53 -15.66 -4.45
CA TRP F 76 -57.33 -15.96 -3.69
C TRP F 76 -57.16 -14.91 -2.60
N SER F 77 -56.12 -15.07 -1.79
CA SER F 77 -55.83 -14.14 -0.71
C SER F 77 -54.35 -13.84 -0.68
N GLN F 78 -53.99 -12.76 0.00
CA GLN F 78 -52.60 -12.38 0.23
C GLN F 78 -52.48 -11.84 1.65
N ASN F 79 -51.92 -12.65 2.55
CA ASN F 79 -51.72 -12.27 3.94
C ASN F 79 -50.47 -11.41 4.01
N VAL F 80 -50.63 -10.10 3.80
CA VAL F 80 -49.50 -9.18 3.77
C VAL F 80 -48.89 -9.03 5.16
N VAL F 81 -47.75 -9.67 5.37
CA VAL F 81 -47.02 -9.56 6.63
C VAL F 81 -46.07 -8.37 6.53
N ASN F 82 -46.20 -7.42 7.45
CA ASN F 82 -45.45 -6.18 7.39
C ASN F 82 -44.77 -5.90 8.72
N ALA F 83 -43.66 -5.17 8.65
CA ALA F 83 -42.91 -4.65 9.78
C ALA F 83 -42.53 -5.75 10.77
N PRO F 84 -41.63 -6.67 10.40
CA PRO F 84 -41.24 -7.73 11.33
C PRO F 84 -40.21 -7.25 12.34
N VAL F 85 -40.44 -7.61 13.60
CA VAL F 85 -39.49 -7.36 14.69
C VAL F 85 -39.17 -8.70 15.34
N ILE F 86 -37.88 -9.01 15.47
CA ILE F 86 -37.45 -10.33 15.91
C ILE F 86 -36.30 -10.18 16.90
N HIS F 87 -36.42 -10.85 18.04
CA HIS F 87 -35.37 -10.90 19.05
C HIS F 87 -35.05 -12.34 19.36
N ILE F 88 -33.75 -12.68 19.32
CA ILE F 88 -33.28 -14.04 19.53
C ILE F 88 -32.56 -14.10 20.87
N HIS F 89 -32.88 -15.11 21.68
CA HIS F 89 -32.28 -15.29 23.01
C HIS F 89 -31.73 -16.72 23.11
N GLY F 90 -30.67 -16.99 22.35
CA GLY F 90 -30.06 -18.30 22.36
C GLY F 90 -30.84 -19.35 21.60
N ASP F 91 -31.34 -20.36 22.30
CA ASP F 91 -32.12 -21.43 21.69
C ASP F 91 -33.60 -21.09 21.59
N THR F 92 -33.98 -19.83 21.81
CA THR F 92 -35.37 -19.39 21.68
C THR F 92 -35.38 -18.02 21.03
N ALA F 93 -36.53 -17.65 20.47
CA ALA F 93 -36.68 -16.38 19.80
C ALA F 93 -38.14 -15.98 19.78
N ARG F 94 -38.37 -14.67 19.62
CA ARG F 94 -39.71 -14.11 19.54
C ARG F 94 -39.81 -13.25 18.28
N LEU F 95 -40.84 -13.51 17.49
CA LEU F 95 -41.08 -12.78 16.25
C LEU F 95 -42.40 -12.05 16.34
N ASP F 96 -42.40 -10.75 16.02
CA ASP F 96 -43.59 -9.92 16.06
C ASP F 96 -43.75 -9.24 14.69
N ALA F 97 -44.96 -9.33 14.14
CA ALA F 97 -45.21 -8.78 12.82
C ALA F 97 -46.66 -8.30 12.73
N GLN F 98 -46.91 -7.47 11.73
CA GLN F 98 -48.25 -6.98 11.42
C GLN F 98 -48.76 -7.68 10.16
N PHE F 99 -50.05 -7.96 10.13
CA PHE F 99 -50.63 -8.69 9.00
C PHE F 99 -51.89 -8.00 8.51
N MET F 100 -52.09 -8.03 7.20
CA MET F 100 -53.34 -7.63 6.56
C MET F 100 -53.70 -8.68 5.52
N VAL F 101 -54.95 -9.11 5.50
CA VAL F 101 -55.44 -10.10 4.56
C VAL F 101 -56.21 -9.38 3.46
N PHE F 102 -55.84 -9.64 2.21
CA PHE F 102 -56.47 -9.02 1.05
C PHE F 102 -57.29 -10.06 0.31
N SER F 103 -58.51 -9.68 -0.07
CA SER F 103 -59.37 -10.52 -0.89
C SER F 103 -59.05 -10.28 -2.36
N ILE F 104 -58.87 -11.37 -3.11
CA ILE F 104 -58.58 -11.30 -4.54
C ILE F 104 -59.70 -12.02 -5.26
N LEU F 105 -60.39 -11.32 -6.15
CA LEU F 105 -61.44 -11.90 -6.97
C LEU F 105 -61.12 -11.64 -8.44
N ALA F 106 -61.07 -12.71 -9.23
CA ALA F 106 -60.75 -12.62 -10.64
C ALA F 106 -62.02 -12.43 -11.45
N ALA F 107 -62.04 -11.39 -12.30
CA ALA F 107 -63.18 -11.17 -13.16
C ALA F 107 -63.22 -12.22 -14.26
N GLU F 108 -64.44 -12.62 -14.63
CA GLU F 108 -64.60 -13.62 -15.68
C GLU F 108 -64.12 -13.08 -17.01
N VAL F 109 -63.31 -13.87 -17.71
CA VAL F 109 -62.85 -13.50 -19.04
C VAL F 109 -63.98 -13.73 -20.04
N PRO F 110 -64.35 -12.74 -20.84
CA PRO F 110 -65.41 -12.94 -21.83
C PRO F 110 -65.05 -14.05 -22.81
N ASP F 111 -66.09 -14.73 -23.32
CA ASP F 111 -65.86 -15.84 -24.23
C ASP F 111 -65.15 -15.38 -25.50
N GLY F 112 -65.63 -14.31 -26.12
CA GLY F 112 -64.98 -13.78 -27.30
C GLY F 112 -63.66 -13.10 -27.05
N GLY F 113 -63.35 -12.80 -25.80
CA GLY F 113 -62.12 -12.11 -25.44
C GLY F 113 -62.39 -10.78 -24.77
N TRP F 114 -61.31 -10.23 -24.20
CA TRP F 114 -61.40 -8.94 -23.56
C TRP F 114 -61.69 -7.84 -24.58
N PRO F 115 -62.43 -6.81 -24.18
CA PRO F 115 -62.64 -5.67 -25.09
C PRO F 115 -61.32 -5.01 -25.45
N THR F 116 -61.28 -4.42 -26.66
CA THR F 116 -60.04 -3.81 -27.15
C THR F 116 -59.61 -2.62 -26.32
N GLY F 117 -60.54 -1.96 -25.62
CA GLY F 117 -60.19 -0.78 -24.85
C GLY F 117 -59.50 -1.08 -23.53
N THR F 118 -59.86 -2.19 -22.89
CA THR F 118 -59.27 -2.53 -21.60
C THR F 118 -57.79 -2.89 -21.76
N PHE F 119 -57.00 -2.51 -20.75
CA PHE F 119 -55.55 -2.74 -20.80
C PHE F 119 -54.94 -3.19 -19.48
N GLY F 120 -55.50 -2.84 -18.33
CA GLY F 120 -54.94 -3.24 -17.06
C GLY F 120 -55.44 -4.59 -16.58
N ALA F 121 -55.01 -4.96 -15.38
CA ALA F 121 -55.48 -6.19 -14.77
C ALA F 121 -56.96 -6.05 -14.40
N GLN F 122 -57.75 -7.05 -14.78
CA GLN F 122 -59.19 -7.01 -14.63
C GLN F 122 -59.59 -7.89 -13.45
N GLY F 123 -59.96 -7.25 -12.35
CA GLY F 123 -60.36 -7.97 -11.15
C GLY F 123 -60.61 -7.00 -10.03
N ARG F 124 -60.80 -7.56 -8.83
CA ARG F 124 -61.04 -6.77 -7.64
C ARG F 124 -60.13 -7.23 -6.52
N ILE F 125 -59.50 -6.27 -5.84
CA ILE F 125 -58.67 -6.53 -4.67
C ILE F 125 -59.14 -5.61 -3.55
N VAL F 126 -59.44 -6.19 -2.39
CA VAL F 126 -59.98 -5.42 -1.27
C VAL F 126 -59.45 -5.99 0.05
N PRO F 127 -58.99 -5.15 0.96
CA PRO F 127 -58.56 -5.66 2.27
C PRO F 127 -59.75 -6.11 3.10
N ILE F 128 -59.52 -7.14 3.93
CA ILE F 128 -60.57 -7.69 4.76
C ILE F 128 -60.19 -7.58 6.23
N GLU F 129 -59.08 -8.20 6.60
CA GLU F 129 -58.67 -8.30 8.00
C GLU F 129 -57.33 -7.61 8.22
N ALA F 130 -57.07 -7.28 9.48
CA ALA F 130 -55.83 -6.63 9.87
C ALA F 130 -55.56 -6.93 11.33
N GLY F 131 -54.29 -6.85 11.70
CA GLY F 131 -53.90 -7.10 13.09
C GLY F 131 -52.40 -7.35 13.19
N THR F 132 -52.03 -8.12 14.21
CA THR F 132 -50.64 -8.41 14.51
C THR F 132 -50.45 -9.86 14.88
N TYR F 133 -49.42 -10.47 14.31
CA TYR F 133 -48.97 -11.80 14.71
C TYR F 133 -47.81 -11.68 15.69
N THR F 134 -47.81 -12.54 16.70
CA THR F 134 -46.71 -12.62 17.66
C THR F 134 -46.33 -14.08 17.84
N LEU F 135 -45.12 -14.43 17.46
CA LEU F 135 -44.67 -15.82 17.43
C LEU F 135 -43.56 -16.03 18.45
N PHE F 136 -43.60 -17.18 19.12
CA PHE F 136 -42.54 -17.63 20.02
C PHE F 136 -41.99 -18.94 19.48
N LEU F 137 -40.75 -18.90 19.01
CA LEU F 137 -40.14 -20.04 18.32
C LEU F 137 -39.03 -20.64 19.16
N ARG F 138 -38.91 -21.97 19.10
CA ARG F 138 -37.82 -22.69 19.74
C ARG F 138 -37.00 -23.40 18.67
N THR F 139 -35.76 -23.75 19.03
CA THR F 139 -34.84 -24.33 18.08
C THR F 139 -35.14 -25.81 17.86
N VAL F 140 -34.83 -26.28 16.66
CA VAL F 140 -35.10 -27.65 16.23
C VAL F 140 -33.96 -28.08 15.32
N PRO F 141 -33.52 -29.36 15.37
CA PRO F 141 -32.40 -29.81 14.52
C PRO F 141 -32.44 -29.33 13.08
N ASP F 142 -33.65 -29.24 12.50
CA ASP F 142 -33.77 -28.68 11.15
C ASP F 142 -33.52 -27.18 11.16
N GLY F 143 -34.36 -26.44 11.89
CA GLY F 143 -34.21 -25.00 12.00
C GLY F 143 -34.98 -24.42 13.17
N TRP F 144 -36.13 -23.84 12.90
CA TRP F 144 -36.99 -23.28 13.94
C TRP F 144 -38.42 -23.74 13.71
N VAL F 145 -39.17 -23.89 14.81
CA VAL F 145 -40.58 -24.21 14.78
C VAL F 145 -41.32 -23.25 15.71
N ILE F 146 -42.62 -23.13 15.49
CA ILE F 146 -43.46 -22.25 16.30
C ILE F 146 -43.95 -23.02 17.51
N ALA F 147 -43.56 -22.55 18.70
CA ALA F 147 -44.00 -23.16 19.94
C ALA F 147 -45.21 -22.48 20.55
N HIS F 148 -45.51 -21.25 20.13
CA HIS F 148 -46.65 -20.49 20.65
C HIS F 148 -46.89 -19.31 19.73
N MET F 149 -48.17 -18.96 19.56
CA MET F 149 -48.54 -17.85 18.70
C MET F 149 -49.85 -17.24 19.19
N VAL F 150 -49.90 -15.91 19.20
CA VAL F 150 -51.12 -15.18 19.50
C VAL F 150 -51.43 -14.27 18.33
N ILE F 151 -52.72 -14.13 18.01
CA ILE F 151 -53.18 -13.36 16.87
C ILE F 151 -54.17 -12.32 17.39
N LYS F 152 -53.81 -11.05 17.28
CA LYS F 152 -54.65 -9.94 17.73
C LYS F 152 -55.36 -9.36 16.51
N HIS F 153 -56.67 -9.56 16.44
CA HIS F 153 -57.48 -8.99 15.38
C HIS F 153 -57.98 -7.61 15.80
N ARG F 154 -57.72 -6.61 14.96
CA ARG F 154 -58.15 -5.25 15.22
C ARG F 154 -59.45 -4.91 14.52
N LEU F 155 -60.11 -5.90 13.91
CA LEU F 155 -61.46 -5.80 13.41
C LEU F 155 -62.35 -6.81 14.10
N PRO F 156 -63.61 -6.48 14.38
CA PRO F 156 -64.50 -7.42 15.09
C PRO F 156 -64.74 -8.66 14.26
N MET F 157 -64.30 -9.80 14.78
CA MET F 157 -64.48 -11.09 14.11
C MET F 157 -65.83 -11.67 14.47
N ALA F 158 -66.60 -12.06 13.46
CA ALA F 158 -67.87 -12.72 13.63
C ALA F 158 -67.79 -14.14 13.08
N PHE F 159 -68.67 -15.01 13.56
CA PHE F 159 -68.71 -16.40 13.11
C PHE F 159 -70.14 -16.87 12.92
N MET G 3 12.75 -27.17 2.92
CA MET G 3 13.06 -26.63 1.60
C MET G 3 11.97 -27.01 0.61
N ALA G 4 11.78 -26.18 -0.41
CA ALA G 4 10.69 -26.38 -1.36
C ALA G 4 10.85 -27.70 -2.12
N ASP G 5 9.72 -28.32 -2.45
CA ASP G 5 9.75 -29.60 -3.14
C ASP G 5 10.26 -29.47 -4.56
N GLU G 6 9.87 -28.40 -5.26
CA GLU G 6 10.35 -28.19 -6.62
C GLU G 6 11.86 -28.03 -6.66
N THR G 7 12.43 -27.36 -5.65
CA THR G 7 13.88 -27.22 -5.59
C THR G 7 14.57 -28.56 -5.37
N ILE G 8 14.01 -29.39 -4.48
CA ILE G 8 14.61 -30.68 -4.19
C ILE G 8 14.55 -31.58 -5.42
N ILE G 9 13.46 -31.50 -6.19
CA ILE G 9 13.36 -32.29 -7.41
C ILE G 9 14.37 -31.81 -8.45
N LEU G 10 14.56 -30.49 -8.56
CA LEU G 10 15.59 -29.96 -9.44
C LEU G 10 16.99 -30.32 -8.95
N ASN G 11 17.15 -30.49 -7.64
CA ASN G 11 18.44 -30.90 -7.10
C ASN G 11 18.79 -32.33 -7.54
N VAL G 12 17.78 -33.20 -7.62
CA VAL G 12 18.01 -34.55 -8.12
C VAL G 12 18.44 -34.51 -9.58
N LEU G 13 17.82 -33.62 -10.37
CA LEU G 13 18.24 -33.44 -11.76
C LEU G 13 19.65 -32.86 -11.84
N GLY G 14 19.99 -31.96 -10.91
CA GLY G 14 21.32 -31.38 -10.92
C GLY G 14 22.39 -32.41 -10.64
N GLN G 15 22.26 -33.15 -9.54
CA GLN G 15 23.24 -34.16 -9.19
C GLN G 15 23.31 -35.30 -10.20
N TYR G 16 22.28 -35.48 -11.01
CA TYR G 16 22.34 -36.46 -12.09
C TYR G 16 23.37 -36.06 -13.13
N THR G 17 23.36 -34.78 -13.54
CA THR G 17 24.31 -34.31 -14.54
C THR G 17 25.74 -34.33 -14.01
N ARG G 18 25.92 -34.13 -12.71
CA ARG G 18 27.25 -34.20 -12.13
C ARG G 18 27.78 -35.63 -12.16
N ALA G 19 26.92 -36.61 -11.86
CA ALA G 19 27.33 -38.01 -11.95
C ALA G 19 27.43 -38.46 -13.40
N HIS G 20 26.65 -37.85 -14.30
CA HIS G 20 26.75 -38.19 -15.71
C HIS G 20 28.07 -37.73 -16.30
N ASP G 21 28.57 -36.58 -15.84
CA ASP G 21 29.84 -36.07 -16.36
C ASP G 21 31.03 -36.66 -15.62
N ARG G 22 30.89 -36.92 -14.32
CA ARG G 22 31.96 -37.53 -13.55
C ARG G 22 32.07 -39.03 -13.77
N ARG G 23 31.12 -39.63 -14.49
CA ARG G 23 31.09 -41.07 -14.75
C ARG G 23 31.06 -41.86 -13.44
N ASP G 24 30.23 -41.40 -12.50
CA ASP G 24 30.13 -42.04 -11.19
C ASP G 24 28.91 -42.95 -11.17
N PRO G 25 29.10 -44.28 -11.19
CA PRO G 25 27.92 -45.16 -11.15
C PRO G 25 27.26 -45.25 -9.78
N ASP G 26 28.03 -45.13 -8.70
CA ASP G 26 27.44 -45.20 -7.36
C ASP G 26 26.55 -44.01 -7.09
N ALA G 27 27.03 -42.80 -7.36
CA ALA G 27 26.20 -41.61 -7.19
C ALA G 27 25.06 -41.57 -8.17
N MET G 28 25.20 -42.25 -9.32
CA MET G 28 24.13 -42.31 -10.30
C MET G 28 22.96 -43.15 -9.78
N ALA G 29 23.23 -44.41 -9.43
CA ALA G 29 22.18 -45.31 -8.97
C ALA G 29 21.60 -44.88 -7.63
N ALA G 30 22.33 -44.10 -6.83
CA ALA G 30 21.81 -43.64 -5.55
C ALA G 30 20.63 -42.70 -5.72
N LEU G 31 20.46 -42.11 -6.91
CA LEU G 31 19.33 -41.23 -7.18
C LEU G 31 18.07 -41.99 -7.58
N PHE G 32 18.18 -43.30 -7.84
CA PHE G 32 17.07 -44.09 -8.33
C PHE G 32 16.58 -45.05 -7.25
N ALA G 33 15.27 -45.34 -7.30
CA ALA G 33 14.69 -46.34 -6.43
C ALA G 33 15.23 -47.73 -6.81
N PRO G 34 15.22 -48.68 -5.87
CA PRO G 34 15.70 -50.03 -6.20
C PRO G 34 14.96 -50.70 -7.34
N ASP G 35 13.73 -50.26 -7.64
CA ASP G 35 12.95 -50.82 -8.75
C ASP G 35 12.75 -49.81 -9.87
N ALA G 36 13.69 -48.87 -10.02
CA ALA G 36 13.58 -47.86 -11.05
C ALA G 36 13.91 -48.44 -12.42
N SER G 37 13.21 -47.96 -13.44
CA SER G 37 13.38 -48.43 -14.81
C SER G 37 13.69 -47.24 -15.71
N ILE G 38 14.74 -47.38 -16.52
CA ILE G 38 15.16 -46.34 -17.46
C ILE G 38 14.99 -46.89 -18.88
N VAL G 39 14.32 -46.13 -19.72
CA VAL G 39 14.05 -46.53 -21.11
C VAL G 39 14.67 -45.49 -22.03
N VAL G 40 15.71 -45.87 -22.75
CA VAL G 40 16.34 -45.04 -23.76
C VAL G 40 15.80 -45.46 -25.11
N LEU G 41 15.38 -44.48 -25.92
CA LEU G 41 14.79 -44.77 -27.21
C LEU G 41 15.31 -43.78 -28.25
N ASP G 42 15.10 -44.13 -29.52
CA ASP G 42 15.64 -43.40 -30.65
C ASP G 42 15.05 -41.99 -30.76
N ALA G 43 13.77 -41.91 -31.15
CA ALA G 43 13.04 -40.64 -31.24
C ALA G 43 13.64 -39.69 -32.28
N VAL G 44 14.12 -40.24 -33.38
CA VAL G 44 14.60 -39.44 -34.50
C VAL G 44 13.41 -39.17 -35.41
N GLY G 45 12.98 -37.91 -35.47
CA GLY G 45 11.81 -37.54 -36.24
C GLY G 45 10.49 -37.80 -35.56
N GLY G 46 10.49 -38.04 -34.24
CA GLY G 46 9.28 -38.32 -33.51
C GLY G 46 8.97 -39.79 -33.29
N ALA G 47 9.93 -40.67 -33.52
CA ALA G 47 9.71 -42.11 -33.38
C ALA G 47 9.92 -42.52 -31.92
N SER G 48 10.04 -43.84 -31.70
CA SER G 48 10.25 -44.36 -30.35
C SER G 48 10.78 -45.79 -30.41
N LYS G 49 11.90 -45.99 -31.08
CA LYS G 49 12.50 -47.32 -31.17
C LYS G 49 13.31 -47.60 -29.91
N PRO G 50 13.09 -48.74 -29.24
CA PRO G 50 13.76 -48.98 -27.97
C PRO G 50 15.26 -49.24 -28.13
N ILE G 51 16.03 -48.73 -27.18
CA ILE G 51 17.48 -48.93 -27.14
C ILE G 51 17.89 -49.67 -25.86
N SER G 52 17.35 -49.26 -24.71
CA SER G 52 17.67 -49.86 -23.43
C SER G 52 16.39 -50.14 -22.66
N VAL G 53 16.50 -51.03 -21.67
CA VAL G 53 15.37 -51.44 -20.85
C VAL G 53 15.73 -51.35 -19.37
N LEU G 54 16.85 -51.94 -18.99
CA LEU G 54 17.39 -51.90 -17.64
C LEU G 54 16.45 -52.53 -16.61
N HIS G 55 15.63 -51.71 -15.95
CA HIS G 55 14.67 -52.10 -14.92
C HIS G 55 15.35 -52.46 -13.59
N GLY G 56 16.64 -52.72 -13.62
CA GLY G 56 17.38 -53.12 -12.42
C GLY G 56 18.29 -52.00 -11.93
N ARG G 57 18.29 -51.79 -10.61
CA ARG G 57 19.18 -50.79 -10.03
C ARG G 57 20.64 -51.18 -10.20
N ASP G 58 20.95 -52.46 -10.00
CA ASP G 58 22.30 -52.94 -10.28
C ASP G 58 22.62 -52.87 -11.76
N ALA G 59 21.61 -53.02 -12.62
CA ALA G 59 21.82 -52.87 -14.05
C ALA G 59 22.11 -51.42 -14.42
N ILE G 60 21.53 -50.47 -13.70
CA ILE G 60 21.84 -49.06 -13.93
C ILE G 60 23.29 -48.78 -13.60
N ARG G 61 23.81 -49.40 -12.54
CA ARG G 61 25.22 -49.23 -12.19
C ARG G 61 26.14 -49.77 -13.27
N VAL G 62 25.73 -50.82 -13.96
CA VAL G 62 26.54 -51.37 -15.04
C VAL G 62 26.46 -50.50 -16.29
N ALA G 63 25.29 -49.90 -16.55
CA ALA G 63 25.14 -49.08 -17.75
C ALA G 63 26.09 -47.88 -17.75
N VAL G 64 26.44 -47.37 -16.56
CA VAL G 64 27.40 -46.28 -16.48
C VAL G 64 28.78 -46.75 -16.93
N ARG G 65 29.13 -48.00 -16.62
CA ARG G 65 30.45 -48.52 -16.94
C ARG G 65 30.60 -48.91 -18.41
N GLN G 66 29.50 -49.20 -19.10
CA GLN G 66 29.55 -49.72 -20.46
C GLN G 66 29.09 -48.69 -21.49
N MET G 67 27.88 -48.16 -21.34
CA MET G 67 27.34 -47.25 -22.35
C MET G 67 28.01 -45.89 -22.37
N MET G 68 28.84 -45.57 -21.38
CA MET G 68 29.55 -44.31 -21.33
C MET G 68 31.04 -44.57 -21.13
N ALA G 69 31.86 -43.95 -21.96
CA ALA G 69 33.31 -44.13 -21.87
C ALA G 69 33.91 -43.09 -20.92
N PRO G 70 34.84 -43.50 -20.07
CA PRO G 70 35.50 -42.53 -19.18
C PRO G 70 36.34 -41.54 -19.97
N HIS G 71 36.47 -40.35 -19.42
CA HIS G 71 37.16 -39.27 -20.12
C HIS G 71 38.65 -39.55 -20.22
N GLY G 72 39.30 -38.90 -21.18
CA GLY G 72 40.71 -39.08 -21.43
C GLY G 72 41.58 -38.36 -20.41
N TYR G 73 42.83 -38.12 -20.83
CA TYR G 73 43.79 -37.47 -19.93
C TYR G 73 43.37 -36.03 -19.63
N ARG G 74 43.04 -35.27 -20.67
CA ARG G 74 42.61 -33.89 -20.48
C ARG G 74 41.23 -33.68 -21.11
N ALA G 75 40.30 -34.58 -20.82
CA ALA G 75 38.95 -34.51 -21.36
C ALA G 75 37.94 -34.41 -20.23
N TRP G 76 36.75 -33.92 -20.57
CA TRP G 76 35.66 -33.76 -19.64
C TRP G 76 34.38 -33.55 -20.45
N SER G 77 33.25 -33.51 -19.75
CA SER G 77 31.96 -33.31 -20.40
C SER G 77 31.06 -32.47 -19.51
N GLN G 78 30.05 -31.87 -20.12
CA GLN G 78 29.06 -31.08 -19.39
C GLN G 78 27.69 -31.39 -19.99
N ASN G 79 26.88 -32.16 -19.26
CA ASN G 79 25.53 -32.49 -19.69
C ASN G 79 24.62 -31.30 -19.36
N VAL G 80 24.41 -30.44 -20.35
CA VAL G 80 23.63 -29.23 -20.15
C VAL G 80 22.15 -29.59 -20.25
N VAL G 81 21.44 -29.49 -19.13
CA VAL G 81 19.99 -29.73 -19.08
C VAL G 81 19.30 -28.40 -18.80
N ASN G 82 18.19 -28.17 -19.49
CA ASN G 82 17.54 -26.86 -19.42
C ASN G 82 16.04 -27.02 -19.68
N ALA G 83 15.33 -25.91 -19.53
CA ALA G 83 13.89 -25.83 -19.76
C ALA G 83 13.10 -26.91 -19.02
N PRO G 84 13.10 -26.87 -17.68
CA PRO G 84 12.36 -27.89 -16.93
C PRO G 84 10.88 -27.54 -16.80
N VAL G 85 10.06 -28.60 -16.75
CA VAL G 85 8.63 -28.50 -16.55
C VAL G 85 8.25 -29.50 -15.47
N ILE G 86 7.82 -29.01 -14.32
CA ILE G 86 7.56 -29.86 -13.15
C ILE G 86 6.05 -29.90 -12.92
N HIS G 87 5.54 -31.10 -12.67
CA HIS G 87 4.14 -31.31 -12.29
C HIS G 87 4.12 -32.20 -11.05
N ILE G 88 3.71 -31.64 -9.92
CA ILE G 88 3.69 -32.35 -8.64
C ILE G 88 2.26 -32.76 -8.33
N HIS G 89 2.06 -34.04 -8.02
CA HIS G 89 0.74 -34.59 -7.69
C HIS G 89 0.86 -35.34 -6.36
N GLY G 90 0.96 -34.59 -5.27
CA GLY G 90 1.05 -35.18 -3.95
C GLY G 90 2.38 -35.85 -3.68
N ASP G 91 2.36 -37.15 -3.44
CA ASP G 91 3.57 -37.93 -3.17
C ASP G 91 4.28 -38.37 -4.44
N THR G 92 3.81 -37.95 -5.61
CA THR G 92 4.45 -38.26 -6.88
C THR G 92 4.69 -36.96 -7.63
N ALA G 93 5.57 -37.04 -8.64
CA ALA G 93 5.91 -35.88 -9.45
C ALA G 93 6.34 -36.35 -10.83
N ARG G 94 6.56 -35.39 -11.73
CA ARG G 94 7.01 -35.68 -13.08
C ARG G 94 7.81 -34.49 -13.59
N LEU G 95 9.11 -34.65 -13.70
CA LEU G 95 9.99 -33.62 -14.23
C LEU G 95 10.33 -33.92 -15.69
N ASP G 96 10.18 -32.92 -16.54
CA ASP G 96 10.52 -33.02 -17.95
C ASP G 96 11.47 -31.89 -18.31
N ALA G 97 12.59 -32.23 -18.94
CA ALA G 97 13.61 -31.24 -19.23
C ALA G 97 14.40 -31.64 -20.46
N GLN G 98 14.78 -30.65 -21.25
CA GLN G 98 15.61 -30.86 -22.43
C GLN G 98 17.08 -30.93 -22.01
N PHE G 99 17.85 -31.78 -22.69
CA PHE G 99 19.26 -31.93 -22.39
C PHE G 99 20.07 -31.86 -23.69
N MET G 100 21.36 -31.57 -23.53
CA MET G 100 22.29 -31.53 -24.65
C MET G 100 23.69 -31.68 -24.09
N VAL G 101 24.34 -32.80 -24.41
CA VAL G 101 25.65 -33.11 -23.86
C VAL G 101 26.73 -32.38 -24.65
N PHE G 102 27.70 -31.80 -23.94
CA PHE G 102 28.82 -31.11 -24.54
C PHE G 102 30.11 -31.82 -24.15
N SER G 103 30.98 -32.03 -25.14
CA SER G 103 32.29 -32.60 -24.89
C SER G 103 33.32 -31.49 -24.69
N ILE G 104 34.22 -31.71 -23.74
CA ILE G 104 35.24 -30.72 -23.38
C ILE G 104 36.61 -31.37 -23.52
N LEU G 105 37.49 -30.74 -24.29
CA LEU G 105 38.86 -31.18 -24.45
C LEU G 105 39.78 -29.99 -24.20
N ALA G 106 40.79 -30.19 -23.36
CA ALA G 106 41.72 -29.14 -22.99
C ALA G 106 43.05 -29.34 -23.70
N ALA G 107 43.68 -28.22 -24.05
CA ALA G 107 44.97 -28.24 -24.72
C ALA G 107 46.11 -28.32 -23.71
N GLU G 108 47.22 -28.91 -24.14
CA GLU G 108 48.38 -29.08 -23.28
C GLU G 108 49.23 -27.82 -23.29
N VAL G 109 49.77 -27.47 -22.13
CA VAL G 109 50.65 -26.32 -21.98
C VAL G 109 52.00 -26.66 -22.60
N PRO G 110 52.45 -25.94 -23.62
CA PRO G 110 53.68 -26.33 -24.32
C PRO G 110 54.94 -25.73 -23.71
N ASP G 111 55.87 -26.61 -23.32
CA ASP G 111 57.22 -26.22 -22.85
C ASP G 111 57.06 -25.32 -21.62
N GLY G 112 57.60 -24.10 -21.64
CA GLY G 112 57.53 -23.24 -20.47
C GLY G 112 56.20 -22.55 -20.26
N GLY G 113 55.31 -22.59 -21.25
CA GLY G 113 54.02 -21.97 -21.11
C GLY G 113 53.44 -21.61 -22.46
N TRP G 114 52.29 -20.95 -22.40
CA TRP G 114 51.63 -20.53 -23.62
C TRP G 114 52.41 -19.40 -24.29
N PRO G 115 52.32 -19.29 -25.62
CA PRO G 115 53.05 -18.22 -26.31
C PRO G 115 52.64 -16.85 -25.81
N THR G 116 53.63 -15.97 -25.66
CA THR G 116 53.38 -14.63 -25.15
C THR G 116 52.40 -13.88 -26.06
N GLY G 117 51.32 -13.39 -25.46
CA GLY G 117 50.25 -12.74 -26.20
C GLY G 117 48.98 -13.55 -26.31
N THR G 118 48.97 -14.78 -25.82
CA THR G 118 47.78 -15.61 -25.88
C THR G 118 46.75 -15.14 -24.87
N PHE G 119 45.48 -15.16 -25.28
CA PHE G 119 44.37 -14.74 -24.42
C PHE G 119 43.27 -15.79 -24.47
N GLY G 120 42.60 -15.96 -23.33
CA GLY G 120 41.43 -16.81 -23.28
C GLY G 120 41.75 -18.27 -23.03
N ALA G 121 40.69 -19.08 -23.11
CA ALA G 121 40.81 -20.52 -22.90
C ALA G 121 41.42 -21.18 -24.12
N GLN G 122 41.96 -22.38 -23.91
CA GLN G 122 42.63 -23.15 -24.96
C GLN G 122 42.04 -24.56 -24.95
N GLY G 123 41.18 -24.85 -25.92
CA GLY G 123 40.59 -26.17 -26.00
C GLY G 123 39.49 -26.21 -27.06
N ARG G 124 38.70 -27.28 -26.99
CA ARG G 124 37.64 -27.54 -27.95
C ARG G 124 36.37 -27.94 -27.20
N ILE G 125 35.27 -27.27 -27.51
CA ILE G 125 33.96 -27.56 -26.90
C ILE G 125 32.99 -27.85 -28.05
N VAL G 126 32.53 -29.10 -28.13
CA VAL G 126 31.65 -29.53 -29.22
C VAL G 126 30.46 -30.27 -28.65
N PRO G 127 29.23 -29.94 -29.04
CA PRO G 127 28.08 -30.72 -28.61
C PRO G 127 28.01 -32.04 -29.36
N ILE G 128 27.51 -33.07 -28.67
CA ILE G 128 27.43 -34.41 -29.26
C ILE G 128 25.98 -34.88 -29.25
N GLU G 129 25.40 -35.03 -28.06
CA GLU G 129 24.06 -35.56 -27.90
C GLU G 129 23.09 -34.44 -27.54
N ALA G 130 21.80 -34.73 -27.73
CA ALA G 130 20.72 -33.80 -27.41
C ALA G 130 19.41 -34.57 -27.44
N GLY G 131 18.47 -34.14 -26.59
CA GLY G 131 17.17 -34.77 -26.52
C GLY G 131 16.29 -34.27 -25.40
N THR G 132 15.61 -35.17 -24.70
CA THR G 132 14.65 -34.79 -23.67
C THR G 132 14.61 -35.84 -22.59
N TYR G 133 14.89 -35.43 -21.35
CA TYR G 133 14.72 -36.28 -20.19
C TYR G 133 13.29 -36.16 -19.67
N THR G 134 12.80 -37.24 -19.07
CA THR G 134 11.43 -37.28 -18.51
C THR G 134 11.51 -38.08 -17.20
N LEU G 135 11.81 -37.37 -16.11
CA LEU G 135 11.99 -38.01 -14.81
C LEU G 135 10.66 -38.10 -14.08
N PHE G 136 10.38 -39.27 -13.51
CA PHE G 136 9.22 -39.49 -12.65
C PHE G 136 9.75 -39.86 -11.26
N LEU G 137 9.50 -39.00 -10.28
CA LEU G 137 10.04 -39.16 -8.95
C LEU G 137 8.94 -39.47 -7.94
N ARG G 138 9.29 -40.30 -6.95
CA ARG G 138 8.44 -40.62 -5.81
C ARG G 138 8.97 -39.90 -4.57
N THR G 139 8.48 -40.32 -3.41
CA THR G 139 8.80 -39.66 -2.15
C THR G 139 9.66 -40.58 -1.27
N VAL G 140 10.61 -39.97 -0.57
CA VAL G 140 11.51 -40.66 0.35
C VAL G 140 11.48 -39.87 1.66
N PRO G 141 11.71 -40.51 2.83
CA PRO G 141 11.68 -39.76 4.11
C PRO G 141 12.41 -38.43 4.13
N ASP G 142 13.44 -38.24 3.29
CA ASP G 142 14.17 -36.98 3.24
C ASP G 142 14.47 -36.65 1.77
N GLY G 143 13.45 -36.18 1.05
CA GLY G 143 13.61 -35.73 -0.32
C GLY G 143 12.76 -36.53 -1.29
N TRP G 144 13.28 -36.67 -2.51
CA TRP G 144 12.63 -37.41 -3.58
C TRP G 144 13.62 -38.37 -4.21
N VAL G 145 13.08 -39.44 -4.81
CA VAL G 145 13.88 -40.44 -5.50
C VAL G 145 13.24 -40.75 -6.84
N ILE G 146 14.08 -41.13 -7.80
CA ILE G 146 13.60 -41.44 -9.15
C ILE G 146 13.12 -42.88 -9.21
N ALA G 147 12.00 -43.10 -9.88
CA ALA G 147 11.45 -44.44 -10.08
C ALA G 147 11.28 -44.80 -11.55
N HIS G 148 11.43 -43.85 -12.47
CA HIS G 148 11.31 -44.11 -13.90
C HIS G 148 11.88 -42.92 -14.65
N MET G 149 12.51 -43.20 -15.79
CA MET G 149 13.13 -42.16 -16.60
C MET G 149 13.09 -42.57 -18.07
N VAL G 150 12.59 -41.67 -18.92
CA VAL G 150 12.56 -41.88 -20.36
C VAL G 150 13.54 -40.90 -20.99
N ILE G 151 14.56 -41.44 -21.67
CA ILE G 151 15.58 -40.65 -22.33
C ILE G 151 15.36 -40.76 -23.83
N LYS G 152 14.90 -39.66 -24.43
CA LYS G 152 14.65 -39.60 -25.87
C LYS G 152 15.80 -38.84 -26.53
N HIS G 153 16.46 -39.48 -27.48
CA HIS G 153 17.53 -38.83 -28.23
C HIS G 153 16.96 -38.14 -29.47
N ARG G 154 17.81 -37.32 -30.09
CA ARG G 154 17.48 -36.69 -31.36
C ARG G 154 18.49 -37.02 -32.46
N LEU G 155 19.51 -37.83 -32.15
CA LEU G 155 20.49 -38.29 -33.11
C LEU G 155 20.67 -39.79 -32.94
N PRO G 156 20.81 -40.54 -34.03
CA PRO G 156 20.95 -42.00 -33.91
C PRO G 156 22.23 -42.38 -33.19
N MET G 157 22.10 -43.24 -32.20
CA MET G 157 23.22 -43.71 -31.40
C MET G 157 23.72 -45.04 -31.95
N ALA G 158 25.04 -45.17 -32.05
CA ALA G 158 25.69 -46.37 -32.55
C ALA G 158 26.54 -46.98 -31.44
N PHE G 159 26.42 -48.29 -31.27
CA PHE G 159 27.19 -48.99 -30.25
C PHE G 159 28.09 -50.06 -30.86
N MET H 3 8.59 -13.19 -1.52
CA MET H 3 8.97 -14.07 -2.61
C MET H 3 9.90 -15.17 -2.11
N ALA H 4 9.86 -16.32 -2.77
CA ALA H 4 10.64 -17.47 -2.34
C ALA H 4 12.14 -17.16 -2.36
N ASP H 5 12.86 -17.77 -1.42
CA ASP H 5 14.29 -17.50 -1.31
C ASP H 5 15.08 -18.17 -2.42
N GLU H 6 14.64 -19.36 -2.85
CA GLU H 6 15.34 -20.06 -3.93
C GLU H 6 15.32 -19.24 -5.22
N THR H 7 14.20 -18.57 -5.50
CA THR H 7 14.13 -17.73 -6.69
C THR H 7 15.03 -16.51 -6.56
N ILE H 8 15.10 -15.92 -5.36
CA ILE H 8 15.99 -14.78 -5.14
C ILE H 8 17.44 -15.19 -5.33
N ILE H 9 17.80 -16.40 -4.88
CA ILE H 9 19.16 -16.88 -5.08
C ILE H 9 19.43 -17.09 -6.57
N LEU H 10 18.48 -17.66 -7.30
CA LEU H 10 18.64 -17.85 -8.73
C LEU H 10 18.69 -16.52 -9.47
N ASN H 11 17.98 -15.50 -8.96
CA ASN H 11 18.03 -14.19 -9.59
C ASN H 11 19.40 -13.55 -9.45
N VAL H 12 20.10 -13.80 -8.35
CA VAL H 12 21.46 -13.30 -8.20
C VAL H 12 22.38 -13.94 -9.24
N LEU H 13 22.19 -15.23 -9.49
CA LEU H 13 22.97 -15.90 -10.52
C LEU H 13 22.60 -15.42 -11.91
N GLY H 14 21.30 -15.16 -12.14
CA GLY H 14 20.88 -14.64 -13.43
C GLY H 14 21.41 -13.25 -13.69
N GLN H 15 21.49 -12.42 -12.65
CA GLN H 15 22.08 -11.10 -12.80
C GLN H 15 23.59 -11.14 -12.88
N TYR H 16 24.22 -12.24 -12.46
CA TYR H 16 25.66 -12.39 -12.64
C TYR H 16 26.01 -12.61 -14.10
N THR H 17 25.32 -13.56 -14.75
CA THR H 17 25.61 -13.87 -16.15
C THR H 17 25.32 -12.68 -17.05
N ARG H 18 24.31 -11.88 -16.70
CA ARG H 18 24.01 -10.69 -17.49
C ARG H 18 25.08 -9.62 -17.32
N ALA H 19 25.56 -9.42 -16.10
CA ALA H 19 26.67 -8.50 -15.88
C ALA H 19 27.96 -9.04 -16.49
N HIS H 20 28.11 -10.37 -16.53
CA HIS H 20 29.30 -10.95 -17.13
C HIS H 20 29.33 -10.72 -18.65
N ASP H 21 28.19 -10.89 -19.31
CA ASP H 21 28.13 -10.68 -20.75
C ASP H 21 28.12 -9.21 -21.10
N ARG H 22 27.45 -8.38 -20.30
CA ARG H 22 27.42 -6.94 -20.53
C ARG H 22 28.71 -6.26 -20.10
N ARG H 23 29.60 -6.98 -19.40
CA ARG H 23 30.87 -6.42 -18.93
C ARG H 23 30.65 -5.22 -18.02
N ASP H 24 29.67 -5.33 -17.12
CA ASP H 24 29.31 -4.24 -16.23
C ASP H 24 30.04 -4.41 -14.91
N PRO H 25 31.07 -3.61 -14.61
CA PRO H 25 31.80 -3.82 -13.35
C PRO H 25 31.02 -3.34 -12.14
N ASP H 26 30.26 -2.25 -12.26
CA ASP H 26 29.49 -1.75 -11.13
C ASP H 26 28.37 -2.71 -10.76
N ALA H 27 27.66 -3.24 -11.75
CA ALA H 27 26.60 -4.20 -11.48
C ALA H 27 27.15 -5.57 -11.07
N MET H 28 28.40 -5.87 -11.43
CA MET H 28 28.99 -7.15 -11.04
C MET H 28 29.29 -7.16 -9.54
N ALA H 29 30.07 -6.19 -9.07
CA ALA H 29 30.44 -6.14 -7.65
C ALA H 29 29.26 -5.82 -6.75
N ALA H 30 28.16 -5.27 -7.31
CA ALA H 30 26.98 -5.00 -6.51
C ALA H 30 26.33 -6.28 -5.99
N LEU H 31 26.57 -7.41 -6.65
CA LEU H 31 26.04 -8.70 -6.21
C LEU H 31 26.87 -9.33 -5.10
N PHE H 32 28.01 -8.75 -4.76
CA PHE H 32 28.92 -9.33 -3.78
C PHE H 32 28.96 -8.48 -2.51
N ALA H 33 29.24 -9.14 -1.39
CA ALA H 33 29.47 -8.44 -0.14
C ALA H 33 30.82 -7.72 -0.20
N PRO H 34 30.98 -6.64 0.58
CA PRO H 34 32.27 -5.92 0.56
C PRO H 34 33.46 -6.75 1.02
N ASP H 35 33.24 -7.96 1.54
CA ASP H 35 34.33 -8.81 2.02
C ASP H 35 34.39 -10.14 1.27
N ALA H 36 33.72 -10.25 0.13
CA ALA H 36 33.66 -11.50 -0.61
C ALA H 36 35.02 -11.80 -1.24
N SER H 37 35.23 -13.08 -1.54
CA SER H 37 36.47 -13.55 -2.16
C SER H 37 36.13 -14.52 -3.28
N ILE H 38 36.65 -14.24 -4.48
CA ILE H 38 36.45 -15.10 -5.64
C ILE H 38 37.75 -15.85 -5.90
N VAL H 39 37.65 -17.17 -6.02
CA VAL H 39 38.80 -18.03 -6.26
C VAL H 39 38.58 -18.70 -7.61
N VAL H 40 39.25 -18.21 -8.64
CA VAL H 40 39.25 -18.84 -9.95
C VAL H 40 40.42 -19.82 -10.00
N LEU H 41 40.14 -21.04 -10.40
CA LEU H 41 41.16 -22.08 -10.44
C LEU H 41 40.91 -23.00 -11.62
N ASP H 42 41.95 -23.72 -12.02
CA ASP H 42 41.89 -24.64 -13.14
C ASP H 42 41.82 -26.08 -12.64
N ALA H 43 40.95 -26.88 -13.27
CA ALA H 43 40.76 -28.28 -12.95
C ALA H 43 40.49 -29.05 -14.25
N VAL H 44 41.51 -29.14 -15.10
CA VAL H 44 41.37 -29.88 -16.35
C VAL H 44 41.09 -31.36 -16.07
N GLY H 45 42.02 -32.01 -15.37
CA GLY H 45 41.81 -33.38 -14.97
C GLY H 45 41.34 -33.47 -13.53
N GLY H 46 41.66 -32.46 -12.74
CA GLY H 46 41.27 -32.42 -11.34
C GLY H 46 42.08 -31.36 -10.60
N ALA H 47 42.28 -31.63 -9.31
CA ALA H 47 43.05 -30.75 -8.43
C ALA H 47 42.45 -29.35 -8.36
N SER H 48 43.21 -28.40 -7.81
CA SER H 48 42.77 -27.02 -7.65
C SER H 48 43.95 -26.09 -7.88
N LYS H 49 44.36 -25.96 -9.13
CA LYS H 49 45.45 -25.06 -9.51
C LYS H 49 44.99 -23.61 -9.39
N PRO H 50 45.49 -22.83 -8.44
CA PRO H 50 44.96 -21.47 -8.24
C PRO H 50 45.34 -20.55 -9.40
N ILE H 51 44.32 -20.02 -10.07
CA ILE H 51 44.54 -19.06 -11.15
C ILE H 51 44.50 -17.63 -10.63
N SER H 52 43.47 -17.29 -9.86
CA SER H 52 43.29 -15.93 -9.38
C SER H 52 42.48 -15.96 -8.09
N VAL H 53 42.90 -15.13 -7.13
CA VAL H 53 42.19 -15.03 -5.85
C VAL H 53 41.87 -13.56 -5.57
N LEU H 54 40.82 -13.06 -6.21
CA LEU H 54 40.43 -11.66 -6.05
C LEU H 54 39.60 -11.50 -4.78
N HIS H 55 40.03 -10.60 -3.90
CA HIS H 55 39.36 -10.34 -2.64
C HIS H 55 39.03 -8.86 -2.52
N GLY H 56 37.77 -8.56 -2.25
CA GLY H 56 37.33 -7.19 -2.08
C GLY H 56 36.38 -6.78 -3.20
N ARG H 57 35.36 -6.01 -2.83
CA ARG H 57 34.39 -5.54 -3.82
C ARG H 57 35.05 -4.72 -4.91
N ASP H 58 36.03 -3.89 -4.53
CA ASP H 58 36.78 -3.13 -5.53
C ASP H 58 37.62 -4.05 -6.42
N ALA H 59 38.15 -5.14 -5.87
CA ALA H 59 38.92 -6.08 -6.67
C ALA H 59 38.06 -6.73 -7.74
N ILE H 60 36.76 -6.89 -7.49
CA ILE H 60 35.87 -7.46 -8.49
C ILE H 60 35.66 -6.46 -9.63
N ARG H 61 35.54 -5.17 -9.31
CA ARG H 61 35.39 -4.17 -10.35
C ARG H 61 36.62 -4.10 -11.24
N VAL H 62 37.81 -4.13 -10.65
CA VAL H 62 39.04 -4.10 -11.43
C VAL H 62 39.14 -5.36 -12.29
N ALA H 63 38.67 -6.49 -11.77
CA ALA H 63 38.79 -7.76 -12.50
C ALA H 63 38.03 -7.72 -13.81
N VAL H 64 36.85 -7.11 -13.82
CA VAL H 64 36.06 -7.01 -15.06
C VAL H 64 36.82 -6.20 -16.09
N ARG H 65 37.48 -5.13 -15.67
CA ARG H 65 38.22 -4.28 -16.59
C ARG H 65 39.52 -4.90 -17.07
N GLN H 66 39.94 -6.01 -16.48
CA GLN H 66 41.22 -6.64 -16.83
C GLN H 66 41.06 -8.08 -17.29
N MET H 67 40.38 -8.92 -16.50
CA MET H 67 40.36 -10.35 -16.80
C MET H 67 39.53 -10.67 -18.04
N MET H 68 38.52 -9.86 -18.34
CA MET H 68 37.66 -10.08 -19.49
C MET H 68 37.71 -8.86 -20.40
N ALA H 69 37.92 -9.09 -21.70
CA ALA H 69 38.04 -8.02 -22.68
C ALA H 69 36.67 -7.59 -23.19
N PRO H 70 36.50 -6.31 -23.49
CA PRO H 70 35.23 -5.85 -24.07
C PRO H 70 35.01 -6.47 -25.45
N HIS H 71 33.74 -6.64 -25.80
CA HIS H 71 33.36 -7.31 -27.03
C HIS H 71 33.79 -6.52 -28.25
N GLY H 72 33.18 -5.36 -28.47
CA GLY H 72 33.50 -4.52 -29.60
C GLY H 72 32.34 -4.40 -30.57
N TYR H 73 32.67 -4.04 -31.80
CA TYR H 73 31.66 -3.81 -32.83
C TYR H 73 31.04 -5.13 -33.26
N ARG H 74 29.72 -5.25 -33.06
CA ARG H 74 28.95 -6.42 -33.47
C ARG H 74 29.46 -7.69 -32.81
N ALA H 75 29.88 -7.58 -31.55
CA ALA H 75 30.35 -8.71 -30.78
C ALA H 75 29.59 -8.78 -29.46
N TRP H 76 29.38 -10.01 -28.98
CA TRP H 76 28.64 -10.24 -27.75
C TRP H 76 28.97 -11.64 -27.25
N SER H 77 28.43 -11.98 -26.09
CA SER H 77 28.63 -13.30 -25.50
C SER H 77 27.42 -13.66 -24.65
N GLN H 78 27.27 -14.95 -24.39
CA GLN H 78 26.19 -15.45 -23.55
C GLN H 78 26.77 -16.50 -22.61
N ASN H 79 26.81 -16.19 -21.31
CA ASN H 79 27.28 -17.11 -20.30
C ASN H 79 26.11 -18.02 -19.90
N VAL H 80 26.05 -19.18 -20.56
CA VAL H 80 24.95 -20.13 -20.34
C VAL H 80 25.23 -20.89 -19.05
N VAL H 81 24.58 -20.48 -17.96
CA VAL H 81 24.64 -21.20 -16.70
C VAL H 81 23.45 -22.13 -16.63
N ASN H 82 23.65 -23.32 -16.08
CA ASN H 82 22.63 -24.36 -16.11
C ASN H 82 22.88 -25.36 -15.00
N ALA H 83 21.94 -26.29 -14.86
CA ALA H 83 21.98 -27.39 -13.90
C ALA H 83 22.25 -26.87 -12.48
N PRO H 84 21.32 -26.13 -11.88
CA PRO H 84 21.58 -25.58 -10.55
C PRO H 84 21.07 -26.48 -9.43
N VAL H 85 21.88 -26.59 -8.38
CA VAL H 85 21.50 -27.25 -7.14
C VAL H 85 21.69 -26.26 -6.01
N ILE H 86 20.70 -26.17 -5.12
CA ILE H 86 20.67 -25.17 -4.06
C ILE H 86 20.41 -25.88 -2.74
N HIS H 87 21.21 -25.54 -1.72
CA HIS H 87 21.00 -26.01 -0.36
C HIS H 87 21.00 -24.80 0.56
N ILE H 88 19.87 -24.54 1.19
CA ILE H 88 19.71 -23.37 2.06
C ILE H 88 20.34 -23.66 3.42
N HIS H 89 19.63 -24.45 4.24
CA HIS H 89 20.14 -24.90 5.55
C HIS H 89 20.55 -23.71 6.42
N GLY H 90 19.59 -22.83 6.68
CA GLY H 90 19.81 -21.65 7.48
C GLY H 90 19.87 -20.40 6.62
N ASP H 91 20.32 -19.31 7.25
CA ASP H 91 20.41 -18.02 6.56
C ASP H 91 21.59 -17.94 5.62
N THR H 92 22.39 -18.99 5.48
CA THR H 92 23.54 -19.03 4.59
C THR H 92 23.37 -20.20 3.64
N ALA H 93 22.96 -19.91 2.41
CA ALA H 93 22.71 -20.94 1.40
C ALA H 93 23.93 -21.13 0.51
N ARG H 94 23.85 -22.17 -0.32
CA ARG H 94 24.94 -22.52 -1.24
C ARG H 94 24.34 -22.98 -2.55
N LEU H 95 24.69 -22.29 -3.64
CA LEU H 95 24.26 -22.65 -4.99
C LEU H 95 25.44 -23.18 -5.77
N ASP H 96 25.19 -24.21 -6.58
CA ASP H 96 26.21 -24.82 -7.41
C ASP H 96 25.61 -25.09 -8.79
N ALA H 97 26.21 -24.52 -9.83
CA ALA H 97 25.69 -24.64 -11.18
C ALA H 97 26.83 -24.74 -12.17
N GLN H 98 26.53 -25.34 -13.32
CA GLN H 98 27.49 -25.47 -14.40
C GLN H 98 27.36 -24.29 -15.36
N PHE H 99 28.49 -23.81 -15.88
CA PHE H 99 28.49 -22.68 -16.79
C PHE H 99 29.23 -23.05 -18.07
N MET H 100 28.84 -22.38 -19.16
CA MET H 100 29.48 -22.57 -20.46
C MET H 100 29.34 -21.28 -21.23
N VAL H 101 30.46 -20.58 -21.43
CA VAL H 101 30.47 -19.27 -22.07
C VAL H 101 30.49 -19.45 -23.58
N PHE H 102 29.60 -18.75 -24.27
CA PHE H 102 29.54 -18.75 -25.73
C PHE H 102 29.93 -17.37 -26.25
N SER H 103 30.63 -17.34 -27.38
CA SER H 103 30.99 -16.10 -28.04
C SER H 103 30.06 -15.88 -29.23
N ILE H 104 29.70 -14.62 -29.46
CA ILE H 104 28.72 -14.26 -30.48
C ILE H 104 29.30 -13.14 -31.32
N LEU H 105 29.39 -13.36 -32.63
CA LEU H 105 29.83 -12.35 -33.58
C LEU H 105 28.74 -12.18 -34.64
N ALA H 106 28.41 -10.93 -34.95
CA ALA H 106 27.37 -10.61 -35.92
C ALA H 106 27.99 -10.18 -37.24
N ALA H 107 27.41 -10.64 -38.34
CA ALA H 107 27.88 -10.29 -39.68
C ALA H 107 27.19 -9.02 -40.17
N GLU H 108 27.96 -8.15 -40.80
CA GLU H 108 27.41 -6.90 -41.31
C GLU H 108 26.48 -7.16 -42.49
N VAL H 109 25.44 -6.34 -42.58
CA VAL H 109 24.50 -6.39 -43.70
C VAL H 109 25.20 -5.85 -44.93
N PRO H 110 25.32 -6.63 -46.01
CA PRO H 110 26.07 -6.18 -47.17
C PRO H 110 25.24 -5.30 -48.09
N ASP H 111 25.85 -4.20 -48.52
CA ASP H 111 25.24 -3.27 -49.48
C ASP H 111 23.88 -2.78 -49.00
N GLY H 112 22.82 -3.26 -49.63
CA GLY H 112 21.47 -2.87 -49.26
C GLY H 112 20.62 -4.04 -48.82
N GLY H 113 21.24 -5.03 -48.19
CA GLY H 113 20.52 -6.21 -47.76
C GLY H 113 21.22 -7.53 -48.05
N TRP H 114 20.80 -8.58 -47.36
CA TRP H 114 21.38 -9.90 -47.59
C TRP H 114 21.01 -10.41 -48.98
N PRO H 115 21.78 -11.36 -49.51
CA PRO H 115 21.43 -11.95 -50.80
C PRO H 115 20.03 -12.55 -50.78
N THR H 116 19.38 -12.51 -51.94
CA THR H 116 17.99 -12.95 -52.04
C THR H 116 17.87 -14.43 -51.69
N GLY H 117 16.91 -14.74 -50.81
CA GLY H 117 16.68 -16.09 -50.37
C GLY H 117 17.34 -16.48 -49.07
N THR H 118 18.09 -15.57 -48.45
CA THR H 118 18.78 -15.87 -47.20
C THR H 118 17.80 -15.88 -46.04
N PHE H 119 17.94 -16.87 -45.16
CA PHE H 119 17.06 -17.05 -44.02
C PHE H 119 17.88 -17.22 -42.74
N GLY H 120 17.25 -16.93 -41.61
CA GLY H 120 17.85 -17.14 -40.32
C GLY H 120 18.81 -16.04 -39.90
N ALA H 121 19.56 -16.33 -38.85
CA ALA H 121 20.56 -15.42 -38.33
C ALA H 121 21.88 -15.57 -39.08
N GLN H 122 22.67 -14.50 -39.10
CA GLN H 122 23.93 -14.44 -39.83
C GLN H 122 25.04 -14.08 -38.85
N GLY H 123 25.85 -15.06 -38.46
CA GLY H 123 26.95 -14.79 -37.57
C GLY H 123 27.58 -16.08 -37.08
N ARG H 124 28.49 -15.93 -36.12
CA ARG H 124 29.23 -17.04 -35.54
C ARG H 124 28.90 -17.15 -34.06
N ILE H 125 28.58 -18.36 -33.61
CA ILE H 125 28.31 -18.65 -32.20
C ILE H 125 29.13 -19.88 -31.84
N VAL H 126 30.16 -19.70 -31.01
CA VAL H 126 31.04 -20.80 -30.63
C VAL H 126 31.27 -20.78 -29.12
N PRO H 127 31.23 -21.93 -28.45
CA PRO H 127 31.57 -21.96 -27.02
C PRO H 127 33.07 -21.81 -26.82
N ILE H 128 33.44 -21.12 -25.75
CA ILE H 128 34.84 -20.80 -25.50
C ILE H 128 35.27 -21.28 -24.13
N GLU H 129 34.36 -21.26 -23.16
CA GLU H 129 34.66 -21.63 -21.79
C GLU H 129 33.60 -22.58 -21.25
N ALA H 130 33.98 -23.34 -20.23
CA ALA H 130 33.08 -24.29 -19.59
C ALA H 130 33.66 -24.70 -18.25
N GLY H 131 32.78 -24.99 -17.29
CA GLY H 131 33.20 -25.40 -15.97
C GLY H 131 32.06 -25.47 -14.98
N THR H 132 32.34 -25.12 -13.72
CA THR H 132 31.34 -25.18 -12.65
C THR H 132 31.48 -23.97 -11.74
N TYR H 133 30.35 -23.34 -11.42
CA TYR H 133 30.30 -22.26 -10.45
C TYR H 133 29.87 -22.80 -9.09
N THR H 134 30.42 -22.20 -8.03
CA THR H 134 30.09 -22.60 -6.66
C THR H 134 30.00 -21.33 -5.82
N LEU H 135 28.78 -20.96 -5.44
CA LEU H 135 28.52 -19.73 -4.72
C LEU H 135 28.11 -20.01 -3.27
N PHE H 136 28.43 -19.06 -2.40
CA PHE H 136 28.05 -19.11 -0.99
C PHE H 136 27.44 -17.76 -0.64
N LEU H 137 26.12 -17.74 -0.48
CA LEU H 137 25.37 -16.50 -0.29
C LEU H 137 24.86 -16.42 1.15
N ARG H 138 25.07 -15.26 1.78
CA ARG H 138 24.48 -14.95 3.06
C ARG H 138 23.16 -14.21 2.83
N THR H 139 22.57 -13.67 3.90
CA THR H 139 21.28 -12.99 3.81
C THR H 139 21.46 -11.52 4.18
N VAL H 140 21.42 -10.67 3.17
CA VAL H 140 21.42 -9.22 3.29
C VAL H 140 20.02 -8.85 3.78
N PRO H 141 19.80 -7.70 4.44
CA PRO H 141 18.46 -7.44 5.00
C PRO H 141 17.31 -7.66 4.04
N ASP H 142 17.41 -7.16 2.82
CA ASP H 142 16.39 -7.36 1.79
C ASP H 142 17.08 -8.05 0.61
N GLY H 143 16.88 -9.36 0.49
CA GLY H 143 17.52 -10.15 -0.54
C GLY H 143 18.68 -10.95 -0.02
N TRP H 144 19.47 -11.47 -0.97
CA TRP H 144 20.66 -12.25 -0.67
C TRP H 144 21.84 -11.68 -1.45
N VAL H 145 23.03 -11.82 -0.88
CA VAL H 145 24.26 -11.33 -1.50
C VAL H 145 25.29 -12.44 -1.48
N ILE H 146 26.21 -12.38 -2.45
CA ILE H 146 27.25 -13.39 -2.58
C ILE H 146 28.38 -13.10 -1.61
N ALA H 147 28.84 -14.13 -0.90
CA ALA H 147 29.93 -13.99 0.05
C ALA H 147 31.21 -14.69 -0.37
N HIS H 148 31.13 -15.67 -1.27
CA HIS H 148 32.30 -16.40 -1.75
C HIS H 148 31.91 -17.17 -3.00
N MET H 149 32.81 -17.18 -3.99
CA MET H 149 32.56 -17.86 -5.24
C MET H 149 33.82 -18.59 -5.69
N VAL H 150 33.63 -19.83 -6.15
CA VAL H 150 34.71 -20.66 -6.68
C VAL H 150 34.40 -20.95 -8.14
N ILE H 151 35.37 -20.69 -9.03
CA ILE H 151 35.22 -20.90 -10.46
C ILE H 151 36.25 -21.92 -10.89
N LYS H 152 35.80 -23.09 -11.32
CA LYS H 152 36.66 -24.14 -11.81
C LYS H 152 36.55 -24.21 -13.33
N HIS H 153 37.65 -23.93 -14.02
CA HIS H 153 37.69 -23.97 -15.48
C HIS H 153 38.16 -25.34 -15.94
N ARG H 154 37.42 -25.94 -16.87
CA ARG H 154 37.84 -27.20 -17.49
C ARG H 154 38.82 -26.99 -18.62
N LEU H 155 39.10 -25.75 -19.00
CA LEU H 155 40.07 -25.41 -20.03
C LEU H 155 41.12 -24.46 -19.49
N PRO H 156 42.37 -24.58 -19.91
CA PRO H 156 43.42 -23.71 -19.37
C PRO H 156 43.29 -22.29 -19.88
N MET H 157 43.36 -21.33 -18.96
CA MET H 157 43.35 -19.92 -19.32
C MET H 157 44.79 -19.43 -19.48
N ALA H 158 45.00 -18.55 -20.46
CA ALA H 158 46.35 -18.15 -20.84
C ALA H 158 46.54 -16.65 -20.88
N PHE H 159 45.65 -15.89 -20.23
CA PHE H 159 45.75 -14.42 -20.23
C PHE H 159 47.11 -13.94 -19.72
N MET I 3 0.62 -25.50 -6.33
CA MET I 3 2.04 -25.50 -6.67
C MET I 3 2.60 -24.08 -6.58
N ALA I 4 3.91 -23.95 -6.74
CA ALA I 4 4.57 -22.66 -6.63
C ALA I 4 4.28 -21.78 -7.84
N ASP I 5 4.07 -20.49 -7.60
CA ASP I 5 3.84 -19.56 -8.69
C ASP I 5 5.07 -19.42 -9.58
N GLU I 6 6.27 -19.44 -8.98
CA GLU I 6 7.48 -19.37 -9.77
C GLU I 6 7.64 -20.59 -10.67
N THR I 7 7.16 -21.75 -10.22
CA THR I 7 7.26 -22.96 -11.03
C THR I 7 6.29 -22.93 -12.20
N ILE I 8 5.10 -22.36 -11.99
CA ILE I 8 4.12 -22.27 -13.07
C ILE I 8 4.63 -21.36 -14.18
N ILE I 9 5.23 -20.23 -13.82
CA ILE I 9 5.76 -19.31 -14.81
C ILE I 9 6.90 -19.95 -15.59
N LEU I 10 7.79 -20.67 -14.89
CA LEU I 10 8.87 -21.36 -15.58
C LEU I 10 8.34 -22.49 -16.46
N ASN I 11 7.25 -23.12 -16.06
CA ASN I 11 6.64 -24.14 -16.92
C ASN I 11 6.02 -23.52 -18.17
N VAL I 12 5.53 -22.28 -18.08
CA VAL I 12 5.05 -21.59 -19.27
C VAL I 12 6.18 -21.34 -20.24
N LEU I 13 7.34 -20.93 -19.72
CA LEU I 13 8.51 -20.72 -20.58
C LEU I 13 9.01 -22.04 -21.17
N GLY I 14 8.99 -23.10 -20.37
CA GLY I 14 9.40 -24.40 -20.88
C GLY I 14 8.47 -24.93 -21.95
N GLN I 15 7.16 -24.70 -21.79
CA GLN I 15 6.21 -25.10 -22.82
C GLN I 15 6.34 -24.25 -24.07
N TYR I 16 6.86 -23.03 -23.94
CA TYR I 16 7.12 -22.21 -25.12
C TYR I 16 8.25 -22.82 -25.95
N THR I 17 9.36 -23.19 -25.30
CA THR I 17 10.49 -23.77 -26.02
C THR I 17 10.15 -25.16 -26.55
N ARG I 18 9.38 -25.93 -25.79
CA ARG I 18 8.97 -27.26 -26.26
C ARG I 18 8.07 -27.16 -27.48
N ALA I 19 7.30 -26.08 -27.60
CA ALA I 19 6.47 -25.84 -28.78
C ALA I 19 7.21 -25.05 -29.86
N HIS I 20 8.24 -24.29 -29.48
CA HIS I 20 9.01 -23.56 -30.48
C HIS I 20 9.77 -24.52 -31.40
N ASP I 21 10.23 -25.65 -30.88
CA ASP I 21 10.92 -26.64 -31.71
C ASP I 21 9.92 -27.54 -32.42
N ARG I 22 8.81 -27.87 -31.75
CA ARG I 22 7.77 -28.68 -32.38
C ARG I 22 7.08 -27.97 -33.53
N ARG I 23 7.19 -26.63 -33.60
CA ARG I 23 6.52 -25.82 -34.61
C ARG I 23 5.01 -25.98 -34.51
N ASP I 24 4.49 -25.85 -33.29
CA ASP I 24 3.07 -26.01 -33.03
C ASP I 24 2.44 -24.64 -32.82
N PRO I 25 1.65 -24.14 -33.78
CA PRO I 25 1.02 -22.82 -33.56
C PRO I 25 -0.12 -22.84 -32.57
N ASP I 26 -0.84 -23.96 -32.44
CA ASP I 26 -1.95 -24.03 -31.50
C ASP I 26 -1.45 -23.98 -30.06
N ALA I 27 -0.47 -24.83 -29.72
CA ALA I 27 0.10 -24.80 -28.39
C ALA I 27 0.87 -23.52 -28.12
N MET I 28 1.33 -22.84 -29.16
CA MET I 28 2.04 -21.58 -28.98
C MET I 28 1.12 -20.48 -28.50
N ALA I 29 0.05 -20.20 -29.26
CA ALA I 29 -0.87 -19.13 -28.91
C ALA I 29 -1.68 -19.44 -27.67
N ALA I 30 -1.75 -20.73 -27.26
CA ALA I 30 -2.48 -21.08 -26.05
C ALA I 30 -1.80 -20.54 -24.80
N LEU I 31 -0.53 -20.14 -24.88
CA LEU I 31 0.19 -19.58 -23.76
C LEU I 31 0.03 -18.07 -23.64
N PHE I 32 -0.55 -17.42 -24.65
CA PHE I 32 -0.68 -15.97 -24.67
C PHE I 32 -2.11 -15.56 -24.36
N ALA I 33 -2.25 -14.36 -23.80
CA ALA I 33 -3.56 -13.76 -23.63
C ALA I 33 -4.12 -13.35 -24.99
N PRO I 34 -5.44 -13.28 -25.14
CA PRO I 34 -6.03 -12.89 -26.44
C PRO I 34 -5.60 -11.50 -26.91
N ASP I 35 -5.02 -10.68 -26.05
CA ASP I 35 -4.54 -9.36 -26.42
C ASP I 35 -3.02 -9.23 -26.32
N ALA I 36 -2.31 -10.35 -26.20
CA ALA I 36 -0.87 -10.31 -26.04
C ALA I 36 -0.19 -9.77 -27.30
N SER I 37 0.94 -9.10 -27.10
CA SER I 37 1.71 -8.50 -28.18
C SER I 37 3.17 -8.91 -28.07
N ILE I 38 3.71 -9.44 -29.16
CA ILE I 38 5.12 -9.85 -29.23
C ILE I 38 5.88 -8.80 -30.01
N VAL I 39 7.03 -8.38 -29.48
CA VAL I 39 7.85 -7.33 -30.08
C VAL I 39 9.23 -7.91 -30.30
N VAL I 40 9.43 -8.51 -31.46
CA VAL I 40 10.77 -8.98 -31.86
C VAL I 40 11.54 -7.79 -32.41
N LEU I 41 12.77 -7.62 -31.93
CA LEU I 41 13.58 -6.47 -32.34
C LEU I 41 15.05 -6.86 -32.34
N ASP I 42 15.81 -6.19 -33.20
CA ASP I 42 17.24 -6.45 -33.31
C ASP I 42 17.98 -5.82 -32.14
N ALA I 43 18.95 -6.55 -31.60
CA ALA I 43 19.71 -6.09 -30.44
C ALA I 43 21.21 -6.17 -30.66
N VAL I 44 21.66 -6.15 -31.91
CA VAL I 44 23.10 -6.16 -32.20
C VAL I 44 23.68 -4.81 -31.81
N GLY I 45 24.61 -4.83 -30.85
CA GLY I 45 25.21 -3.61 -30.36
C GLY I 45 24.40 -2.86 -29.33
N GLY I 46 23.39 -3.48 -28.74
CA GLY I 46 22.58 -2.84 -27.72
C GLY I 46 21.47 -1.96 -28.25
N ALA I 47 21.27 -1.91 -29.57
CA ALA I 47 20.21 -1.08 -30.15
C ALA I 47 18.85 -1.75 -29.93
N SER I 48 17.82 -1.22 -30.58
CA SER I 48 16.46 -1.69 -30.40
C SER I 48 15.62 -1.32 -31.61
N LYS I 49 16.09 -1.68 -32.80
CA LYS I 49 15.29 -1.43 -33.99
C LYS I 49 14.25 -2.53 -34.15
N PRO I 50 13.01 -2.17 -34.51
CA PRO I 50 11.95 -3.18 -34.57
C PRO I 50 12.10 -4.13 -35.74
N ILE I 51 11.92 -5.42 -35.47
CA ILE I 51 11.90 -6.45 -36.49
C ILE I 51 10.48 -6.87 -36.84
N SER I 52 9.70 -7.26 -35.83
CA SER I 52 8.32 -7.68 -36.03
C SER I 52 7.50 -7.29 -34.81
N VAL I 53 6.29 -6.79 -35.06
CA VAL I 53 5.38 -6.39 -34.01
C VAL I 53 4.08 -7.15 -34.21
N LEU I 54 3.92 -8.25 -33.48
CA LEU I 54 2.70 -9.05 -33.54
C LEU I 54 1.73 -8.59 -32.46
N HIS I 55 0.44 -8.65 -32.77
CA HIS I 55 -0.61 -8.17 -31.87
C HIS I 55 -1.78 -9.13 -31.92
N GLY I 56 -2.05 -9.81 -30.81
CA GLY I 56 -3.16 -10.72 -30.72
C GLY I 56 -2.78 -12.16 -31.06
N ARG I 57 -3.66 -13.08 -30.66
CA ARG I 57 -3.43 -14.49 -30.94
C ARG I 57 -3.45 -14.79 -32.43
N ASP I 58 -4.25 -14.03 -33.20
CA ASP I 58 -4.30 -14.24 -34.64
C ASP I 58 -2.97 -13.94 -35.29
N ALA I 59 -2.34 -12.82 -34.92
CA ALA I 59 -1.02 -12.49 -35.45
C ALA I 59 0.04 -13.45 -34.92
N ILE I 60 -0.17 -14.01 -33.73
CA ILE I 60 0.81 -14.95 -33.18
C ILE I 60 0.73 -16.29 -33.90
N ARG I 61 -0.49 -16.78 -34.16
CA ARG I 61 -0.64 -18.04 -34.87
C ARG I 61 -0.06 -17.97 -36.27
N VAL I 62 -0.41 -16.91 -37.01
CA VAL I 62 0.12 -16.75 -38.37
C VAL I 62 1.63 -16.60 -38.35
N ALA I 63 2.18 -15.99 -37.29
CA ALA I 63 3.63 -15.84 -37.20
C ALA I 63 4.31 -17.21 -37.11
N VAL I 64 3.72 -18.15 -36.37
CA VAL I 64 4.29 -19.49 -36.30
C VAL I 64 4.22 -20.18 -37.66
N ARG I 65 3.25 -19.80 -38.49
CA ARG I 65 3.14 -20.39 -39.82
C ARG I 65 4.24 -19.88 -40.74
N GLN I 66 4.59 -18.59 -40.64
CA GLN I 66 5.50 -17.95 -41.58
C GLN I 66 6.90 -17.74 -41.01
N MET I 67 7.01 -17.12 -39.83
CA MET I 67 8.30 -16.70 -39.30
C MET I 67 9.22 -17.86 -38.97
N MET I 68 8.72 -19.09 -38.90
CA MET I 68 9.56 -20.25 -38.62
C MET I 68 9.16 -21.40 -39.53
N ALA I 69 10.15 -22.07 -40.10
CA ALA I 69 9.95 -23.15 -41.06
C ALA I 69 9.91 -24.50 -40.35
N PRO I 70 9.05 -25.40 -40.79
CA PRO I 70 9.02 -26.75 -40.21
C PRO I 70 10.27 -27.53 -40.58
N HIS I 71 10.68 -28.41 -39.67
CA HIS I 71 11.91 -29.19 -39.88
C HIS I 71 11.76 -30.13 -41.06
N GLY I 72 12.91 -30.46 -41.66
CA GLY I 72 12.95 -31.42 -42.74
C GLY I 72 13.03 -32.84 -42.20
N TYR I 73 13.32 -33.77 -43.11
CA TYR I 73 13.44 -35.17 -42.73
C TYR I 73 14.69 -35.36 -41.87
N ARG I 74 14.49 -35.99 -40.71
CA ARG I 74 15.58 -36.23 -39.74
C ARG I 74 16.20 -34.92 -39.28
N ALA I 75 15.37 -33.93 -38.99
CA ALA I 75 15.81 -32.63 -38.52
C ALA I 75 15.02 -32.23 -37.28
N TRP I 76 15.65 -31.43 -36.43
CA TRP I 76 15.04 -30.97 -35.19
C TRP I 76 15.83 -29.77 -34.69
N SER I 77 15.36 -29.18 -33.59
CA SER I 77 16.05 -28.05 -32.99
C SER I 77 15.79 -28.06 -31.48
N GLN I 78 16.58 -27.28 -30.76
CA GLN I 78 16.44 -27.16 -29.32
C GLN I 78 16.61 -25.70 -28.93
N ASN I 79 15.60 -25.15 -28.25
CA ASN I 79 15.61 -23.76 -27.81
C ASN I 79 16.09 -23.73 -26.36
N VAL I 80 17.41 -23.74 -26.20
CA VAL I 80 18.02 -23.79 -24.87
C VAL I 80 17.83 -22.42 -24.20
N VAL I 81 16.99 -22.38 -23.16
CA VAL I 81 16.74 -21.18 -22.39
C VAL I 81 17.38 -21.36 -21.01
N ASN I 82 18.06 -20.32 -20.53
CA ASN I 82 18.83 -20.43 -19.30
C ASN I 82 18.87 -19.08 -18.59
N ALA I 83 19.38 -19.09 -17.36
CA ALA I 83 19.55 -17.93 -16.50
C ALA I 83 18.26 -17.13 -16.38
N PRO I 84 17.24 -17.65 -15.71
CA PRO I 84 15.98 -16.91 -15.57
C PRO I 84 15.96 -16.02 -14.35
N VAL I 85 15.34 -14.85 -14.51
CA VAL I 85 15.15 -13.89 -13.42
C VAL I 85 13.67 -13.60 -13.31
N ILE I 86 13.08 -13.94 -12.15
CA ILE I 86 11.65 -13.82 -11.92
C ILE I 86 11.40 -12.76 -10.86
N HIS I 87 10.39 -11.93 -11.10
CA HIS I 87 9.93 -10.94 -10.13
C HIS I 87 8.41 -10.91 -10.16
N ILE I 88 7.78 -11.27 -9.06
CA ILE I 88 6.33 -11.38 -8.96
C ILE I 88 5.81 -10.24 -8.09
N HIS I 89 4.84 -9.49 -8.62
CA HIS I 89 4.20 -8.39 -7.91
C HIS I 89 2.70 -8.66 -7.89
N GLY I 90 2.24 -9.41 -6.89
CA GLY I 90 0.83 -9.71 -6.75
C GLY I 90 0.29 -10.61 -7.84
N ASP I 91 -0.63 -10.08 -8.65
CA ASP I 91 -1.25 -10.83 -9.73
C ASP I 91 -0.49 -10.73 -11.05
N THR I 92 0.57 -9.96 -11.10
CA THR I 92 1.40 -9.83 -12.29
C THR I 92 2.82 -10.28 -11.98
N ALA I 93 3.57 -10.60 -13.04
CA ALA I 93 4.94 -11.04 -12.88
C ALA I 93 5.69 -10.80 -14.18
N ARG I 94 7.02 -10.77 -14.08
CA ARG I 94 7.90 -10.54 -15.23
C ARG I 94 8.98 -11.60 -15.25
N LEU I 95 9.23 -12.17 -16.42
CA LEU I 95 10.21 -13.23 -16.59
C LEU I 95 11.23 -12.80 -17.63
N ASP I 96 12.51 -12.87 -17.26
CA ASP I 96 13.61 -12.50 -18.13
C ASP I 96 14.59 -13.66 -18.18
N ALA I 97 14.92 -14.12 -19.39
CA ALA I 97 15.75 -15.31 -19.54
C ALA I 97 16.60 -15.17 -20.80
N GLN I 98 17.68 -15.96 -20.83
CA GLN I 98 18.59 -16.00 -21.97
C GLN I 98 18.30 -17.24 -22.81
N PHE I 99 18.08 -17.04 -24.10
CA PHE I 99 17.75 -18.13 -25.01
C PHE I 99 18.82 -18.26 -26.08
N MET I 100 18.98 -19.49 -26.58
CA MET I 100 19.94 -19.78 -27.64
C MET I 100 19.46 -21.03 -28.37
N VAL I 101 19.19 -20.90 -29.66
CA VAL I 101 18.62 -21.98 -30.46
C VAL I 101 19.73 -22.77 -31.10
N PHE I 102 19.64 -24.09 -31.02
CA PHE I 102 20.58 -25.01 -31.66
C PHE I 102 19.86 -25.80 -32.74
N SER I 103 20.48 -25.89 -33.92
CA SER I 103 19.96 -26.75 -34.97
C SER I 103 20.47 -28.17 -34.77
N ILE I 104 19.63 -29.14 -35.10
CA ILE I 104 19.94 -30.55 -34.93
C ILE I 104 19.63 -31.29 -36.22
N LEU I 105 20.62 -31.95 -36.79
CA LEU I 105 20.46 -32.75 -37.99
C LEU I 105 20.92 -34.17 -37.71
N ALA I 106 20.19 -35.14 -38.25
CA ALA I 106 20.49 -36.56 -38.06
C ALA I 106 20.99 -37.16 -39.36
N ALA I 107 21.97 -38.07 -39.24
CA ALA I 107 22.54 -38.74 -40.40
C ALA I 107 21.82 -40.06 -40.65
N GLU I 108 21.56 -40.35 -41.92
CA GLU I 108 20.87 -41.58 -42.28
C GLU I 108 21.77 -42.79 -42.02
N VAL I 109 21.14 -43.90 -41.64
CA VAL I 109 21.83 -45.16 -41.41
C VAL I 109 22.15 -45.79 -42.75
N PRO I 110 23.42 -46.05 -43.05
CA PRO I 110 23.77 -46.59 -44.38
C PRO I 110 23.47 -48.08 -44.47
N ASP I 111 22.69 -48.45 -45.49
CA ASP I 111 22.33 -49.84 -45.76
C ASP I 111 21.68 -50.50 -44.56
N GLY I 112 22.39 -51.43 -43.93
CA GLY I 112 21.86 -52.13 -42.77
C GLY I 112 22.09 -51.39 -41.47
N GLY I 113 23.35 -51.06 -41.18
CA GLY I 113 23.70 -50.37 -39.95
C GLY I 113 24.95 -49.54 -40.15
N TRP I 114 25.37 -48.90 -39.06
CA TRP I 114 26.60 -48.12 -39.08
C TRP I 114 27.81 -49.04 -39.25
N PRO I 115 28.91 -48.53 -39.80
CA PRO I 115 30.12 -49.36 -39.92
C PRO I 115 30.59 -49.85 -38.55
N THR I 116 31.16 -51.06 -38.56
CA THR I 116 31.59 -51.69 -37.32
C THR I 116 32.67 -50.85 -36.64
N GLY I 117 32.46 -50.55 -35.36
CA GLY I 117 33.36 -49.72 -34.60
C GLY I 117 32.93 -48.28 -34.44
N THR I 118 31.68 -47.96 -34.77
CA THR I 118 31.18 -46.59 -34.67
C THR I 118 30.53 -46.38 -33.31
N PHE I 119 30.88 -45.28 -32.66
CA PHE I 119 30.38 -44.97 -31.32
C PHE I 119 29.70 -43.60 -31.33
N GLY I 120 28.85 -43.39 -30.31
CA GLY I 120 28.22 -42.11 -30.12
C GLY I 120 27.15 -41.77 -31.14
N ALA I 121 26.72 -40.51 -31.08
CA ALA I 121 25.68 -40.02 -31.97
C ALA I 121 26.27 -39.66 -33.33
N GLN I 122 25.39 -39.61 -34.33
CA GLN I 122 25.78 -39.32 -35.71
C GLN I 122 24.91 -38.19 -36.24
N GLY I 123 25.47 -37.01 -36.36
CA GLY I 123 24.73 -35.88 -36.88
C GLY I 123 25.42 -34.57 -36.54
N ARG I 124 24.67 -33.48 -36.73
CA ARG I 124 25.16 -32.13 -36.51
C ARG I 124 24.31 -31.42 -35.47
N ILE I 125 24.97 -30.72 -34.56
CA ILE I 125 24.32 -29.86 -33.57
C ILE I 125 25.04 -28.52 -33.59
N VAL I 126 24.41 -27.50 -34.15
CA VAL I 126 25.05 -26.21 -34.34
C VAL I 126 24.18 -25.09 -33.77
N PRO I 127 24.74 -24.19 -32.96
CA PRO I 127 23.97 -23.02 -32.54
C PRO I 127 23.77 -22.05 -33.70
N ILE I 128 22.60 -21.40 -33.73
CA ILE I 128 22.26 -20.52 -34.82
C ILE I 128 21.79 -19.16 -34.30
N GLU I 129 20.87 -19.18 -33.34
CA GLU I 129 20.29 -17.96 -32.80
C GLU I 129 20.65 -17.82 -31.33
N ALA I 130 20.62 -16.58 -30.85
CA ALA I 130 20.94 -16.28 -29.45
C ALA I 130 20.40 -14.91 -29.10
N GLY I 131 20.02 -14.75 -27.84
CA GLY I 131 19.48 -13.48 -27.38
C GLY I 131 18.88 -13.61 -26.00
N THR I 132 17.88 -12.77 -25.73
CA THR I 132 17.22 -12.74 -24.43
C THR I 132 15.72 -12.60 -24.62
N TYR I 133 14.95 -13.44 -23.91
CA TYR I 133 13.51 -13.31 -23.84
C TYR I 133 13.12 -12.42 -22.66
N THR I 134 11.96 -11.78 -22.78
CA THR I 134 11.42 -10.95 -21.71
C THR I 134 9.90 -11.10 -21.75
N LEU I 135 9.33 -11.69 -20.71
CA LEU I 135 7.92 -12.03 -20.66
C LEU I 135 7.21 -11.23 -19.58
N PHE I 136 5.98 -10.83 -19.86
CA PHE I 136 5.11 -10.16 -18.90
C PHE I 136 3.84 -11.00 -18.76
N LEU I 137 3.60 -11.53 -17.56
CA LEU I 137 2.56 -12.51 -17.35
C LEU I 137 1.48 -11.97 -16.42
N ARG I 138 0.25 -12.43 -16.64
CA ARG I 138 -0.90 -12.06 -15.83
C ARG I 138 -1.57 -13.33 -15.31
N THR I 139 -2.16 -13.23 -14.12
CA THR I 139 -2.81 -14.39 -13.52
C THR I 139 -4.13 -14.69 -14.22
N VAL I 140 -4.45 -15.98 -14.31
CA VAL I 140 -5.73 -16.45 -14.82
C VAL I 140 -6.28 -17.45 -13.80
N PRO I 141 -7.56 -17.81 -13.85
CA PRO I 141 -8.07 -18.79 -12.88
C PRO I 141 -7.33 -20.12 -12.87
N ASP I 142 -6.56 -20.43 -13.90
CA ASP I 142 -5.82 -21.68 -13.99
C ASP I 142 -4.33 -21.44 -14.19
N GLY I 143 -3.78 -20.45 -13.49
CA GLY I 143 -2.35 -20.21 -13.53
C GLY I 143 -1.95 -18.85 -14.08
N TRP I 144 -1.05 -18.86 -15.07
CA TRP I 144 -0.54 -17.65 -15.68
C TRP I 144 -0.55 -17.77 -17.19
N VAL I 145 -0.67 -16.62 -17.87
CA VAL I 145 -0.58 -16.54 -19.32
C VAL I 145 0.34 -15.38 -19.68
N ILE I 146 0.75 -15.34 -20.94
CA ILE I 146 1.64 -14.30 -21.43
C ILE I 146 0.81 -13.17 -22.02
N ALA I 147 1.09 -11.94 -21.58
CA ALA I 147 0.42 -10.76 -22.11
C ALA I 147 1.34 -9.85 -22.90
N HIS I 148 2.65 -10.06 -22.84
CA HIS I 148 3.62 -9.26 -23.58
C HIS I 148 4.96 -9.96 -23.61
N MET I 149 5.59 -10.04 -24.79
CA MET I 149 6.88 -10.68 -24.93
C MET I 149 7.78 -9.85 -25.82
N VAL I 150 9.03 -9.68 -25.40
CA VAL I 150 10.03 -8.91 -26.14
C VAL I 150 11.19 -9.85 -26.43
N ILE I 151 11.41 -10.15 -27.71
CA ILE I 151 12.48 -11.05 -28.14
C ILE I 151 13.60 -10.21 -28.74
N LYS I 152 14.76 -10.24 -28.10
CA LYS I 152 15.94 -9.52 -28.58
C LYS I 152 16.92 -10.52 -29.19
N HIS I 153 17.37 -10.23 -30.41
CA HIS I 153 18.31 -11.08 -31.13
C HIS I 153 19.66 -10.38 -31.21
N ARG I 154 20.71 -11.06 -30.78
CA ARG I 154 22.07 -10.56 -30.87
C ARG I 154 22.72 -10.83 -32.22
N LEU I 155 21.97 -11.37 -33.17
CA LEU I 155 22.43 -11.58 -34.53
C LEU I 155 21.40 -11.07 -35.51
N PRO I 156 21.82 -10.50 -36.64
CA PRO I 156 20.85 -9.96 -37.61
C PRO I 156 20.05 -11.08 -38.25
N MET I 157 18.76 -10.81 -38.45
CA MET I 157 17.84 -11.76 -39.05
C MET I 157 17.70 -11.47 -40.53
N ALA I 158 17.60 -12.54 -41.32
CA ALA I 158 17.46 -12.44 -42.77
C ALA I 158 16.06 -12.84 -43.18
N PHE I 159 15.44 -12.03 -44.03
CA PHE I 159 14.08 -12.29 -44.48
C PHE I 159 14.02 -12.42 -46.00
#